data_6NMD
#
_entry.id   6NMD
#
_cell.length_a   1.00
_cell.length_b   1.00
_cell.length_c   1.00
_cell.angle_alpha   90.00
_cell.angle_beta   90.00
_cell.angle_gamma   90.00
#
_symmetry.space_group_name_H-M   'P 1'
#
loop_
_entity.id
_entity.type
_entity.pdbx_description
1 polymer Cpf1
2 polymer crRNA
3 polymer AcrVA1
4 non-polymer 'MAGNESIUM ION'
5 water water
#
loop_
_entity_poly.entity_id
_entity_poly.type
_entity_poly.pdbx_seq_one_letter_code
_entity_poly.pdbx_strand_id
1 'polypeptide(L)'
;MSKLEKFTNCYSLSKTLRFKAIPVGKTQENIDNKRLLVEDEKRAEDYKGVKKLLDRYYLSFINDVLHSIKLKNLNNYISL
FRKKTRTEKENKELENLEINLRKEIAKAFKGNEGYKSLFKKDIIETILPEFLDDKDEIALVNSFNGFTTAFTGFFDNREN
MFSEEAKSTSIAFRCINENLTRYISNMDIFEKVDAIFDKHEVQEIKEKILNSDYDVEDFFEGEFFNFVLTQEGIDVYNAI
IGGFVTESGEKIKGLNEYINLYNQKTKQKLPKFKPLYKQVLSDRESLSFYGEGYTSDEEVLEVFRNTLNKNSEIFSSIKK
LEKLFKNFDEYSSAGIFVKNGPAISTISKDIFGEWNVIRDKWNAEYDDIHLKKKAVVTEKYEDDRRKSFKKIGSFSLEQL
QEYADADLSVVEKLKEIIIQKVDEIYKVYGSSEKLFDADFVLEKSLKKNDAVVAIMKDLLDSVKSFENYIKAFFGEGKET
NRDESFYGDFVLAYDILLKVDHIYDAIRNYVTQKPYSKDKFKLYFQNPQFMGGWDKDKETDYRATILRYGSKYYLAIMDK
KYAKCLQKIDKDDVNGNYEKINYKLLPGPNKMLPKVFFSKKWMAYYNPSEDIQKIYKNGTFKKGDMFNLNDCHKLIDFFK
DSISRYPKWSNAYDFNFSETEKYKDIAGFYREVEEQGYKVSFESASKKEVDKLVEEGKLYMFQIYNKDFSDKSHGTPNLH
TMYFKLLFDENNHGQIRLSGGAELFMRRASLKKEELVVHPANSPIANKNPDNPKKTTTLSYDVYKDKRFSEDQYELHIPI
AINKCPKNIFKINTEVRVLLKHDDNPYVIGIDRGERNLLYIVVVDGKGNIVEQYSLNEIINNFNGIRIKTDYHSLLDKKE
KERFEARQNWTSIENIKELKAGYISQVVHKICELVEKYDAVIALEDLNSGFKNSRVKVEKQVYQKFEKMLIDKLNYMVDK
KSNPCATGGALKGYQITNKFESFKSMSTQNGFIFYIPAWLTSKIDPSTGFVNLLKTKYTSIADSKKFISSFDRIMYVPEE
DLFEFALDYKNFSRTDADYIKKWKLYSYGNRIRIFRNPKKNNVFDWEEVCLTSAYKELFNKYGINYQQGDIRALLCEQSD
KAFYSSFMALMSLMLQMRNSITGRTDVDFLISPVKNSDGIFYDSRNYEAQENAILPKNADANGAYNIARKVLWAIGQFKK
AEDEKLDKVKIAISNKEWLEYAQTSVK
;
A
2 'polyribonucleotide' AAUUUCUACUAAGUGUAGAUGGAAAUUAGGUGCGCUUGGC G
3 'polypeptide(L)'
;MSKAMYEAKERYAKKKMQENTKIDTLTDEQHDALAQLCAFRHKFHSNKDSLFLSESAFSGEFSFEMQSDENSKLREVGLP
TIEWSFYDNSHIPDDSFREWFNFANYSELSETIQEQGLELDLDDDETYELVYDELYTEAMGEYEELNQDIEKYLRRIDEE
HGTQYCPTGFARLR
;
B
#
loop_
_chem_comp.id
_chem_comp.type
_chem_comp.name
_chem_comp.formula
A RNA linking ADENOSINE-5'-MONOPHOSPHATE 'C10 H14 N5 O7 P'
C RNA linking CYTIDINE-5'-MONOPHOSPHATE 'C9 H14 N3 O8 P'
G RNA linking GUANOSINE-5'-MONOPHOSPHATE 'C10 H14 N5 O8 P'
MG non-polymer 'MAGNESIUM ION' 'Mg 2'
U RNA linking URIDINE-5'-MONOPHOSPHATE 'C9 H13 N2 O9 P'
#
# COMPACT_ATOMS: atom_id res chain seq x y z
N MET A 1 -30.32 -17.61 -18.70
CA MET A 1 -29.51 -16.47 -18.31
C MET A 1 -28.54 -16.90 -17.22
N SER A 2 -27.28 -17.07 -17.59
CA SER A 2 -26.28 -17.61 -16.67
C SER A 2 -25.81 -16.53 -15.71
N LYS A 3 -24.78 -16.84 -14.93
CA LYS A 3 -24.40 -16.03 -13.78
C LYS A 3 -23.51 -14.86 -14.14
N LEU A 4 -23.40 -14.51 -15.41
CA LEU A 4 -22.65 -13.33 -15.76
C LEU A 4 -23.46 -12.34 -16.55
N GLU A 5 -24.71 -12.65 -16.87
CA GLU A 5 -25.56 -11.69 -17.56
C GLU A 5 -26.03 -10.59 -16.64
N LYS A 6 -25.95 -10.78 -15.33
CA LYS A 6 -26.28 -9.68 -14.44
C LYS A 6 -25.14 -8.68 -14.37
N PHE A 7 -23.92 -9.16 -14.16
CA PHE A 7 -22.85 -8.33 -13.66
C PHE A 7 -22.22 -7.54 -14.79
N THR A 8 -22.95 -6.57 -15.30
CA THR A 8 -22.28 -5.56 -16.12
C THR A 8 -22.98 -4.23 -15.89
N ASN A 9 -22.22 -3.15 -16.11
CA ASN A 9 -22.64 -1.78 -15.85
C ASN A 9 -23.14 -1.63 -14.42
N CYS A 10 -22.24 -1.82 -13.47
CA CYS A 10 -22.65 -1.85 -12.09
C CYS A 10 -22.19 -0.66 -11.28
N TYR A 11 -21.05 -0.08 -11.62
CA TYR A 11 -20.51 1.07 -10.93
C TYR A 11 -19.41 1.67 -11.77
N SER A 12 -18.95 2.85 -11.38
CA SER A 12 -18.02 3.62 -12.20
C SER A 12 -16.62 3.05 -12.11
N LEU A 13 -15.68 3.76 -12.71
CA LEU A 13 -14.28 3.39 -12.78
C LEU A 13 -13.56 4.60 -13.32
N SER A 14 -12.23 4.58 -13.26
CA SER A 14 -11.49 5.59 -14.01
C SER A 14 -10.10 5.04 -14.33
N LYS A 15 -9.99 4.40 -15.48
CA LYS A 15 -8.67 4.04 -15.95
C LYS A 15 -7.99 5.27 -16.51
N THR A 16 -6.71 5.14 -16.83
CA THR A 16 -6.12 6.13 -17.70
C THR A 16 -5.06 5.53 -18.60
N LEU A 17 -5.10 5.93 -19.84
CA LEU A 17 -4.26 5.33 -20.85
C LEU A 17 -2.91 6.01 -20.80
N ARG A 18 -2.02 5.65 -21.71
CA ARG A 18 -0.73 6.38 -21.80
C ARG A 18 -0.11 6.15 -23.17
N PHE A 19 -0.49 6.96 -24.16
CA PHE A 19 0.17 6.78 -25.49
C PHE A 19 1.35 7.70 -25.68
N LYS A 20 2.17 7.42 -26.68
CA LYS A 20 3.35 8.24 -27.03
C LYS A 20 2.91 9.35 -27.97
N ALA A 21 3.79 10.28 -28.32
CA ALA A 21 3.34 11.39 -29.16
C ALA A 21 4.51 11.85 -30.00
N ILE A 22 4.48 11.59 -31.29
CA ILE A 22 5.53 12.09 -32.16
C ILE A 22 5.06 13.36 -32.84
N PRO A 23 5.89 14.38 -32.92
CA PRO A 23 5.52 15.58 -33.65
C PRO A 23 5.73 15.38 -35.13
N VAL A 24 4.89 16.04 -35.92
CA VAL A 24 4.85 15.83 -37.36
C VAL A 24 5.28 17.12 -38.04
N GLY A 25 5.97 16.99 -39.16
CA GLY A 25 6.33 18.14 -39.96
C GLY A 25 7.49 18.92 -39.38
N LYS A 26 7.37 20.24 -39.37
CA LYS A 26 8.39 21.09 -38.77
C LYS A 26 8.06 21.47 -37.34
N THR A 27 7.28 20.64 -36.64
CA THR A 27 6.80 21.01 -35.32
C THR A 27 7.93 20.95 -34.31
N GLN A 28 8.83 19.98 -34.46
CA GLN A 28 9.91 19.84 -33.49
C GLN A 28 10.90 20.98 -33.60
N GLU A 29 11.31 21.32 -34.82
CA GLU A 29 12.21 22.45 -34.98
C GLU A 29 11.51 23.76 -34.70
N ASN A 30 10.18 23.80 -34.84
CA ASN A 30 9.43 24.97 -34.43
C ASN A 30 9.45 25.16 -32.93
N ILE A 31 9.34 24.06 -32.18
CA ILE A 31 9.46 24.12 -30.73
C ILE A 31 10.85 24.56 -30.33
N ASP A 32 11.87 24.04 -30.98
CA ASP A 32 13.23 24.45 -30.64
C ASP A 32 13.51 25.90 -31.03
N ASN A 33 12.85 26.41 -32.06
CA ASN A 33 13.07 27.81 -32.39
C ASN A 33 12.34 28.74 -31.43
N LYS A 34 11.09 28.44 -31.10
CA LYS A 34 10.36 29.29 -30.16
C LYS A 34 10.71 29.03 -28.71
N ARG A 35 11.58 28.05 -28.43
CA ARG A 35 12.22 27.82 -27.12
C ARG A 35 11.19 27.53 -26.02
N LEU A 36 10.36 26.52 -26.26
CA LEU A 36 9.31 26.14 -25.33
C LEU A 36 9.67 24.94 -24.48
N LEU A 37 10.93 24.52 -24.48
CA LEU A 37 11.39 23.45 -23.61
C LEU A 37 12.21 23.96 -22.44
N VAL A 38 13.01 24.99 -22.65
CA VAL A 38 13.88 25.50 -21.61
C VAL A 38 13.06 26.08 -20.46
N GLU A 39 11.91 26.67 -20.78
CA GLU A 39 11.07 27.28 -19.77
C GLU A 39 10.54 26.23 -18.80
N ASP A 40 10.01 25.13 -19.33
CA ASP A 40 9.46 24.15 -18.41
C ASP A 40 10.51 23.22 -17.84
N GLU A 41 11.68 23.11 -18.47
CA GLU A 41 12.79 22.46 -17.77
C GLU A 41 13.18 23.24 -16.53
N LYS A 42 13.21 24.57 -16.64
CA LYS A 42 13.41 25.39 -15.46
C LYS A 42 12.23 25.29 -14.51
N ARG A 43 11.01 25.27 -15.03
CA ARG A 43 9.81 25.20 -14.18
C ARG A 43 9.66 23.86 -13.50
N ALA A 44 10.43 22.86 -13.90
CA ALA A 44 10.58 21.67 -13.08
C ALA A 44 11.73 21.81 -12.09
N GLU A 45 12.89 22.29 -12.55
CA GLU A 45 14.08 22.19 -11.70
C GLU A 45 14.08 23.24 -10.60
N ASP A 46 13.69 24.46 -10.89
CA ASP A 46 13.85 25.56 -9.96
C ASP A 46 12.88 25.52 -8.81
N TYR A 47 11.94 24.58 -8.81
CA TYR A 47 10.87 24.61 -7.82
C TYR A 47 11.40 24.29 -6.43
N LYS A 48 12.30 23.32 -6.31
CA LYS A 48 12.88 23.03 -5.00
C LYS A 48 13.76 24.17 -4.53
N GLY A 49 14.37 24.91 -5.47
CA GLY A 49 15.17 26.06 -5.08
C GLY A 49 14.34 27.21 -4.56
N VAL A 50 13.20 27.47 -5.21
CA VAL A 50 12.34 28.52 -4.70
C VAL A 50 11.66 28.07 -3.41
N LYS A 51 11.45 26.76 -3.25
CA LYS A 51 11.00 26.25 -1.96
C LYS A 51 12.05 26.49 -0.89
N LYS A 52 13.33 26.35 -1.25
CA LYS A 52 14.40 26.64 -0.31
C LYS A 52 14.41 28.11 0.10
N LEU A 53 14.17 29.00 -0.88
CA LEU A 53 14.17 30.43 -0.57
C LEU A 53 12.99 30.80 0.33
N LEU A 54 11.84 30.21 0.06
CA LEU A 54 10.67 30.55 0.87
C LEU A 54 10.76 29.91 2.23
N ASP A 55 11.44 28.78 2.35
CA ASP A 55 11.68 28.21 3.67
C ASP A 55 12.70 29.03 4.44
N ARG A 56 13.65 29.65 3.75
CA ARG A 56 14.57 30.58 4.40
C ARG A 56 13.81 31.76 4.98
N TYR A 57 12.92 32.36 4.18
CA TYR A 57 12.18 33.52 4.68
C TYR A 57 11.23 33.12 5.81
N TYR A 58 10.63 31.95 5.72
CA TYR A 58 9.70 31.52 6.76
C TYR A 58 10.41 31.29 8.08
N LEU A 59 11.57 30.65 8.05
CA LEU A 59 12.31 30.43 9.29
C LEU A 59 12.84 31.74 9.85
N SER A 60 13.19 32.68 8.99
CA SER A 60 13.52 34.02 9.44
C SER A 60 12.34 34.70 10.10
N PHE A 61 11.12 34.44 9.62
CA PHE A 61 9.93 35.01 10.23
C PHE A 61 9.71 34.46 11.64
N ILE A 62 9.87 33.15 11.80
CA ILE A 62 9.72 32.53 13.12
C ILE A 62 10.74 33.08 14.09
N ASN A 63 12.03 33.06 13.70
CA ASN A 63 13.08 33.58 14.56
C ASN A 63 13.01 35.08 14.72
N ASP A 64 12.30 35.78 13.83
CA ASP A 64 12.01 37.18 14.04
C ASP A 64 11.05 37.35 15.20
N VAL A 65 9.83 36.84 15.05
CA VAL A 65 8.80 37.26 15.99
C VAL A 65 8.89 36.52 17.31
N LEU A 66 9.65 35.41 17.38
CA LEU A 66 9.79 34.72 18.65
C LEU A 66 10.64 35.50 19.66
N HIS A 67 11.37 36.51 19.22
CA HIS A 67 12.07 37.45 20.09
C HIS A 67 11.15 38.54 20.63
N SER A 68 9.84 38.38 20.50
CA SER A 68 8.90 39.41 20.90
C SER A 68 7.70 38.82 21.63
N ILE A 69 7.82 37.64 22.21
CA ILE A 69 6.72 36.99 22.91
C ILE A 69 7.23 36.52 24.28
N LYS A 70 6.53 36.93 25.34
CA LYS A 70 6.77 36.44 26.69
C LYS A 70 5.45 35.89 27.20
N LEU A 71 5.39 34.58 27.38
CA LEU A 71 4.14 33.88 27.68
C LEU A 71 3.74 34.18 29.13
N LYS A 72 2.45 34.46 29.34
CA LYS A 72 2.01 34.87 30.67
C LYS A 72 1.40 33.75 31.50
N ASN A 73 0.82 32.74 30.83
CA ASN A 73 0.17 31.60 31.55
C ASN A 73 1.16 30.46 31.77
N LEU A 74 2.44 30.65 31.41
CA LEU A 74 3.46 29.58 31.54
C LEU A 74 3.67 29.16 33.01
N ASN A 75 3.75 30.12 33.94
CA ASN A 75 3.97 29.78 35.37
C ASN A 75 2.76 28.98 35.88
N ASN A 76 1.56 29.43 35.50
CA ASN A 76 0.28 28.83 35.83
C ASN A 76 0.07 27.48 35.15
N TYR A 77 0.84 27.17 34.11
CA TYR A 77 0.83 25.78 33.63
C TYR A 77 1.89 24.93 34.30
N ILE A 78 3.09 25.47 34.48
CA ILE A 78 4.20 24.69 35.01
C ILE A 78 3.94 24.27 36.44
N SER A 79 3.62 25.23 37.31
CA SER A 79 3.43 24.93 38.73
C SER A 79 2.20 24.07 38.94
N LEU A 80 1.14 24.31 38.17
CA LEU A 80 -0.06 23.51 38.29
C LEU A 80 0.11 22.11 37.70
N PHE A 81 1.11 21.90 36.84
CA PHE A 81 1.38 20.52 36.48
C PHE A 81 2.32 19.84 37.48
N ARG A 82 3.41 20.50 37.86
CA ARG A 82 4.39 19.89 38.76
C ARG A 82 3.97 20.00 40.22
N LYS A 83 2.74 20.42 40.49
CA LYS A 83 2.05 20.50 41.75
C LYS A 83 1.80 19.12 42.42
N LYS A 84 2.19 18.00 41.80
CA LYS A 84 2.01 16.66 42.44
C LYS A 84 0.63 16.07 42.15
N THR A 85 0.35 15.78 40.87
CA THR A 85 -0.92 15.11 40.42
C THR A 85 -2.17 15.62 41.18
N ARG A 86 -3.03 14.69 41.58
CA ARG A 86 -4.32 14.97 42.30
C ARG A 86 -5.15 15.96 41.47
N THR A 87 -5.77 15.49 40.38
CA THR A 87 -6.43 16.45 39.50
C THR A 87 -7.85 16.76 39.93
N GLU A 88 -8.75 15.76 39.84
CA GLU A 88 -10.21 15.92 39.81
C GLU A 88 -10.59 17.07 38.87
N LYS A 89 -10.44 16.79 37.56
CA LYS A 89 -10.57 17.69 36.40
C LYS A 89 -9.73 18.98 36.56
N GLU A 90 -8.53 18.79 37.11
CA GLU A 90 -7.55 19.88 37.07
C GLU A 90 -6.61 19.66 35.90
N ASN A 91 -6.41 18.40 35.49
CA ASN A 91 -5.71 18.16 34.23
C ASN A 91 -6.51 18.68 33.04
N LYS A 92 -7.84 18.73 33.17
CA LYS A 92 -8.65 19.37 32.14
C LYS A 92 -8.39 20.86 32.07
N GLU A 93 -8.20 21.52 33.22
CA GLU A 93 -7.82 22.93 33.19
C GLU A 93 -6.39 23.09 32.69
N LEU A 94 -5.53 22.10 32.94
CA LEU A 94 -4.19 22.12 32.35
C LEU A 94 -4.25 22.05 30.83
N GLU A 95 -5.11 21.19 30.29
CA GLU A 95 -5.23 21.07 28.85
C GLU A 95 -5.91 22.30 28.24
N ASN A 96 -6.85 22.91 28.97
CA ASN A 96 -7.44 24.17 28.54
C ASN A 96 -6.38 25.26 28.47
N LEU A 97 -5.50 25.32 29.49
CA LEU A 97 -4.42 26.29 29.51
C LEU A 97 -3.41 26.01 28.41
N GLU A 98 -3.20 24.74 28.08
CA GLU A 98 -2.29 24.37 27.01
C GLU A 98 -2.80 24.84 25.66
N ILE A 99 -4.09 24.59 25.39
CA ILE A 99 -4.64 25.01 24.10
C ILE A 99 -4.79 26.53 24.07
N ASN A 100 -5.02 27.17 25.21
CA ASN A 100 -5.02 28.63 25.24
C ASN A 100 -3.62 29.21 25.04
N LEU A 101 -2.59 28.50 25.49
CA LEU A 101 -1.22 28.95 25.27
C LEU A 101 -0.82 28.84 23.81
N ARG A 102 -1.21 27.72 23.20
CA ARG A 102 -1.06 27.57 21.75
C ARG A 102 -1.84 28.63 21.01
N LYS A 103 -3.01 29.00 21.53
CA LYS A 103 -3.76 30.10 20.94
C LYS A 103 -3.05 31.43 21.12
N GLU A 104 -2.29 31.59 22.20
CA GLU A 104 -1.56 32.84 22.45
C GLU A 104 -0.41 33.00 21.46
N ILE A 105 0.35 31.93 21.24
CA ILE A 105 1.40 32.03 20.22
C ILE A 105 0.78 32.06 18.81
N ALA A 106 -0.42 31.51 18.65
CA ALA A 106 -1.13 31.62 17.38
C ALA A 106 -1.56 33.05 17.10
N LYS A 107 -2.07 33.74 18.14
CA LYS A 107 -2.45 35.14 18.01
C LYS A 107 -1.23 36.03 17.80
N ALA A 108 -0.09 35.63 18.37
CA ALA A 108 1.14 36.43 18.16
C ALA A 108 1.50 36.39 16.68
N PHE A 109 1.42 35.19 16.08
CA PHE A 109 1.72 34.96 14.64
C PHE A 109 0.69 35.69 13.75
N LYS A 110 -0.59 35.64 14.12
CA LYS A 110 -1.68 36.25 13.31
C LYS A 110 -1.46 37.76 13.21
N GLY A 111 -1.09 38.41 14.31
CA GLY A 111 -0.83 39.87 14.32
C GLY A 111 0.63 40.16 14.03
N ASN A 112 1.39 39.12 13.68
CA ASN A 112 2.87 39.27 13.60
C ASN A 112 3.28 40.01 12.32
N GLU A 113 2.99 41.31 12.28
CA GLU A 113 3.46 42.16 11.15
C GLU A 113 2.79 41.69 9.86
N GLY A 114 1.46 41.78 9.79
CA GLY A 114 0.72 41.40 8.62
C GLY A 114 0.27 39.96 8.65
N TYR A 115 1.06 39.08 8.01
CA TYR A 115 0.92 37.62 7.94
C TYR A 115 -0.23 37.18 7.05
N LYS A 116 -1.10 38.12 6.65
CA LYS A 116 -2.12 37.80 5.67
C LYS A 116 -1.52 37.71 4.27
N SER A 117 -0.45 38.44 4.03
CA SER A 117 0.36 38.25 2.84
C SER A 117 1.57 37.38 3.16
N LEU A 118 1.27 36.14 3.57
CA LEU A 118 2.28 35.10 3.67
C LEU A 118 2.00 33.87 2.85
N PHE A 119 0.77 33.66 2.38
CA PHE A 119 0.48 32.54 1.48
C PHE A 119 -0.40 32.95 0.30
N LYS A 120 -0.55 34.22 0.05
CA LYS A 120 -1.27 34.69 -1.12
C LYS A 120 -0.32 34.82 -2.30
N LYS A 121 -0.74 35.58 -3.31
CA LYS A 121 -0.03 35.63 -4.58
C LYS A 121 1.25 36.45 -4.51
N ASP A 122 1.28 37.52 -3.72
CA ASP A 122 2.38 38.48 -3.80
C ASP A 122 3.64 38.02 -3.10
N ILE A 123 3.67 36.79 -2.59
CA ILE A 123 4.85 36.32 -1.87
C ILE A 123 5.93 35.93 -2.84
N ILE A 124 5.53 35.46 -4.02
CA ILE A 124 6.51 35.25 -5.08
C ILE A 124 6.92 36.57 -5.71
N GLU A 125 6.20 37.65 -5.41
CA GLU A 125 6.36 38.89 -6.16
C GLU A 125 7.17 39.92 -5.42
N THR A 126 6.83 40.19 -4.17
CA THR A 126 7.13 41.49 -3.58
C THR A 126 8.12 41.41 -2.42
N ILE A 127 7.82 40.62 -1.40
CA ILE A 127 8.63 40.63 -0.19
C ILE A 127 9.93 39.86 -0.39
N LEU A 128 9.83 38.70 -1.00
CA LEU A 128 10.94 37.80 -1.29
C LEU A 128 12.06 38.32 -2.20
N PRO A 129 11.84 39.31 -3.08
CA PRO A 129 13.00 40.02 -3.64
C PRO A 129 13.89 40.70 -2.60
N GLU A 130 13.33 41.59 -1.79
CA GLU A 130 14.20 42.32 -0.87
C GLU A 130 14.59 41.46 0.32
N LYS A 135 20.63 39.62 -5.03
CA LYS A 135 21.55 38.70 -5.70
C LYS A 135 21.06 38.37 -7.09
N ASP A 136 21.44 37.19 -7.57
CA ASP A 136 20.98 36.66 -8.84
C ASP A 136 19.71 35.85 -8.70
N GLU A 137 19.20 35.70 -7.48
CA GLU A 137 17.96 34.98 -7.22
C GLU A 137 16.72 35.77 -7.59
N ILE A 138 16.87 37.03 -8.01
CA ILE A 138 15.72 37.85 -8.38
C ILE A 138 15.06 37.30 -9.63
N ALA A 139 15.83 36.77 -10.57
CA ALA A 139 15.22 36.11 -11.72
C ALA A 139 14.67 34.74 -11.33
N LEU A 140 15.28 34.10 -10.33
CA LEU A 140 14.81 32.80 -9.86
C LEU A 140 13.41 32.90 -9.29
N VAL A 141 13.21 33.82 -8.35
CA VAL A 141 11.86 34.04 -7.87
C VAL A 141 11.01 34.78 -8.90
N ASN A 142 11.65 35.44 -9.86
CA ASN A 142 10.93 36.13 -10.92
C ASN A 142 10.69 35.25 -12.13
N SER A 143 11.10 33.98 -12.05
CA SER A 143 10.85 33.06 -13.15
C SER A 143 9.39 32.63 -13.24
N PHE A 144 8.60 32.89 -12.21
CA PHE A 144 7.20 32.45 -12.15
C PHE A 144 6.27 33.64 -12.16
N ASN A 145 6.58 34.66 -12.97
CA ASN A 145 5.87 35.92 -12.89
C ASN A 145 4.42 35.81 -13.37
N GLY A 146 4.16 34.98 -14.37
CA GLY A 146 2.81 34.73 -14.81
C GLY A 146 2.25 33.40 -14.38
N PHE A 147 2.75 32.83 -13.30
CA PHE A 147 2.46 31.44 -12.98
C PHE A 147 2.63 31.25 -11.48
N THR A 148 1.52 31.26 -10.75
CA THR A 148 1.62 31.28 -9.30
C THR A 148 1.07 30.03 -8.64
N THR A 149 0.09 29.36 -9.26
CA THR A 149 -0.75 28.41 -8.55
C THR A 149 -0.03 27.12 -8.20
N ALA A 150 1.14 26.83 -8.79
CA ALA A 150 1.87 25.62 -8.42
C ALA A 150 2.44 25.68 -7.01
N PHE A 151 2.43 26.84 -6.37
CA PHE A 151 2.82 26.93 -4.99
C PHE A 151 1.72 26.56 -4.01
N THR A 152 0.53 26.23 -4.50
CA THR A 152 -0.55 26.01 -3.56
C THR A 152 -0.46 24.66 -2.86
N GLY A 153 0.42 23.78 -3.31
CA GLY A 153 0.73 22.56 -2.61
C GLY A 153 1.76 22.76 -1.53
N PHE A 154 2.14 24.00 -1.32
CA PHE A 154 3.12 24.44 -0.35
C PHE A 154 2.54 25.46 0.61
N PHE A 155 1.74 26.38 0.07
CA PHE A 155 1.11 27.43 0.88
C PHE A 155 0.04 26.89 1.80
N ASP A 156 -0.41 25.66 1.59
CA ASP A 156 -1.33 25.04 2.53
C ASP A 156 -0.58 24.41 3.70
N ASN A 157 0.48 23.66 3.41
CA ASN A 157 1.16 22.95 4.47
C ASN A 157 1.99 23.89 5.33
N ARG A 158 2.62 24.89 4.71
CA ARG A 158 3.33 25.87 5.53
C ARG A 158 2.37 26.79 6.27
N GLU A 159 1.11 26.86 5.86
CA GLU A 159 0.11 27.47 6.73
C GLU A 159 -0.17 26.57 7.90
N ASN A 160 -0.31 25.27 7.65
CA ASN A 160 -0.63 24.33 8.73
C ASN A 160 0.52 24.14 9.69
N MET A 161 1.71 24.62 9.35
CA MET A 161 2.76 24.82 10.34
C MET A 161 2.37 25.81 11.44
N PHE A 162 1.52 26.80 11.12
CA PHE A 162 1.17 27.84 12.08
C PHE A 162 -0.19 27.64 12.72
N SER A 163 -0.62 26.40 12.89
CA SER A 163 -1.95 26.15 13.41
C SER A 163 -1.91 25.93 14.92
N GLU A 164 -3.02 25.44 15.47
CA GLU A 164 -3.11 25.08 16.88
C GLU A 164 -3.86 23.77 17.06
N GLU A 165 -3.88 22.92 16.04
CA GLU A 165 -4.63 21.68 16.05
C GLU A 165 -3.88 20.56 16.75
N ALA A 166 -2.76 20.88 17.41
CA ALA A 166 -1.81 19.94 18.01
C ALA A 166 -1.29 18.94 16.97
N LYS A 167 -1.08 19.42 15.75
CA LYS A 167 -0.56 18.56 14.69
C LYS A 167 0.94 18.38 14.87
N SER A 168 1.50 17.46 14.09
CA SER A 168 2.88 17.05 14.30
C SER A 168 3.87 18.11 13.85
N THR A 169 3.81 18.48 12.58
CA THR A 169 4.82 19.38 12.03
C THR A 169 4.66 20.82 12.48
N SER A 170 3.60 21.15 13.20
CA SER A 170 3.30 22.54 13.51
C SER A 170 4.24 23.08 14.57
N ILE A 171 4.29 24.41 14.65
CA ILE A 171 5.14 25.07 15.63
C ILE A 171 4.58 24.91 17.02
N ALA A 172 3.26 25.13 17.15
CA ALA A 172 2.64 25.36 18.45
C ALA A 172 2.65 24.10 19.29
N PHE A 173 2.31 22.97 18.68
CA PHE A 173 2.30 21.71 19.40
C PHE A 173 3.68 21.34 19.89
N ARG A 174 4.69 21.57 19.05
CA ARG A 174 6.07 21.36 19.46
C ARG A 174 6.42 22.22 20.66
N CYS A 175 6.32 23.53 20.51
CA CYS A 175 6.86 24.44 21.51
C CYS A 175 6.02 24.51 22.77
N ILE A 176 4.85 23.87 22.82
CA ILE A 176 4.09 23.83 24.05
C ILE A 176 4.03 22.43 24.66
N ASN A 177 3.94 21.37 23.86
CA ASN A 177 3.73 20.04 24.42
C ASN A 177 4.86 19.07 24.16
N GLU A 178 5.98 19.51 23.59
CA GLU A 178 7.17 18.69 23.63
C GLU A 178 8.32 19.43 24.28
N ASN A 179 8.55 20.69 23.89
CA ASN A 179 9.62 21.47 24.49
C ASN A 179 9.34 21.78 25.95
N LEU A 180 8.11 22.17 26.28
CA LEU A 180 7.83 22.52 27.67
C LEU A 180 7.77 21.29 28.56
N THR A 181 7.25 20.17 28.05
CA THR A 181 7.27 18.96 28.87
C THR A 181 8.64 18.30 28.90
N ARG A 182 9.59 18.75 28.08
CA ARG A 182 10.97 18.40 28.36
C ARG A 182 11.61 19.38 29.32
N TYR A 183 11.22 20.65 29.23
CA TYR A 183 11.85 21.69 30.03
C TYR A 183 11.49 21.55 31.49
N ILE A 184 10.23 21.28 31.80
CA ILE A 184 9.84 21.17 33.20
C ILE A 184 10.30 19.83 33.76
N SER A 185 10.49 18.82 32.90
CA SER A 185 11.12 17.59 33.34
C SER A 185 12.56 17.84 33.73
N ASN A 186 13.28 18.62 32.92
CA ASN A 186 14.63 18.99 33.29
C ASN A 186 14.66 19.92 34.52
N MET A 187 13.61 20.71 34.70
CA MET A 187 13.46 21.56 35.88
C MET A 187 13.34 20.75 37.16
N ASP A 188 12.55 19.67 37.10
CA ASP A 188 12.45 18.79 38.25
C ASP A 188 13.73 17.98 38.46
N ILE A 189 14.32 17.50 37.37
CA ILE A 189 15.55 16.70 37.46
C ILE A 189 16.77 17.56 37.79
N PHE A 190 16.62 18.88 37.74
CA PHE A 190 17.63 19.77 38.29
C PHE A 190 17.78 19.62 39.80
N GLU A 191 16.75 19.09 40.48
CA GLU A 191 16.86 18.82 41.90
C GLU A 191 17.85 17.71 42.22
N LYS A 192 18.16 16.85 41.26
CA LYS A 192 19.06 15.72 41.48
C LYS A 192 20.43 15.93 40.84
N VAL A 193 20.81 17.17 40.59
CA VAL A 193 22.18 17.49 40.20
C VAL A 193 22.83 18.47 41.17
N ASP A 194 22.08 18.99 42.15
CA ASP A 194 22.60 19.98 43.09
C ASP A 194 23.66 19.41 44.04
N ALA A 195 23.82 18.09 44.09
CA ALA A 195 24.80 17.47 44.98
C ALA A 195 26.19 17.35 44.37
N ILE A 196 26.38 17.76 43.12
CA ILE A 196 27.65 17.61 42.42
C ILE A 196 28.19 18.99 41.98
N PHE A 197 27.59 20.05 42.49
CA PHE A 197 27.79 21.42 42.00
C PHE A 197 29.17 21.92 42.39
N ASP A 198 30.10 21.88 41.44
CA ASP A 198 31.43 22.46 41.61
C ASP A 198 31.52 23.67 40.70
N LYS A 199 31.71 24.85 41.30
CA LYS A 199 31.64 26.10 40.57
C LYS A 199 32.81 26.29 39.62
N HIS A 200 33.92 25.59 39.85
CA HIS A 200 35.06 25.65 38.94
C HIS A 200 34.75 24.99 37.61
N GLU A 201 33.77 24.10 37.58
CA GLU A 201 33.40 23.36 36.37
C GLU A 201 32.07 23.80 35.77
N VAL A 202 31.10 24.18 36.60
CA VAL A 202 29.77 24.47 36.10
C VAL A 202 29.53 25.96 35.89
N GLN A 203 30.34 26.82 36.49
CA GLN A 203 30.02 28.24 36.52
C GLN A 203 31.19 29.10 36.04
N GLU A 204 32.41 28.64 36.31
CA GLU A 204 33.59 29.44 36.01
C GLU A 204 33.88 29.50 34.51
N ILE A 205 33.29 28.62 33.71
CA ILE A 205 33.58 28.57 32.28
C ILE A 205 32.32 28.70 31.42
N LYS A 206 31.24 28.00 31.78
CA LYS A 206 30.03 27.96 30.95
C LYS A 206 29.37 29.33 30.91
N GLU A 207 29.14 29.92 32.07
CA GLU A 207 28.52 31.23 32.15
C GLU A 207 29.40 32.33 31.57
N LYS A 208 30.70 32.11 31.48
CA LYS A 208 31.61 33.13 30.97
C LYS A 208 31.79 33.05 29.47
N ILE A 209 31.63 31.88 28.87
CA ILE A 209 31.84 31.74 27.43
C ILE A 209 30.56 31.45 26.65
N LEU A 210 29.42 31.26 27.31
CA LEU A 210 28.18 30.99 26.58
C LEU A 210 27.29 32.22 26.45
N ASN A 211 26.91 32.84 27.56
CA ASN A 211 25.90 33.88 27.48
C ASN A 211 26.31 35.17 28.19
N SER A 212 27.10 35.04 29.26
CA SER A 212 27.30 36.08 30.28
C SER A 212 25.98 36.58 30.84
N ASP A 213 25.00 35.68 30.93
CA ASP A 213 23.68 35.98 31.43
C ASP A 213 23.60 35.52 32.88
N TYR A 214 22.39 35.47 33.45
CA TYR A 214 22.20 34.86 34.76
C TYR A 214 22.47 33.36 34.66
N ASP A 215 22.76 32.74 35.80
CA ASP A 215 23.54 31.50 35.81
C ASP A 215 22.68 30.28 35.44
N VAL A 216 23.27 29.10 35.65
CA VAL A 216 22.75 27.84 35.13
C VAL A 216 21.41 27.47 35.77
N GLU A 217 21.16 27.93 36.99
CA GLU A 217 19.84 27.69 37.58
C GLU A 217 18.73 28.52 36.96
N ASP A 218 19.05 29.48 36.08
CA ASP A 218 17.98 30.23 35.43
C ASP A 218 17.32 29.41 34.34
N PHE A 219 18.09 28.49 33.74
CA PHE A 219 17.56 27.66 32.64
C PHE A 219 16.65 26.57 33.19
N PHE A 220 16.81 26.23 34.47
CA PHE A 220 15.96 25.15 35.05
C PHE A 220 14.80 25.80 35.81
N GLU A 221 15.00 27.04 36.26
CA GLU A 221 13.88 27.79 36.88
C GLU A 221 13.02 28.21 35.68
N GLY A 222 11.69 28.22 35.80
CA GLY A 222 10.93 28.42 34.59
C GLY A 222 10.57 29.87 34.32
N GLU A 223 11.53 30.73 33.95
CA GLU A 223 11.16 32.02 33.39
C GLU A 223 12.15 32.46 32.31
N PHE A 224 12.91 31.53 31.76
CA PHE A 224 13.57 31.76 30.48
C PHE A 224 13.11 30.74 29.46
N PHE A 225 11.92 30.18 29.66
CA PHE A 225 11.29 29.42 28.59
C PHE A 225 10.96 30.32 27.41
N ASN A 226 10.59 31.57 27.67
CA ASN A 226 10.38 32.53 26.61
C ASN A 226 11.69 32.94 25.93
N PHE A 227 12.82 32.76 26.60
CA PHE A 227 14.10 32.99 25.94
C PHE A 227 14.56 31.77 25.16
N VAL A 228 14.24 30.57 25.65
CA VAL A 228 14.65 29.35 24.98
C VAL A 228 13.69 28.97 23.85
N LEU A 229 12.56 29.69 23.71
CA LEU A 229 11.60 29.40 22.66
C LEU A 229 12.20 29.52 21.26
N THR A 230 13.10 30.48 21.06
CA THR A 230 13.78 30.59 19.77
C THR A 230 14.80 29.47 19.58
N GLN A 231 15.20 29.28 18.33
CA GLN A 231 16.20 28.25 18.07
C GLN A 231 17.58 28.66 18.55
N GLU A 232 17.82 29.95 18.73
CA GLU A 232 19.05 30.40 19.37
C GLU A 232 19.06 30.00 20.84
N GLY A 233 17.91 30.09 21.51
CA GLY A 233 17.82 29.64 22.88
C GLY A 233 17.95 28.14 23.01
N ILE A 234 17.39 27.40 22.06
CA ILE A 234 17.60 25.95 22.04
C ILE A 234 19.07 25.62 21.76
N ASP A 235 19.76 26.47 20.98
CA ASP A 235 21.19 26.29 20.75
C ASP A 235 21.97 26.48 22.05
N VAL A 236 21.66 27.52 22.82
CA VAL A 236 22.34 27.78 24.09
C VAL A 236 22.03 26.68 25.11
N TYR A 237 20.78 26.20 25.13
CA TYR A 237 20.38 25.11 26.02
C TYR A 237 21.11 23.82 25.69
N ASN A 238 21.18 23.46 24.41
CA ASN A 238 21.90 22.26 24.06
C ASN A 238 23.41 22.45 24.14
N ALA A 239 23.87 23.71 24.18
CA ALA A 239 25.26 23.96 24.54
C ALA A 239 25.52 23.69 26.01
N ILE A 240 24.59 24.09 26.89
CA ILE A 240 24.83 23.81 28.31
C ILE A 240 24.62 22.33 28.61
N ILE A 241 23.91 21.60 27.76
CA ILE A 241 23.84 20.17 27.98
C ILE A 241 25.09 19.48 27.44
N GLY A 242 25.38 19.68 26.16
CA GLY A 242 26.44 18.92 25.52
C GLY A 242 27.83 19.50 25.65
N GLY A 243 27.97 20.81 25.50
CA GLY A 243 29.27 21.43 25.59
C GLY A 243 29.74 22.06 24.30
N PHE A 244 29.88 23.39 24.32
CA PHE A 244 30.32 24.13 23.16
C PHE A 244 31.82 23.96 22.95
N VAL A 245 32.28 24.25 21.74
CA VAL A 245 33.69 24.23 21.41
C VAL A 245 34.28 25.65 21.35
N THR A 246 33.45 26.66 21.06
CA THR A 246 33.79 28.07 20.77
C THR A 246 35.08 28.21 19.95
N GLU A 247 35.12 27.46 18.83
CA GLU A 247 36.19 27.33 17.83
C GLU A 247 37.59 27.29 18.44
N SER A 248 37.72 26.64 19.59
CA SER A 248 38.99 26.49 20.28
C SER A 248 39.07 25.06 20.80
N GLY A 249 40.29 24.58 21.01
CA GLY A 249 40.48 23.18 21.32
C GLY A 249 40.24 22.77 22.75
N GLU A 250 39.42 23.54 23.47
CA GLU A 250 39.15 23.23 24.86
C GLU A 250 38.22 22.03 25.00
N LYS A 251 37.23 21.92 24.11
CA LYS A 251 36.13 20.95 24.16
C LYS A 251 35.42 21.03 25.52
N ILE A 252 34.81 22.19 25.74
CA ILE A 252 34.34 22.60 27.06
C ILE A 252 33.21 21.70 27.51
N LYS A 253 33.24 21.32 28.78
CA LYS A 253 32.42 20.25 29.32
C LYS A 253 30.95 20.66 29.38
N GLY A 254 30.10 19.67 29.64
CA GLY A 254 28.67 19.89 29.69
C GLY A 254 28.03 19.15 30.84
N LEU A 255 26.73 19.38 31.03
CA LEU A 255 26.01 18.80 32.16
C LEU A 255 25.84 17.30 32.00
N ASN A 256 25.83 16.81 30.76
CA ASN A 256 25.85 15.37 30.54
C ASN A 256 27.15 14.75 31.06
N GLU A 257 28.27 15.44 30.87
CA GLU A 257 29.52 14.88 31.35
C GLU A 257 29.64 15.06 32.85
N TYR A 258 29.08 16.14 33.40
CA TYR A 258 29.12 16.33 34.85
C TYR A 258 28.23 15.35 35.57
N ILE A 259 27.13 14.92 34.95
CA ILE A 259 26.36 13.85 35.57
C ILE A 259 26.97 12.50 35.22
N ASN A 260 27.77 12.41 34.16
CA ASN A 260 28.46 11.16 33.86
C ASN A 260 29.60 10.91 34.83
N LEU A 261 30.18 11.96 35.40
CA LEU A 261 31.24 11.79 36.38
C LEU A 261 30.75 11.21 37.70
N TYR A 262 29.44 11.26 37.94
CA TYR A 262 28.89 10.82 39.21
C TYR A 262 28.98 9.31 39.40
N ASN A 263 29.00 8.54 38.31
CA ASN A 263 29.12 7.09 38.42
C ASN A 263 30.57 6.62 38.54
N GLN A 264 31.46 7.53 38.97
CA GLN A 264 32.84 7.14 39.37
C GLN A 264 32.77 6.24 40.60
N LYS A 265 31.75 6.45 41.45
CA LYS A 265 31.48 5.59 42.59
C LYS A 265 30.59 4.40 42.22
N THR A 266 30.68 3.94 40.96
CA THR A 266 29.90 2.92 40.25
C THR A 266 28.42 2.91 40.59
N LYS A 267 27.82 4.10 40.69
CA LYS A 267 26.38 4.22 40.85
C LYS A 267 25.98 5.57 40.25
N GLN A 268 25.38 5.53 39.06
CA GLN A 268 24.84 6.78 38.53
C GLN A 268 23.47 7.06 39.13
N LYS A 269 22.46 6.35 38.60
CA LYS A 269 21.09 6.40 39.18
C LYS A 269 20.63 7.85 39.28
N LEU A 270 20.99 8.68 38.29
CA LEU A 270 20.45 10.03 38.17
C LEU A 270 20.26 10.34 36.69
N PRO A 271 19.04 10.63 36.25
CA PRO A 271 18.80 10.83 34.81
C PRO A 271 19.38 12.15 34.34
N LYS A 272 19.90 12.13 33.11
CA LYS A 272 20.56 13.31 32.57
C LYS A 272 19.52 14.26 31.97
N PHE A 273 20.00 15.43 31.54
CA PHE A 273 19.13 16.42 30.96
C PHE A 273 18.98 16.16 29.46
N LYS A 274 17.77 15.86 29.04
CA LYS A 274 17.50 15.50 27.64
C LYS A 274 17.58 16.74 26.76
N PRO A 275 18.23 16.63 25.60
CA PRO A 275 18.41 17.80 24.75
C PRO A 275 17.11 18.25 24.10
N LEU A 276 17.04 19.55 23.79
CA LEU A 276 15.80 20.15 23.32
C LEU A 276 15.67 20.11 21.80
N TYR A 277 14.43 19.89 21.35
CA TYR A 277 14.06 19.95 19.93
C TYR A 277 14.26 21.37 19.42
N LYS A 278 14.90 21.52 18.27
CA LYS A 278 14.98 22.82 17.64
C LYS A 278 13.77 23.06 16.76
N GLN A 279 13.63 24.28 16.27
CA GLN A 279 12.53 24.63 15.37
C GLN A 279 13.05 24.75 13.94
N VAL A 280 12.85 23.68 13.16
CA VAL A 280 13.10 23.59 11.71
C VAL A 280 14.46 24.09 11.25
N GLU A 292 20.77 11.88 -0.32
CA GLU A 292 21.05 10.57 0.24
C GLU A 292 21.76 9.68 -0.77
N GLY A 293 22.05 10.23 -1.94
CA GLY A 293 22.75 9.49 -2.97
C GLY A 293 22.08 9.56 -4.33
N TYR A 294 21.69 8.40 -4.85
CA TYR A 294 20.77 8.17 -5.98
C TYR A 294 21.17 8.87 -7.28
N THR A 295 22.38 9.42 -7.40
CA THR A 295 22.82 10.02 -8.65
C THR A 295 24.07 9.39 -9.23
N SER A 296 25.16 9.33 -8.46
CA SER A 296 26.46 8.99 -9.02
C SER A 296 27.25 8.14 -8.04
N ASP A 297 28.20 7.38 -8.60
CA ASP A 297 28.86 6.32 -7.86
C ASP A 297 29.83 6.85 -6.83
N GLU A 298 30.60 7.89 -7.18
CA GLU A 298 31.51 8.50 -6.23
C GLU A 298 30.75 9.14 -5.08
N GLU A 299 29.61 9.77 -5.39
CA GLU A 299 28.77 10.38 -4.36
C GLU A 299 28.19 9.35 -3.41
N VAL A 300 27.70 8.22 -3.96
CA VAL A 300 27.07 7.26 -3.07
C VAL A 300 28.11 6.54 -2.24
N LEU A 301 29.31 6.33 -2.79
CA LEU A 301 30.36 5.70 -2.00
C LEU A 301 30.84 6.64 -0.90
N GLU A 302 30.88 7.95 -1.19
CA GLU A 302 31.31 8.89 -0.17
C GLU A 302 30.27 9.04 0.93
N VAL A 303 28.98 9.01 0.58
CA VAL A 303 27.98 9.16 1.65
C VAL A 303 27.89 7.87 2.46
N PHE A 304 28.16 6.73 1.83
CA PHE A 304 28.20 5.49 2.59
C PHE A 304 29.41 5.46 3.51
N ARG A 305 30.55 6.01 3.06
CA ARG A 305 31.70 6.14 3.93
C ARG A 305 31.39 7.08 5.09
N ASN A 306 30.68 8.17 4.79
CA ASN A 306 30.27 9.15 5.80
C ASN A 306 29.38 8.52 6.85
N THR A 307 28.54 7.58 6.45
CA THR A 307 27.58 7.06 7.40
C THR A 307 28.02 5.76 8.07
N LEU A 308 29.04 5.06 7.56
CA LEU A 308 29.44 3.86 8.28
C LEU A 308 30.96 3.70 8.44
N ASN A 309 31.74 4.78 8.43
CA ASN A 309 33.16 4.60 8.73
C ASN A 309 33.35 4.35 10.24
N LYS A 310 34.60 4.13 10.63
CA LYS A 310 34.90 3.73 12.00
C LYS A 310 34.82 4.88 13.00
N ASN A 311 34.39 6.06 12.59
CA ASN A 311 33.99 7.12 13.51
C ASN A 311 32.64 7.67 13.12
N SER A 312 31.80 6.85 12.51
CA SER A 312 30.46 7.31 12.16
C SER A 312 29.56 7.28 13.39
N GLU A 313 28.45 8.02 13.27
CA GLU A 313 27.54 8.19 14.40
C GLU A 313 26.80 6.89 14.68
N ILE A 314 26.44 6.15 13.63
CA ILE A 314 25.82 4.85 13.79
C ILE A 314 26.79 3.87 14.44
N PHE A 315 28.06 3.93 14.06
CA PHE A 315 29.03 3.01 14.64
C PHE A 315 29.30 3.33 16.10
N SER A 316 29.33 4.62 16.45
CA SER A 316 29.42 4.98 17.86
C SER A 316 28.18 4.56 18.62
N SER A 317 27.03 4.52 17.95
CA SER A 317 25.82 4.02 18.60
C SER A 317 25.92 2.53 18.89
N ILE A 318 26.55 1.78 17.99
CA ILE A 318 26.77 0.36 18.27
C ILE A 318 27.72 0.19 19.43
N LYS A 319 28.72 1.08 19.53
CA LYS A 319 29.67 0.99 20.63
C LYS A 319 29.00 1.30 21.96
N LYS A 320 28.13 2.31 21.99
CA LYS A 320 27.38 2.61 23.19
C LYS A 320 26.46 1.46 23.56
N LEU A 321 25.85 0.82 22.56
CA LEU A 321 24.95 -0.29 22.82
C LEU A 321 25.68 -1.52 23.34
N GLU A 322 26.88 -1.78 22.82
CA GLU A 322 27.60 -2.94 23.30
C GLU A 322 28.15 -2.72 24.70
N LYS A 323 28.53 -1.48 25.04
CA LYS A 323 28.94 -1.27 26.43
C LYS A 323 27.74 -1.25 27.36
N LEU A 324 26.57 -0.82 26.86
CA LEU A 324 25.34 -0.87 27.64
C LEU A 324 24.99 -2.31 27.98
N PHE A 325 25.01 -3.19 26.99
CA PHE A 325 24.73 -4.58 27.30
C PHE A 325 25.90 -5.30 27.95
N LYS A 326 27.08 -4.69 27.98
CA LYS A 326 28.13 -5.21 28.85
C LYS A 326 27.80 -4.95 30.31
N ASN A 327 27.44 -3.71 30.64
CA ASN A 327 27.12 -3.35 32.02
C ASN A 327 25.63 -3.50 32.34
N PHE A 328 24.91 -4.30 31.54
CA PHE A 328 23.47 -4.48 31.68
C PHE A 328 23.02 -4.96 33.06
N ASP A 329 23.85 -5.75 33.78
CA ASP A 329 23.38 -6.46 34.97
C ASP A 329 22.99 -5.53 36.11
N GLU A 330 23.46 -4.28 36.08
CA GLU A 330 23.12 -3.33 37.12
C GLU A 330 21.65 -2.90 37.07
N TYR A 331 21.04 -2.88 35.89
CA TYR A 331 19.61 -2.58 35.80
C TYR A 331 18.80 -3.73 36.35
N SER A 332 17.54 -3.44 36.69
CA SER A 332 16.66 -4.48 37.21
C SER A 332 16.13 -5.33 36.06
N SER A 333 15.79 -6.57 36.37
CA SER A 333 15.16 -7.45 35.40
C SER A 333 13.65 -7.35 35.43
N ALA A 334 13.11 -6.30 36.03
CA ALA A 334 11.68 -6.11 36.16
C ALA A 334 11.13 -5.11 35.15
N GLY A 335 11.95 -4.56 34.29
CA GLY A 335 11.46 -3.54 33.40
C GLY A 335 11.90 -3.71 31.97
N ILE A 336 12.83 -4.62 31.76
CA ILE A 336 13.44 -4.75 30.44
C ILE A 336 12.48 -5.55 29.59
N PHE A 337 11.49 -4.88 29.00
CA PHE A 337 10.39 -5.61 28.40
C PHE A 337 10.74 -6.07 26.99
N VAL A 338 10.51 -7.35 26.72
CA VAL A 338 10.74 -7.92 25.39
C VAL A 338 9.43 -7.94 24.63
N LYS A 339 9.48 -7.53 23.35
CA LYS A 339 8.26 -7.27 22.59
C LYS A 339 7.61 -8.58 22.19
N ASN A 340 6.31 -8.67 22.40
CA ASN A 340 5.55 -9.82 21.94
C ASN A 340 5.47 -9.80 20.42
N GLY A 341 5.38 -10.99 19.82
CA GLY A 341 5.04 -11.05 18.41
C GLY A 341 5.93 -11.96 17.61
N PRO A 342 6.47 -11.44 16.52
CA PRO A 342 7.25 -12.28 15.60
C PRO A 342 8.63 -12.64 16.14
N ALA A 343 9.33 -11.66 16.70
CA ALA A 343 10.71 -11.87 17.08
C ALA A 343 10.85 -12.75 18.31
N ILE A 344 9.75 -12.99 19.04
CA ILE A 344 9.85 -13.71 20.29
C ILE A 344 10.09 -15.19 20.03
N SER A 345 9.85 -15.67 18.81
CA SER A 345 10.26 -17.02 18.45
C SER A 345 11.77 -17.15 18.40
N THR A 346 12.46 -16.21 17.76
CA THR A 346 13.91 -16.28 17.72
C THR A 346 14.50 -16.02 19.08
N ILE A 347 13.84 -15.19 19.88
CA ILE A 347 14.29 -15.01 21.26
C ILE A 347 14.12 -16.29 22.05
N SER A 348 13.05 -17.05 21.79
CA SER A 348 12.90 -18.38 22.38
C SER A 348 14.00 -19.32 21.91
N LYS A 349 14.36 -19.23 20.63
CA LYS A 349 15.39 -20.10 20.07
C LYS A 349 16.74 -19.81 20.68
N ASP A 350 17.00 -18.57 21.06
CA ASP A 350 18.28 -18.23 21.64
C ASP A 350 18.26 -18.16 23.16
N ILE A 351 17.11 -18.26 23.80
CA ILE A 351 17.14 -18.26 25.26
C ILE A 351 16.91 -19.66 25.78
N PHE A 352 16.21 -20.50 25.02
CA PHE A 352 15.84 -21.81 25.51
C PHE A 352 16.39 -22.93 24.66
N GLY A 353 16.14 -22.92 23.36
CA GLY A 353 16.67 -23.96 22.51
C GLY A 353 15.78 -24.35 21.35
N GLU A 354 14.48 -24.07 21.45
CA GLU A 354 13.55 -24.40 20.38
C GLU A 354 12.66 -23.19 20.12
N TRP A 355 12.09 -23.16 18.91
CA TRP A 355 11.13 -22.16 18.46
C TRP A 355 9.82 -22.18 19.23
N ASN A 356 9.56 -23.14 20.11
CA ASN A 356 8.24 -23.25 20.72
C ASN A 356 8.30 -23.61 22.19
N VAL A 357 9.06 -22.89 22.99
CA VAL A 357 9.09 -23.19 24.42
C VAL A 357 8.43 -22.14 25.31
N ILE A 358 8.60 -20.86 24.99
CA ILE A 358 7.89 -19.79 25.71
C ILE A 358 6.39 -19.96 25.56
N ARG A 359 5.95 -20.33 24.36
CA ARG A 359 4.55 -20.57 24.11
C ARG A 359 4.04 -21.79 24.88
N ASP A 360 4.90 -22.80 25.10
CA ASP A 360 4.48 -23.95 25.88
C ASP A 360 4.32 -23.60 27.36
N LYS A 361 5.27 -22.84 27.90
CA LYS A 361 5.15 -22.45 29.31
C LYS A 361 3.95 -21.54 29.53
N TRP A 362 3.71 -20.60 28.60
CA TRP A 362 2.53 -19.74 28.70
C TRP A 362 1.26 -20.53 28.49
N ASN A 363 1.30 -21.55 27.62
CA ASN A 363 0.19 -22.46 27.43
C ASN A 363 -0.20 -23.15 28.71
N ALA A 364 0.78 -23.75 29.39
CA ALA A 364 0.53 -24.46 30.65
C ALA A 364 0.08 -23.51 31.75
N GLU A 365 0.68 -22.33 31.81
CA GLU A 365 0.29 -21.30 32.76
C GLU A 365 -1.13 -20.81 32.54
N TYR A 366 -1.60 -20.82 31.30
CA TYR A 366 -2.98 -20.43 31.04
C TYR A 366 -3.95 -21.58 31.28
N ASP A 367 -3.58 -22.79 30.89
CA ASP A 367 -4.53 -23.89 31.00
C ASP A 367 -4.67 -24.40 32.44
N ASP A 368 -3.65 -24.17 33.27
CA ASP A 368 -3.80 -24.51 34.69
C ASP A 368 -4.79 -23.58 35.41
N ILE A 369 -5.17 -22.47 34.79
CA ILE A 369 -6.20 -21.60 35.34
C ILE A 369 -7.51 -21.83 34.63
N HIS A 370 -7.52 -21.75 33.30
CA HIS A 370 -8.79 -21.75 32.58
C HIS A 370 -9.23 -23.13 32.11
N LEU A 371 -8.29 -24.06 31.90
CA LEU A 371 -8.67 -25.42 31.57
C LEU A 371 -9.32 -26.07 32.79
N LYS A 372 -10.22 -27.01 32.52
CA LYS A 372 -10.90 -27.72 33.60
C LYS A 372 -9.97 -28.76 34.19
N LYS A 373 -10.51 -29.63 35.02
CA LYS A 373 -9.69 -30.72 35.56
C LYS A 373 -9.57 -31.89 34.60
N LYS A 374 -10.14 -31.78 33.39
CA LYS A 374 -9.81 -32.68 32.31
C LYS A 374 -8.55 -32.16 31.60
N ALA A 375 -8.26 -32.70 30.42
CA ALA A 375 -7.10 -32.21 29.66
C ALA A 375 -7.36 -32.01 28.18
N VAL A 376 -8.41 -32.61 27.60
CA VAL A 376 -8.64 -32.53 26.17
C VAL A 376 -9.15 -31.12 25.85
N VAL A 377 -8.92 -30.66 24.63
CA VAL A 377 -9.26 -29.30 24.27
C VAL A 377 -10.35 -29.31 23.20
N THR A 378 -10.89 -28.12 22.93
CA THR A 378 -11.69 -27.90 21.75
C THR A 378 -10.96 -26.90 20.87
N GLU A 379 -11.33 -26.86 19.59
CA GLU A 379 -10.65 -25.95 18.67
C GLU A 379 -11.03 -24.50 18.95
N LYS A 380 -12.25 -24.26 19.43
CA LYS A 380 -12.63 -22.90 19.80
C LYS A 380 -11.85 -22.45 21.03
N TYR A 381 -11.62 -23.35 21.97
CA TYR A 381 -10.81 -23.00 23.13
C TYR A 381 -9.36 -22.80 22.73
N GLU A 382 -8.89 -23.50 21.70
CA GLU A 382 -7.54 -23.25 21.20
C GLU A 382 -7.43 -21.90 20.52
N ASP A 383 -8.44 -21.53 19.73
CA ASP A 383 -8.40 -20.23 19.04
C ASP A 383 -8.52 -19.10 20.05
N ASP A 384 -9.34 -19.28 21.09
CA ASP A 384 -9.38 -18.32 22.18
C ASP A 384 -8.07 -18.30 22.96
N ARG A 385 -7.40 -19.44 23.05
CA ARG A 385 -6.10 -19.51 23.69
C ARG A 385 -5.06 -18.72 22.91
N ARG A 386 -5.09 -18.85 21.59
CA ARG A 386 -4.17 -18.09 20.75
C ARG A 386 -4.49 -16.60 20.78
N LYS A 387 -5.78 -16.26 20.89
CA LYS A 387 -6.16 -14.86 21.00
C LYS A 387 -5.73 -14.29 22.35
N SER A 388 -5.82 -15.07 23.41
CA SER A 388 -5.36 -14.59 24.70
C SER A 388 -3.85 -14.50 24.76
N PHE A 389 -3.14 -15.32 23.98
CA PHE A 389 -1.69 -15.14 23.92
C PHE A 389 -1.32 -13.91 23.11
N LYS A 390 -2.05 -13.60 22.05
CA LYS A 390 -1.79 -12.38 21.32
C LYS A 390 -2.41 -11.15 21.99
N LYS A 391 -3.15 -11.34 23.08
CA LYS A 391 -3.68 -10.20 23.82
C LYS A 391 -2.58 -9.42 24.52
N ILE A 392 -1.52 -10.09 24.95
CA ILE A 392 -0.51 -9.45 25.77
C ILE A 392 0.40 -8.57 24.92
N GLY A 393 0.93 -7.52 25.53
CA GLY A 393 1.75 -6.56 24.82
C GLY A 393 3.23 -6.91 24.81
N SER A 394 3.76 -7.37 25.94
CA SER A 394 5.18 -7.68 26.06
C SER A 394 5.39 -8.59 27.26
N PHE A 395 6.62 -9.07 27.41
CA PHE A 395 7.01 -9.91 28.53
C PHE A 395 8.15 -9.27 29.31
N SER A 396 8.22 -9.58 30.60
CA SER A 396 9.33 -9.13 31.42
C SER A 396 10.44 -10.16 31.38
N LEU A 397 11.67 -9.68 31.54
CA LEU A 397 12.81 -10.58 31.63
C LEU A 397 12.74 -11.44 32.88
N GLU A 398 12.13 -10.91 33.94
CA GLU A 398 11.91 -11.67 35.16
C GLU A 398 10.97 -12.84 34.91
N GLN A 399 9.96 -12.66 34.05
CA GLN A 399 9.09 -13.78 33.73
C GLN A 399 9.81 -14.80 32.87
N LEU A 400 10.80 -14.37 32.09
CA LEU A 400 11.60 -15.36 31.37
C LEU A 400 12.53 -16.12 32.29
N GLN A 401 13.02 -15.47 33.34
CA GLN A 401 13.74 -16.21 34.38
C GLN A 401 12.78 -17.15 35.12
N GLU A 402 11.52 -16.76 35.26
CA GLU A 402 10.51 -17.62 35.85
C GLU A 402 10.26 -18.85 34.97
N TYR A 403 10.20 -18.65 33.66
CA TYR A 403 10.07 -19.76 32.74
C TYR A 403 11.29 -20.65 32.76
N ALA A 404 12.46 -20.05 32.96
CA ALA A 404 13.70 -20.80 32.90
C ALA A 404 13.86 -21.69 34.11
N ASP A 405 14.41 -22.89 33.89
CA ASP A 405 14.79 -23.78 34.95
C ASP A 405 16.20 -23.43 35.39
N ALA A 406 16.84 -24.32 36.15
CA ALA A 406 18.12 -24.02 36.77
C ALA A 406 19.23 -23.89 35.72
N ASP A 407 20.29 -23.18 36.13
CA ASP A 407 21.48 -22.89 35.32
C ASP A 407 21.13 -22.11 34.05
N LEU A 408 20.21 -21.16 34.17
CA LEU A 408 19.83 -20.31 33.04
C LEU A 408 19.63 -18.91 33.57
N SER A 409 20.70 -18.11 33.54
CA SER A 409 20.64 -16.71 33.91
C SER A 409 20.61 -15.89 32.62
N VAL A 410 19.46 -15.23 32.40
CA VAL A 410 19.25 -14.47 31.19
C VAL A 410 20.18 -13.28 31.11
N VAL A 411 20.58 -12.76 32.28
CA VAL A 411 21.46 -11.61 32.35
C VAL A 411 22.88 -11.95 31.90
N GLU A 412 23.22 -13.23 31.83
CA GLU A 412 24.42 -13.66 31.13
C GLU A 412 24.12 -14.09 29.69
N LYS A 413 23.00 -14.79 29.48
CA LYS A 413 22.78 -15.43 28.18
C LYS A 413 22.51 -14.40 27.09
N LEU A 414 21.64 -13.44 27.36
CA LEU A 414 21.38 -12.39 26.39
C LEU A 414 22.59 -11.50 26.20
N LYS A 415 23.37 -11.31 27.27
CA LYS A 415 24.58 -10.50 27.17
C LYS A 415 25.61 -11.15 26.27
N GLU A 416 25.81 -12.46 26.41
CA GLU A 416 26.79 -13.12 25.54
C GLU A 416 26.27 -13.26 24.11
N ILE A 417 24.94 -13.37 23.93
CA ILE A 417 24.37 -13.40 22.59
C ILE A 417 24.62 -12.07 21.88
N ILE A 418 24.35 -10.97 22.57
CA ILE A 418 24.51 -9.67 21.94
C ILE A 418 25.98 -9.33 21.77
N ILE A 419 26.86 -9.80 22.67
CA ILE A 419 28.27 -9.57 22.41
C ILE A 419 28.77 -10.48 21.29
N GLN A 420 28.12 -11.62 21.06
CA GLN A 420 28.45 -12.42 19.89
C GLN A 420 28.06 -11.68 18.61
N LYS A 421 26.90 -11.02 18.65
CA LYS A 421 26.47 -10.28 17.47
C LYS A 421 27.35 -9.07 17.20
N VAL A 422 27.78 -8.40 18.26
CA VAL A 422 28.62 -7.21 18.07
C VAL A 422 30.00 -7.63 17.58
N ASP A 423 30.52 -8.75 18.08
CA ASP A 423 31.78 -9.24 17.56
C ASP A 423 31.63 -9.75 16.14
N GLU A 424 30.43 -10.17 15.76
CA GLU A 424 30.19 -10.56 14.37
C GLU A 424 30.22 -9.34 13.45
N ILE A 425 29.65 -8.24 13.92
CA ILE A 425 29.77 -6.99 13.18
C ILE A 425 31.22 -6.52 13.13
N TYR A 426 31.99 -6.79 14.18
CA TYR A 426 33.41 -6.43 14.14
C TYR A 426 34.17 -7.33 13.18
N LYS A 427 33.78 -8.59 13.05
CA LYS A 427 34.44 -9.46 12.09
C LYS A 427 34.09 -9.07 10.67
N VAL A 428 32.86 -8.62 10.42
CA VAL A 428 32.58 -8.15 9.07
C VAL A 428 33.20 -6.78 8.83
N TYR A 429 33.49 -6.02 9.89
CA TYR A 429 34.37 -4.86 9.72
C TYR A 429 35.77 -5.29 9.34
N GLY A 430 36.25 -6.39 9.93
CA GLY A 430 37.52 -6.96 9.54
C GLY A 430 37.51 -7.53 8.14
N SER A 431 36.33 -7.82 7.62
CA SER A 431 36.20 -8.16 6.20
C SER A 431 36.19 -6.92 5.33
N SER A 432 35.53 -5.86 5.79
CA SER A 432 35.23 -4.71 4.95
C SER A 432 36.18 -3.54 5.18
N GLU A 433 37.26 -3.76 5.93
CA GLU A 433 38.20 -2.69 6.26
C GLU A 433 38.93 -2.11 5.06
N LYS A 434 38.89 -2.76 3.90
CA LYS A 434 39.45 -2.16 2.69
C LYS A 434 38.54 -1.12 2.07
N LEU A 435 37.39 -0.81 2.66
CA LEU A 435 36.40 0.01 1.98
C LEU A 435 36.33 1.43 2.50
N PHE A 436 36.58 1.66 3.79
CA PHE A 436 36.58 3.01 4.33
C PHE A 436 37.96 3.63 4.36
N ASP A 437 38.82 3.28 3.41
CA ASP A 437 40.16 3.81 3.30
C ASP A 437 40.22 4.99 2.34
N ALA A 438 41.14 5.92 2.62
CA ALA A 438 41.17 7.21 1.92
C ALA A 438 41.62 7.07 0.47
N ASP A 439 42.44 6.06 0.17
CA ASP A 439 42.95 5.87 -1.19
C ASP A 439 42.15 4.82 -1.92
N PHE A 440 40.83 4.80 -1.72
CA PHE A 440 40.02 3.76 -2.33
C PHE A 440 39.76 4.07 -3.80
N VAL A 441 39.64 3.01 -4.59
CA VAL A 441 39.46 3.11 -6.02
C VAL A 441 38.18 2.38 -6.43
N LEU A 442 37.60 2.82 -7.54
CA LEU A 442 36.46 2.18 -8.16
C LEU A 442 36.94 1.70 -9.52
N GLU A 443 37.18 0.40 -9.64
CA GLU A 443 37.72 -0.14 -10.87
C GLU A 443 36.63 -0.44 -11.89
N LYS A 444 35.40 -0.67 -11.43
CA LYS A 444 34.27 -0.93 -12.29
C LYS A 444 33.04 -0.30 -11.63
N SER A 445 32.10 0.14 -12.46
CA SER A 445 30.86 0.67 -11.95
C SER A 445 30.08 -0.41 -11.22
N LEU A 446 29.19 0.03 -10.33
CA LEU A 446 28.50 -0.91 -9.44
C LEU A 446 27.51 -1.80 -10.16
N LYS A 447 27.15 -1.46 -11.39
CA LYS A 447 26.31 -2.35 -12.18
C LYS A 447 27.06 -3.61 -12.59
N LYS A 448 28.36 -3.50 -12.87
CA LYS A 448 29.11 -4.66 -13.32
C LYS A 448 30.07 -5.22 -12.28
N ASN A 449 30.39 -4.44 -11.25
CA ASN A 449 31.20 -4.92 -10.14
C ASN A 449 30.36 -5.79 -9.22
N ASP A 450 31.02 -6.75 -8.60
CA ASP A 450 30.33 -7.63 -7.68
C ASP A 450 30.89 -7.60 -6.27
N ALA A 451 32.22 -7.61 -6.13
CA ALA A 451 32.83 -7.78 -4.82
C ALA A 451 32.56 -6.59 -3.91
N VAL A 452 32.63 -5.39 -4.46
CA VAL A 452 32.42 -4.17 -3.69
C VAL A 452 30.98 -4.09 -3.20
N VAL A 453 30.04 -4.35 -4.10
CA VAL A 453 28.65 -4.17 -3.74
C VAL A 453 28.19 -5.30 -2.82
N ALA A 454 28.74 -6.50 -2.97
CA ALA A 454 28.39 -7.55 -2.03
C ALA A 454 28.99 -7.30 -0.66
N ILE A 455 30.14 -6.63 -0.60
CA ILE A 455 30.73 -6.23 0.67
C ILE A 455 29.81 -5.25 1.39
N MET A 456 29.31 -4.27 0.63
CA MET A 456 28.37 -3.29 1.18
C MET A 456 27.08 -3.96 1.63
N LYS A 457 26.67 -4.98 0.88
CA LYS A 457 25.47 -5.72 1.21
C LYS A 457 25.62 -6.46 2.52
N ASP A 458 26.77 -7.11 2.71
CA ASP A 458 27.00 -7.85 3.94
C ASP A 458 27.06 -6.92 5.14
N LEU A 459 27.69 -5.75 4.95
CA LEU A 459 27.74 -4.76 6.03
C LEU A 459 26.34 -4.28 6.42
N LEU A 460 25.55 -3.89 5.41
CA LEU A 460 24.25 -3.30 5.68
C LEU A 460 23.29 -4.33 6.24
N ASP A 461 23.32 -5.55 5.72
CA ASP A 461 22.44 -6.57 6.24
C ASP A 461 22.87 -7.01 7.63
N SER A 462 24.18 -6.95 7.94
CA SER A 462 24.62 -7.35 9.26
C SER A 462 24.17 -6.35 10.31
N VAL A 463 24.36 -5.06 10.03
CA VAL A 463 23.90 -4.03 10.96
C VAL A 463 22.38 -4.02 11.04
N LYS A 464 21.71 -4.31 9.92
CA LYS A 464 20.26 -4.36 9.90
C LYS A 464 19.74 -5.54 10.71
N SER A 465 20.42 -6.68 10.63
CA SER A 465 20.05 -7.82 11.44
C SER A 465 20.29 -7.55 12.90
N PHE A 466 21.33 -6.78 13.18
CA PHE A 466 21.59 -6.40 14.56
C PHE A 466 20.48 -5.51 15.09
N GLU A 467 19.99 -4.59 14.27
CA GLU A 467 18.86 -3.76 14.67
C GLU A 467 17.62 -4.60 14.89
N ASN A 468 17.36 -5.55 13.99
CA ASN A 468 16.20 -6.40 14.13
C ASN A 468 16.29 -7.29 15.36
N TYR A 469 17.51 -7.62 15.79
CA TYR A 469 17.62 -8.39 17.02
C TYR A 469 17.43 -7.52 18.25
N ILE A 470 17.97 -6.29 18.22
CA ILE A 470 17.85 -5.39 19.35
C ILE A 470 16.41 -4.90 19.52
N LYS A 471 15.62 -4.97 18.44
CA LYS A 471 14.38 -4.21 18.28
C LYS A 471 13.36 -4.50 19.38
N ALA A 472 13.29 -5.74 19.83
CA ALA A 472 12.18 -6.13 20.70
C ALA A 472 12.31 -5.60 22.13
N PHE A 473 13.35 -4.85 22.45
CA PHE A 473 13.49 -4.29 23.79
C PHE A 473 12.86 -2.91 23.89
N PHE A 474 11.62 -2.79 23.45
CA PHE A 474 10.85 -1.57 23.62
C PHE A 474 9.62 -1.78 24.47
N GLY A 475 8.83 -2.81 24.18
CA GLY A 475 7.62 -3.06 24.93
C GLY A 475 6.57 -1.99 24.79
N GLU A 476 6.60 -1.23 23.69
CA GLU A 476 5.63 -0.19 23.28
C GLU A 476 5.36 0.86 24.38
N GLY A 477 6.23 0.90 25.40
CA GLY A 477 6.10 1.85 26.50
C GLY A 477 4.70 1.84 27.10
N LYS A 478 4.30 2.99 27.69
CA LYS A 478 3.02 3.13 28.44
C LYS A 478 2.74 1.89 29.29
N GLU A 479 3.68 1.54 30.18
CA GLU A 479 3.53 0.34 31.05
C GLU A 479 3.68 0.75 32.52
N THR A 480 4.28 -0.11 33.34
CA THR A 480 4.48 0.15 34.76
C THR A 480 5.84 0.80 34.97
N ASN A 481 6.40 0.71 36.18
CA ASN A 481 7.74 1.21 36.38
C ASN A 481 8.71 0.30 35.62
N ARG A 482 8.97 0.69 34.39
CA ARG A 482 10.02 0.14 33.57
C ARG A 482 11.32 0.87 33.85
N ASP A 483 12.43 0.24 33.48
CA ASP A 483 13.76 0.77 33.81
C ASP A 483 14.04 1.95 32.91
N GLU A 484 13.61 3.13 33.37
CA GLU A 484 13.78 4.34 32.59
C GLU A 484 15.24 4.75 32.50
N SER A 485 16.04 4.41 33.51
CA SER A 485 17.48 4.67 33.45
C SER A 485 18.19 3.84 32.40
N PHE A 486 17.57 2.73 31.95
CA PHE A 486 18.08 1.92 30.84
C PHE A 486 17.51 2.38 29.51
N TYR A 487 16.20 2.62 29.47
CA TYR A 487 15.57 3.01 28.21
C TYR A 487 16.03 4.39 27.76
N GLY A 488 16.46 5.24 28.70
CA GLY A 488 16.83 6.61 28.35
C GLY A 488 18.06 6.70 27.47
N ASP A 489 19.01 5.79 27.64
CA ASP A 489 20.11 5.70 26.70
C ASP A 489 19.86 4.67 25.62
N PHE A 490 18.97 3.72 25.87
CA PHE A 490 18.67 2.72 24.87
C PHE A 490 18.01 3.34 23.65
N VAL A 491 16.99 4.18 23.86
CA VAL A 491 16.38 4.86 22.74
C VAL A 491 17.34 5.90 22.17
N LEU A 492 18.25 6.41 23.00
CA LEU A 492 19.22 7.41 22.59
C LEU A 492 20.35 6.83 21.77
N ALA A 493 20.47 5.50 21.75
CA ALA A 493 21.28 4.84 20.74
C ALA A 493 20.44 4.28 19.60
N TYR A 494 19.19 3.92 19.89
CA TYR A 494 18.39 3.24 18.88
C TYR A 494 17.92 4.19 17.80
N ASP A 495 17.74 5.47 18.14
CA ASP A 495 17.40 6.47 17.12
C ASP A 495 18.51 6.59 16.10
N ILE A 496 19.75 6.40 16.54
CA ILE A 496 20.88 6.44 15.64
C ILE A 496 21.01 5.14 14.88
N LEU A 497 20.68 4.01 15.51
CA LEU A 497 20.73 2.76 14.77
C LEU A 497 19.60 2.65 13.75
N LEU A 498 18.51 3.37 13.93
CA LEU A 498 17.44 3.35 12.94
C LEU A 498 17.78 4.16 11.70
N LYS A 499 18.86 4.93 11.70
CA LYS A 499 19.21 5.69 10.51
C LYS A 499 19.76 4.84 9.39
N VAL A 500 20.04 3.56 9.63
CA VAL A 500 20.65 2.74 8.59
C VAL A 500 19.64 2.41 7.51
N ASP A 501 18.34 2.53 7.77
CA ASP A 501 17.33 2.30 6.75
C ASP A 501 17.36 3.38 5.69
N HIS A 502 17.76 4.59 6.06
CA HIS A 502 17.98 5.64 5.09
C HIS A 502 19.12 5.31 4.15
N ILE A 503 20.03 4.41 4.55
CA ILE A 503 21.14 3.99 3.69
C ILE A 503 20.78 2.72 2.95
N TYR A 504 19.98 1.87 3.59
CA TYR A 504 19.57 0.62 2.95
C TYR A 504 18.62 0.88 1.81
N ASP A 505 17.60 1.70 2.05
CA ASP A 505 16.70 2.12 0.99
C ASP A 505 17.27 3.25 0.15
N ALA A 506 18.57 3.52 0.25
CA ALA A 506 19.27 4.31 -0.75
C ALA A 506 20.14 3.44 -1.63
N ILE A 507 20.91 2.56 -1.01
CA ILE A 507 21.82 1.72 -1.78
C ILE A 507 21.04 0.68 -2.58
N ARG A 508 19.97 0.13 -2.01
CA ARG A 508 19.22 -0.91 -2.71
C ARG A 508 18.52 -0.35 -3.94
N ASN A 509 17.77 0.73 -3.77
CA ASN A 509 17.14 1.29 -4.95
C ASN A 509 18.11 2.09 -5.80
N TYR A 510 19.36 2.29 -5.38
CA TYR A 510 20.32 2.74 -6.35
C TYR A 510 20.78 1.59 -7.25
N VAL A 511 21.05 0.43 -6.67
CA VAL A 511 21.63 -0.60 -7.52
C VAL A 511 20.55 -1.31 -8.34
N THR A 512 19.32 -1.39 -7.84
CA THR A 512 18.31 -2.10 -8.60
C THR A 512 17.62 -1.25 -9.65
N GLN A 513 17.98 0.02 -9.77
CA GLN A 513 17.38 0.83 -10.81
C GLN A 513 17.94 0.44 -12.17
N LYS A 514 17.18 0.77 -13.20
CA LYS A 514 17.58 0.45 -14.56
C LYS A 514 18.76 1.34 -14.96
N PRO A 515 19.46 0.99 -16.04
CA PRO A 515 20.39 1.97 -16.61
C PRO A 515 19.68 3.18 -17.16
N TYR A 516 18.47 3.02 -17.69
CA TYR A 516 17.74 4.16 -18.18
C TYR A 516 17.02 4.86 -17.03
N SER A 517 16.26 5.90 -17.33
CA SER A 517 15.66 6.70 -16.27
C SER A 517 14.40 7.36 -16.78
N LYS A 518 13.34 7.28 -16.00
CA LYS A 518 12.01 7.74 -16.40
C LYS A 518 11.63 9.06 -15.77
N ASP A 519 12.54 10.02 -15.69
CA ASP A 519 12.17 11.32 -15.17
C ASP A 519 11.49 12.17 -16.23
N LYS A 520 10.42 12.84 -15.86
CA LYS A 520 9.68 13.64 -16.81
C LYS A 520 9.09 14.85 -16.10
N PHE A 521 8.82 15.89 -16.87
CA PHE A 521 8.23 17.09 -16.35
C PHE A 521 6.97 17.40 -17.12
N LYS A 522 6.01 18.00 -16.44
CA LYS A 522 4.76 18.34 -17.11
C LYS A 522 5.01 19.48 -18.07
N LEU A 523 4.48 19.35 -19.28
CA LEU A 523 4.62 20.40 -20.29
C LEU A 523 3.43 21.34 -20.20
N TYR A 524 3.72 22.65 -20.12
CA TYR A 524 2.68 23.64 -19.90
C TYR A 524 2.44 24.57 -21.09
N PHE A 525 3.44 24.70 -21.97
CA PHE A 525 3.30 25.51 -23.20
C PHE A 525 2.94 26.95 -22.86
N GLN A 526 3.59 27.52 -21.85
CA GLN A 526 3.56 29.00 -21.62
C GLN A 526 2.30 29.36 -20.83
N ASN A 527 1.45 28.36 -20.54
CA ASN A 527 0.12 28.61 -19.92
C ASN A 527 -0.02 27.75 -18.67
N PRO A 528 -0.49 28.31 -17.53
CA PRO A 528 -0.81 27.50 -16.34
C PRO A 528 -2.14 26.75 -16.50
N GLN A 529 -3.07 27.33 -17.26
CA GLN A 529 -4.37 26.67 -17.55
C GLN A 529 -4.26 25.89 -18.86
N PHE A 530 -3.95 24.59 -18.78
CA PHE A 530 -3.48 23.82 -19.96
C PHE A 530 -4.22 22.47 -20.08
N MET A 531 -4.98 22.32 -21.17
CA MET A 531 -5.68 21.05 -21.51
C MET A 531 -6.52 20.52 -20.35
N GLY A 532 -7.25 21.37 -19.63
CA GLY A 532 -8.10 20.81 -18.57
C GLY A 532 -9.24 20.07 -19.20
N GLY A 533 -9.84 20.67 -20.21
CA GLY A 533 -10.99 20.02 -20.81
C GLY A 533 -10.81 19.84 -22.29
N TRP A 534 -11.88 19.47 -23.00
CA TRP A 534 -11.86 19.39 -24.48
C TRP A 534 -13.11 20.07 -25.05
N ASP A 535 -13.73 20.95 -24.27
CA ASP A 535 -15.03 21.55 -24.64
C ASP A 535 -14.82 22.54 -25.81
N LYS A 536 -15.55 22.32 -26.91
CA LYS A 536 -15.86 23.39 -27.85
C LYS A 536 -16.52 24.52 -27.07
N ASP A 537 -16.26 25.75 -27.51
CA ASP A 537 -16.57 27.00 -26.81
C ASP A 537 -15.86 27.11 -25.46
N LYS A 538 -14.82 26.31 -25.25
CA LYS A 538 -13.79 26.61 -24.27
C LYS A 538 -12.42 26.25 -24.82
N GLU A 539 -12.36 25.81 -26.07
CA GLU A 539 -11.10 25.33 -26.61
C GLU A 539 -10.14 26.44 -26.94
N THR A 540 -10.60 27.68 -27.09
CA THR A 540 -9.64 28.76 -27.24
C THR A 540 -8.99 29.13 -25.94
N ASP A 541 -9.53 28.66 -24.82
CA ASP A 541 -8.92 28.82 -23.52
C ASP A 541 -8.05 27.63 -23.17
N TYR A 542 -8.58 26.41 -23.30
CA TYR A 542 -7.80 25.22 -22.97
C TYR A 542 -6.68 24.98 -23.95
N ARG A 543 -6.90 25.35 -25.22
CA ARG A 543 -5.83 25.32 -26.25
C ARG A 543 -5.32 23.88 -26.41
N ALA A 544 -6.20 22.97 -26.83
CA ALA A 544 -5.78 21.64 -27.25
C ALA A 544 -6.94 20.91 -27.91
N THR A 545 -6.68 20.27 -29.04
CA THR A 545 -7.71 19.53 -29.76
C THR A 545 -7.12 18.30 -30.41
N ILE A 546 -8.01 17.44 -30.90
CA ILE A 546 -7.65 16.10 -31.38
C ILE A 546 -8.28 15.87 -32.74
N LEU A 547 -7.46 15.46 -33.71
CA LEU A 547 -7.87 15.27 -35.10
C LEU A 547 -7.64 13.83 -35.53
N ARG A 548 -8.61 13.27 -36.24
CA ARG A 548 -8.46 11.95 -36.83
C ARG A 548 -8.31 12.08 -38.33
N TYR A 549 -7.63 11.13 -38.95
CA TYR A 549 -7.46 11.08 -40.39
C TYR A 549 -7.08 9.67 -40.78
N GLY A 550 -8.01 8.94 -41.37
CA GLY A 550 -7.73 7.54 -41.62
C GLY A 550 -7.68 6.80 -40.30
N SER A 551 -6.48 6.53 -39.83
CA SER A 551 -6.32 6.08 -38.47
C SER A 551 -5.13 6.68 -37.76
N LYS A 552 -4.29 7.46 -38.43
CA LYS A 552 -3.18 8.12 -37.75
C LYS A 552 -3.73 9.29 -36.99
N TYR A 553 -3.98 9.11 -35.70
CA TYR A 553 -4.63 10.14 -34.91
C TYR A 553 -3.67 11.30 -34.63
N TYR A 554 -4.20 12.38 -34.08
CA TYR A 554 -3.37 13.55 -33.96
C TYR A 554 -3.79 14.38 -32.74
N LEU A 555 -2.81 15.02 -32.13
CA LEU A 555 -3.04 15.98 -31.07
C LEU A 555 -2.62 17.35 -31.56
N ALA A 556 -3.45 18.35 -31.31
CA ALA A 556 -3.23 19.69 -31.83
C ALA A 556 -3.00 20.66 -30.69
N ILE A 557 -1.92 21.42 -30.78
CA ILE A 557 -1.62 22.45 -29.80
C ILE A 557 -1.53 23.78 -30.50
N MET A 558 -2.39 24.71 -30.09
CA MET A 558 -2.43 26.05 -30.67
C MET A 558 -1.70 27.03 -29.77
N ASP A 559 -0.82 27.84 -30.35
CA ASP A 559 -0.06 28.79 -29.56
C ASP A 559 -0.93 29.96 -29.12
N LYS A 560 -0.56 30.54 -27.99
CA LYS A 560 -1.43 31.53 -27.35
C LYS A 560 -1.40 32.86 -28.08
N LYS A 561 -0.40 33.09 -28.93
CA LYS A 561 -0.45 34.27 -29.77
C LYS A 561 -1.50 34.14 -30.85
N TYR A 562 -1.87 32.92 -31.23
CA TYR A 562 -2.77 32.69 -32.34
C TYR A 562 -3.83 31.69 -31.94
N ALA A 563 -4.48 31.93 -30.81
CA ALA A 563 -5.28 30.90 -30.16
C ALA A 563 -6.63 30.65 -30.82
N LYS A 564 -6.84 31.03 -32.07
CA LYS A 564 -8.10 30.77 -32.74
C LYS A 564 -7.89 30.24 -34.15
N CYS A 565 -6.86 29.43 -34.35
CA CYS A 565 -6.55 28.91 -35.67
C CYS A 565 -7.36 27.72 -36.09
N LEU A 566 -8.47 27.41 -35.43
CA LEU A 566 -9.35 26.36 -35.90
C LEU A 566 -10.78 26.83 -36.08
N GLN A 567 -11.08 28.09 -35.78
CA GLN A 567 -12.47 28.50 -35.86
C GLN A 567 -12.88 28.84 -37.28
N LYS A 568 -12.05 29.56 -38.02
CA LYS A 568 -12.41 30.01 -39.36
C LYS A 568 -11.87 29.04 -40.41
N ILE A 569 -12.38 27.82 -40.36
CA ILE A 569 -12.03 26.77 -41.31
C ILE A 569 -13.29 26.35 -42.04
N ASP A 570 -13.21 26.26 -43.37
CA ASP A 570 -14.34 25.81 -44.16
C ASP A 570 -14.41 24.30 -44.19
N LYS A 571 -15.63 23.81 -44.42
CA LYS A 571 -15.82 22.40 -44.73
C LYS A 571 -15.23 22.14 -46.11
N ASP A 572 -13.97 21.72 -46.14
CA ASP A 572 -13.23 21.69 -47.40
C ASP A 572 -13.78 20.62 -48.33
N ASP A 573 -13.70 20.91 -49.63
CA ASP A 573 -14.31 20.09 -50.67
C ASP A 573 -13.32 19.64 -51.73
N VAL A 574 -12.04 19.95 -51.57
CA VAL A 574 -11.01 19.42 -52.44
C VAL A 574 -10.43 18.13 -51.87
N ASN A 575 -11.16 17.50 -50.94
CA ASN A 575 -11.00 16.13 -50.47
C ASN A 575 -9.73 15.91 -49.67
N GLY A 576 -9.06 16.98 -49.25
CA GLY A 576 -8.03 16.84 -48.24
C GLY A 576 -8.59 17.31 -46.92
N ASN A 577 -8.81 16.40 -45.97
CA ASN A 577 -9.50 16.76 -44.74
C ASN A 577 -8.82 16.13 -43.54
N TYR A 578 -8.91 16.82 -42.41
CA TYR A 578 -8.79 16.21 -41.09
C TYR A 578 -10.16 16.29 -40.46
N GLU A 579 -10.69 15.15 -40.03
CA GLU A 579 -11.88 15.24 -39.20
C GLU A 579 -11.48 15.81 -37.85
N LYS A 580 -12.39 16.56 -37.25
CA LYS A 580 -12.07 17.30 -36.03
C LYS A 580 -13.18 17.09 -35.03
N ILE A 581 -12.79 16.87 -33.77
CA ILE A 581 -13.72 16.64 -32.67
C ILE A 581 -14.56 17.87 -32.40
N ASN A 582 -15.62 17.70 -31.63
CA ASN A 582 -16.28 18.85 -31.04
C ASN A 582 -16.35 18.74 -29.52
N TYR A 583 -16.64 17.53 -29.01
CA TYR A 583 -16.59 17.18 -27.56
C TYR A 583 -17.40 18.07 -26.60
N LYS A 584 -18.73 18.10 -26.72
CA LYS A 584 -19.58 18.89 -25.84
C LYS A 584 -19.87 18.07 -24.60
N LEU A 585 -19.46 18.59 -23.44
CA LEU A 585 -19.66 17.89 -22.18
C LEU A 585 -20.20 18.87 -21.17
N LEU A 586 -21.38 18.62 -20.69
CA LEU A 586 -21.92 19.34 -19.57
C LEU A 586 -21.26 18.79 -18.32
N PRO A 587 -20.45 19.55 -17.64
CA PRO A 587 -19.70 18.99 -16.51
C PRO A 587 -20.41 19.08 -15.17
N GLY A 588 -20.75 17.95 -14.57
CA GLY A 588 -21.23 17.93 -13.21
C GLY A 588 -22.58 18.62 -13.03
N PRO A 589 -23.63 18.02 -13.57
CA PRO A 589 -24.88 18.75 -13.69
C PRO A 589 -25.68 18.81 -12.42
N ASN A 590 -25.28 18.13 -11.36
CA ASN A 590 -26.02 18.35 -10.13
C ASN A 590 -25.62 19.66 -9.48
N LYS A 591 -24.41 20.13 -9.71
CA LYS A 591 -23.97 21.38 -9.11
C LYS A 591 -23.36 22.27 -10.16
N MET A 592 -23.85 22.18 -11.39
CA MET A 592 -23.58 23.24 -12.37
C MET A 592 -24.84 24.03 -12.66
N LEU A 593 -25.97 23.32 -12.68
CA LEU A 593 -27.24 23.99 -12.98
C LEU A 593 -27.63 25.04 -11.93
N PRO A 594 -27.57 24.79 -10.62
CA PRO A 594 -27.78 25.92 -9.71
C PRO A 594 -26.64 26.90 -9.69
N LYS A 595 -25.47 26.53 -10.20
CA LYS A 595 -24.42 27.52 -10.29
C LYS A 595 -24.72 28.54 -11.35
N VAL A 596 -25.40 28.16 -12.43
CA VAL A 596 -25.66 29.07 -13.52
C VAL A 596 -27.04 29.71 -13.43
N PHE A 597 -28.07 28.98 -13.02
CA PHE A 597 -29.42 29.51 -13.15
C PHE A 597 -29.82 30.35 -11.97
N PHE A 598 -28.88 30.78 -11.16
CA PHE A 598 -29.15 31.75 -10.10
C PHE A 598 -28.01 32.74 -9.97
N SER A 599 -27.34 33.06 -11.07
CA SER A 599 -26.07 33.76 -10.97
C SER A 599 -26.08 35.09 -11.68
N LYS A 600 -27.08 35.94 -11.41
CA LYS A 600 -27.02 37.39 -11.60
C LYS A 600 -27.06 37.81 -13.06
N LYS A 601 -26.87 36.89 -13.99
CA LYS A 601 -27.08 37.19 -15.39
C LYS A 601 -28.16 36.33 -15.99
N TRP A 602 -28.24 35.07 -15.58
CA TRP A 602 -29.43 34.30 -15.90
C TRP A 602 -30.63 34.80 -15.12
N MET A 603 -30.40 35.37 -13.94
CA MET A 603 -31.49 35.97 -13.19
C MET A 603 -31.93 37.27 -13.83
N ALA A 604 -31.10 37.84 -14.70
CA ALA A 604 -31.47 39.03 -15.45
C ALA A 604 -31.70 38.74 -16.93
N TYR A 605 -31.71 37.48 -17.33
CA TYR A 605 -32.17 37.12 -18.67
C TYR A 605 -33.46 36.32 -18.60
N TYR A 606 -33.44 35.22 -17.84
CA TYR A 606 -34.63 34.35 -17.67
C TYR A 606 -35.12 34.44 -16.21
N ASN A 607 -36.11 35.29 -15.97
CA ASN A 607 -36.63 35.53 -14.60
C ASN A 607 -37.07 34.22 -13.93
N PRO A 608 -36.40 33.77 -12.84
CA PRO A 608 -36.83 32.59 -12.10
C PRO A 608 -38.07 33.05 -11.32
N SER A 609 -39.11 32.21 -11.29
CA SER A 609 -40.39 32.56 -10.60
C SER A 609 -40.08 33.12 -9.20
N GLU A 610 -41.02 33.89 -8.64
CA GLU A 610 -40.85 34.46 -7.28
C GLU A 610 -40.82 33.30 -6.28
N ASP A 611 -41.67 32.29 -6.51
CA ASP A 611 -41.74 31.09 -5.64
C ASP A 611 -40.60 30.13 -6.02
N ILE A 612 -40.05 30.27 -7.24
CA ILE A 612 -38.97 29.40 -7.66
C ILE A 612 -37.67 29.81 -6.99
N GLN A 613 -37.39 31.12 -6.98
CA GLN A 613 -36.22 31.63 -6.27
C GLN A 613 -36.30 31.29 -4.79
N LYS A 614 -37.49 31.37 -4.21
CA LYS A 614 -37.64 31.05 -2.79
C LYS A 614 -37.51 29.57 -2.54
N ILE A 615 -37.96 28.74 -3.49
CA ILE A 615 -37.93 27.31 -3.27
C ILE A 615 -36.52 26.78 -3.43
N TYR A 616 -35.69 27.48 -4.21
CA TYR A 616 -34.29 27.11 -4.28
C TYR A 616 -33.50 27.69 -3.11
N LYS A 617 -33.85 28.90 -2.67
CA LYS A 617 -33.13 29.54 -1.58
C LYS A 617 -33.38 28.82 -0.27
N ASN A 618 -34.63 28.46 0.00
CA ASN A 618 -34.87 27.57 1.13
C ASN A 618 -34.36 26.17 0.82
N GLY A 619 -34.39 25.77 -0.44
CA GLY A 619 -33.83 24.50 -0.83
C GLY A 619 -34.62 23.31 -0.33
N THR A 620 -35.82 23.12 -0.88
CA THR A 620 -36.62 21.95 -0.53
C THR A 620 -36.51 20.85 -1.55
N PHE A 621 -35.72 21.05 -2.62
CA PHE A 621 -35.52 19.98 -3.59
C PHE A 621 -34.67 18.86 -3.02
N LYS A 622 -33.84 19.16 -2.04
CA LYS A 622 -33.05 18.13 -1.40
C LYS A 622 -33.94 17.23 -0.55
N LYS A 623 -33.31 16.23 0.06
CA LYS A 623 -33.99 15.29 1.00
C LYS A 623 -34.03 15.92 2.40
N GLY A 624 -34.42 15.15 3.42
CA GLY A 624 -34.48 15.69 4.80
C GLY A 624 -35.89 15.96 5.30
N ASP A 625 -36.91 15.52 4.54
CA ASP A 625 -38.38 15.59 4.82
C ASP A 625 -38.97 16.94 4.42
N MET A 626 -38.14 17.87 3.93
CA MET A 626 -38.63 19.18 3.42
C MET A 626 -38.90 18.96 1.93
N PHE A 627 -38.63 17.73 1.51
CA PHE A 627 -38.74 17.22 0.15
C PHE A 627 -40.21 17.03 -0.22
N ASN A 628 -40.63 17.79 -1.22
CA ASN A 628 -42.03 17.83 -1.64
C ASN A 628 -42.09 17.69 -3.14
N LEU A 629 -42.90 16.73 -3.61
CA LEU A 629 -42.85 16.32 -5.00
C LEU A 629 -43.39 17.40 -5.92
N ASN A 630 -44.64 17.82 -5.71
CA ASN A 630 -45.24 18.85 -6.55
C ASN A 630 -44.74 20.24 -6.21
N ASP A 631 -43.87 20.37 -5.22
CA ASP A 631 -43.14 21.62 -5.06
C ASP A 631 -41.84 21.61 -5.88
N CYS A 632 -41.07 20.52 -5.82
CA CYS A 632 -39.84 20.47 -6.62
C CYS A 632 -40.12 20.23 -8.08
N HIS A 633 -41.33 19.81 -8.44
CA HIS A 633 -41.63 19.60 -9.86
C HIS A 633 -41.71 20.91 -10.61
N LYS A 634 -42.07 22.01 -9.95
CA LYS A 634 -42.00 23.30 -10.63
C LYS A 634 -40.56 23.70 -10.86
N LEU A 635 -39.67 23.36 -9.92
CA LEU A 635 -38.24 23.58 -10.13
C LEU A 635 -37.71 22.74 -11.28
N ILE A 636 -38.22 21.52 -11.39
CA ILE A 636 -37.87 20.65 -12.49
C ILE A 636 -38.33 21.24 -13.82
N ASP A 637 -39.55 21.78 -13.86
CA ASP A 637 -40.02 22.42 -15.07
C ASP A 637 -39.25 23.70 -15.37
N PHE A 638 -38.80 24.41 -14.34
CA PHE A 638 -38.01 25.61 -14.54
C PHE A 638 -36.65 25.29 -15.14
N PHE A 639 -36.01 24.24 -14.60
CA PHE A 639 -34.76 23.73 -15.16
C PHE A 639 -34.94 23.29 -16.61
N LYS A 640 -36.06 22.60 -16.89
CA LYS A 640 -36.33 22.11 -18.23
C LYS A 640 -36.48 23.25 -19.22
N ASP A 641 -37.36 24.21 -18.91
CA ASP A 641 -37.59 25.32 -19.81
C ASP A 641 -36.38 26.21 -19.94
N SER A 642 -35.59 26.36 -18.87
CA SER A 642 -34.44 27.24 -18.95
C SER A 642 -33.31 26.62 -19.74
N ILE A 643 -33.14 25.30 -19.63
CA ILE A 643 -32.16 24.62 -20.47
C ILE A 643 -32.60 24.67 -21.92
N SER A 644 -33.92 24.65 -22.17
CA SER A 644 -34.40 24.87 -23.53
C SER A 644 -34.09 26.28 -24.01
N ARG A 645 -34.19 27.26 -23.12
CA ARG A 645 -33.92 28.63 -23.52
C ARG A 645 -32.45 28.95 -23.62
N TYR A 646 -31.59 28.12 -23.06
CA TYR A 646 -30.17 28.42 -23.09
C TYR A 646 -29.59 28.13 -24.46
N PRO A 647 -28.79 29.03 -25.03
CA PRO A 647 -28.41 28.89 -26.43
C PRO A 647 -27.39 27.81 -26.67
N LYS A 648 -26.43 27.60 -25.77
CA LYS A 648 -25.41 26.61 -26.00
C LYS A 648 -25.96 25.20 -25.83
N TRP A 649 -26.90 25.03 -24.92
CA TRP A 649 -27.35 23.70 -24.55
C TRP A 649 -28.70 23.35 -25.16
N SER A 650 -29.32 24.28 -25.88
CA SER A 650 -30.46 23.88 -26.69
C SER A 650 -30.02 23.18 -27.95
N ASN A 651 -28.86 23.55 -28.49
CA ASN A 651 -28.42 23.06 -29.78
C ASN A 651 -27.47 21.88 -29.67
N ALA A 652 -26.39 22.03 -28.89
CA ALA A 652 -25.23 21.16 -29.00
C ALA A 652 -25.45 19.76 -28.45
N TYR A 653 -26.55 19.53 -27.77
CA TYR A 653 -26.89 18.21 -27.28
C TYR A 653 -28.26 17.83 -27.80
N ASP A 654 -28.66 16.62 -27.51
CA ASP A 654 -30.01 16.16 -27.83
C ASP A 654 -30.61 15.76 -26.50
N PHE A 655 -31.17 16.72 -25.80
CA PHE A 655 -31.79 16.49 -24.52
C PHE A 655 -33.25 16.10 -24.74
N ASN A 656 -33.63 14.91 -24.30
CA ASN A 656 -35.00 14.44 -24.41
C ASN A 656 -35.36 13.74 -23.11
N PHE A 657 -35.94 14.48 -22.18
CA PHE A 657 -36.13 14.01 -20.82
C PHE A 657 -37.44 13.24 -20.73
N SER A 658 -37.85 12.92 -19.51
CA SER A 658 -39.16 12.35 -19.25
C SER A 658 -40.14 13.49 -18.96
N GLU A 659 -41.31 13.17 -18.41
CA GLU A 659 -42.24 14.20 -17.99
C GLU A 659 -42.02 14.56 -16.53
N THR A 660 -42.75 15.58 -16.09
CA THR A 660 -42.53 16.11 -14.74
C THR A 660 -43.02 15.17 -13.65
N GLU A 661 -44.02 14.34 -13.94
CA GLU A 661 -44.44 13.36 -12.96
C GLU A 661 -43.57 12.12 -12.98
N LYS A 662 -42.61 12.05 -13.90
CA LYS A 662 -41.76 10.88 -14.06
C LYS A 662 -40.41 11.06 -13.40
N TYR A 663 -40.31 11.96 -12.42
CA TYR A 663 -39.09 12.14 -11.65
C TYR A 663 -39.50 12.14 -10.18
N LYS A 664 -39.25 11.03 -9.49
CA LYS A 664 -39.50 11.02 -8.06
C LYS A 664 -38.35 11.65 -7.29
N ASP A 665 -37.28 12.04 -7.97
CA ASP A 665 -36.16 12.67 -7.30
C ASP A 665 -35.40 13.54 -8.28
N ILE A 666 -35.05 14.74 -7.82
CA ILE A 666 -34.17 15.62 -8.59
C ILE A 666 -32.81 14.98 -8.77
N ALA A 667 -32.42 14.07 -7.86
CA ALA A 667 -31.30 13.18 -8.15
C ALA A 667 -31.57 12.32 -9.38
N GLY A 668 -32.83 11.92 -9.57
CA GLY A 668 -33.17 11.22 -10.80
C GLY A 668 -33.04 12.11 -12.01
N PHE A 669 -33.42 13.38 -11.89
CA PHE A 669 -33.30 14.30 -13.02
C PHE A 669 -31.84 14.61 -13.32
N TYR A 670 -31.03 14.72 -12.26
CA TYR A 670 -29.61 14.94 -12.42
C TYR A 670 -28.97 13.75 -13.10
N ARG A 671 -29.41 12.55 -12.74
CA ARG A 671 -28.92 11.37 -13.41
C ARG A 671 -29.34 11.35 -14.87
N GLU A 672 -30.53 11.87 -15.16
CA GLU A 672 -30.99 11.92 -16.55
C GLU A 672 -30.14 12.86 -17.39
N VAL A 673 -29.87 14.06 -16.86
CA VAL A 673 -29.09 15.01 -17.64
C VAL A 673 -27.62 14.62 -17.65
N GLU A 674 -27.14 13.93 -16.62
CA GLU A 674 -25.77 13.45 -16.64
C GLU A 674 -25.62 12.30 -17.62
N GLU A 675 -26.66 11.49 -17.78
CA GLU A 675 -26.65 10.43 -18.76
C GLU A 675 -26.57 11.00 -20.16
N GLN A 676 -27.40 11.98 -20.46
CA GLN A 676 -27.50 12.39 -21.85
C GLN A 676 -26.40 13.36 -22.24
N GLY A 677 -26.00 14.22 -21.33
CA GLY A 677 -25.21 15.38 -21.71
C GLY A 677 -23.77 15.10 -22.06
N TYR A 678 -23.55 14.41 -23.16
CA TYR A 678 -22.20 14.13 -23.65
C TYR A 678 -22.33 13.70 -25.10
N LYS A 679 -21.66 14.38 -26.01
CA LYS A 679 -21.75 14.03 -27.41
C LYS A 679 -20.50 14.52 -28.11
N VAL A 680 -19.83 13.62 -28.82
CA VAL A 680 -18.72 13.97 -29.69
C VAL A 680 -19.08 13.58 -31.11
N SER A 681 -18.96 14.53 -32.02
CA SER A 681 -19.21 14.25 -33.42
C SER A 681 -17.99 14.67 -34.20
N PHE A 682 -18.08 14.77 -35.52
CA PHE A 682 -16.92 15.21 -36.29
C PHE A 682 -17.39 16.10 -37.43
N GLU A 683 -17.09 17.37 -37.31
CA GLU A 683 -17.20 18.29 -38.42
C GLU A 683 -15.83 18.43 -39.06
N SER A 684 -15.80 18.48 -40.39
CA SER A 684 -14.53 18.32 -41.09
C SER A 684 -13.74 19.61 -41.09
N ALA A 685 -12.59 19.57 -41.76
CA ALA A 685 -11.73 20.72 -41.96
C ALA A 685 -10.90 20.45 -43.22
N SER A 686 -9.89 21.29 -43.46
CA SER A 686 -9.06 21.08 -44.63
C SER A 686 -7.94 20.11 -44.30
N LYS A 687 -7.01 19.96 -45.24
CA LYS A 687 -5.71 19.39 -44.92
C LYS A 687 -4.58 20.34 -45.29
N LYS A 688 -4.61 20.91 -46.49
CA LYS A 688 -3.50 21.72 -46.95
C LYS A 688 -3.42 23.03 -46.18
N GLU A 689 -4.56 23.60 -45.78
CA GLU A 689 -4.51 24.82 -45.00
C GLU A 689 -4.09 24.54 -43.57
N VAL A 690 -4.44 23.37 -43.03
CA VAL A 690 -4.00 23.02 -41.68
C VAL A 690 -2.51 22.77 -41.66
N ASP A 691 -1.99 22.08 -42.66
CA ASP A 691 -0.57 21.82 -42.70
C ASP A 691 0.22 23.07 -43.08
N LYS A 692 -0.35 23.95 -43.90
CA LYS A 692 0.29 25.24 -44.09
C LYS A 692 0.29 26.05 -42.80
N LEU A 693 -0.74 25.87 -41.98
CA LEU A 693 -0.83 26.60 -40.73
C LEU A 693 0.22 26.11 -39.76
N VAL A 694 0.40 24.80 -39.67
CA VAL A 694 1.44 24.28 -38.80
C VAL A 694 2.81 24.56 -39.40
N GLU A 695 2.88 24.82 -40.70
CA GLU A 695 4.11 25.34 -41.28
C GLU A 695 4.34 26.79 -40.88
N GLU A 696 3.26 27.54 -40.63
CA GLU A 696 3.43 28.89 -40.13
C GLU A 696 3.85 28.88 -38.67
N GLY A 697 3.60 27.79 -37.96
CA GLY A 697 3.98 27.69 -36.57
C GLY A 697 2.93 28.15 -35.60
N LYS A 698 1.75 28.51 -36.07
CA LYS A 698 0.68 28.88 -35.16
C LYS A 698 -0.01 27.67 -34.58
N LEU A 699 0.30 26.48 -35.07
CA LEU A 699 -0.20 25.25 -34.47
C LEU A 699 0.99 24.37 -34.16
N TYR A 700 0.82 23.51 -33.17
CA TYR A 700 1.71 22.39 -32.94
C TYR A 700 0.91 21.11 -33.04
N MET A 701 1.47 20.13 -33.73
CA MET A 701 0.71 18.94 -34.06
C MET A 701 1.48 17.68 -33.73
N PHE A 702 0.94 16.89 -32.81
CA PHE A 702 1.54 15.64 -32.41
C PHE A 702 0.65 14.48 -32.84
N GLN A 703 1.27 13.37 -33.22
CA GLN A 703 0.54 12.16 -33.58
C GLN A 703 0.49 11.23 -32.39
N ILE A 704 -0.71 10.88 -31.95
CA ILE A 704 -0.87 9.86 -30.94
C ILE A 704 -0.45 8.53 -31.54
N TYR A 705 0.44 7.83 -30.86
CA TYR A 705 1.08 6.67 -31.48
C TYR A 705 1.47 5.67 -30.41
N ASN A 706 1.43 4.40 -30.76
CA ASN A 706 2.09 3.35 -30.02
C ASN A 706 2.46 2.25 -31.00
N LYS A 707 2.75 1.06 -30.52
CA LYS A 707 3.10 -0.03 -31.41
C LYS A 707 1.89 -0.75 -31.95
N ASP A 708 0.75 -0.11 -32.03
CA ASP A 708 -0.33 -0.67 -32.80
C ASP A 708 -0.89 0.26 -33.84
N PHE A 709 -0.54 1.53 -33.85
CA PHE A 709 -0.97 2.36 -34.94
C PHE A 709 -0.07 2.24 -36.15
N SER A 710 1.00 1.46 -36.06
CA SER A 710 1.84 1.22 -37.22
C SER A 710 1.08 0.40 -38.26
N ASP A 711 1.57 0.45 -39.49
CA ASP A 711 0.94 -0.25 -40.60
C ASP A 711 1.54 -1.62 -40.85
N LYS A 712 2.11 -2.22 -39.81
CA LYS A 712 2.59 -3.58 -39.90
C LYS A 712 1.92 -4.51 -38.90
N SER A 713 1.08 -3.98 -38.02
CA SER A 713 0.54 -4.74 -36.89
C SER A 713 -0.47 -5.77 -37.34
N HIS A 714 -0.01 -6.98 -37.60
CA HIS A 714 -0.88 -8.00 -38.16
C HIS A 714 -1.51 -8.87 -37.10
N GLY A 715 -1.83 -8.33 -35.95
CA GLY A 715 -2.43 -9.11 -34.89
C GLY A 715 -3.27 -8.25 -34.01
N THR A 716 -3.44 -8.66 -32.89
CA THR A 716 -4.32 -8.04 -31.93
C THR A 716 -3.63 -6.90 -31.21
N PRO A 717 -4.36 -5.85 -30.88
CA PRO A 717 -3.76 -4.66 -30.31
C PRO A 717 -3.56 -4.79 -28.81
N ASN A 718 -3.11 -3.67 -28.20
CA ASN A 718 -2.99 -3.56 -26.73
C ASN A 718 -4.37 -3.16 -26.20
N LEU A 719 -4.81 -3.74 -25.08
CA LEU A 719 -6.16 -3.48 -24.49
C LEU A 719 -6.47 -1.98 -24.43
N HIS A 720 -5.44 -1.15 -24.27
CA HIS A 720 -5.60 0.28 -24.16
C HIS A 720 -5.84 0.92 -25.52
N THR A 721 -5.17 0.44 -26.55
CA THR A 721 -5.47 0.96 -27.88
C THR A 721 -6.81 0.48 -28.37
N MET A 722 -7.32 -0.64 -27.86
CA MET A 722 -8.68 -1.01 -28.19
C MET A 722 -9.69 -0.03 -27.58
N TYR A 723 -9.46 0.37 -26.32
CA TYR A 723 -10.30 1.39 -25.71
C TYR A 723 -10.23 2.69 -26.47
N PHE A 724 -9.01 3.13 -26.78
CA PHE A 724 -8.86 4.45 -27.35
C PHE A 724 -9.38 4.52 -28.77
N LYS A 725 -9.28 3.42 -29.52
CA LYS A 725 -9.97 3.39 -30.80
C LYS A 725 -11.47 3.30 -30.58
N LEU A 726 -11.89 2.79 -29.45
CA LEU A 726 -13.32 2.76 -29.20
C LEU A 726 -13.87 4.06 -28.66
N LEU A 727 -13.02 5.04 -28.36
CA LEU A 727 -13.53 6.32 -27.89
C LEU A 727 -14.21 7.14 -28.97
N PHE A 728 -14.04 6.80 -30.23
CA PHE A 728 -14.62 7.55 -31.31
C PHE A 728 -15.37 6.64 -32.25
N ASP A 729 -16.21 5.79 -31.69
CA ASP A 729 -17.05 4.89 -32.44
C ASP A 729 -18.49 5.37 -32.35
N GLU A 730 -19.29 4.93 -33.30
CA GLU A 730 -20.72 5.11 -33.14
C GLU A 730 -21.33 4.07 -32.22
N ASN A 731 -20.55 3.08 -31.77
CA ASN A 731 -21.00 2.18 -30.71
C ASN A 731 -20.78 2.77 -29.34
N ASN A 732 -20.15 3.94 -29.28
CA ASN A 732 -19.86 4.62 -27.99
C ASN A 732 -21.19 4.93 -27.27
N HIS A 733 -22.09 3.95 -27.22
CA HIS A 733 -23.42 4.13 -26.56
C HIS A 733 -23.36 3.54 -25.15
N GLY A 734 -22.36 2.68 -24.89
CA GLY A 734 -22.18 1.99 -23.59
C GLY A 734 -21.73 2.90 -22.47
N GLN A 735 -21.95 4.21 -22.62
CA GLN A 735 -21.61 5.26 -21.62
C GLN A 735 -20.10 5.42 -21.39
N ILE A 736 -19.26 5.00 -22.34
CA ILE A 736 -17.79 5.20 -22.20
C ILE A 736 -17.57 6.70 -22.43
N ARG A 737 -16.64 7.35 -21.72
CA ARG A 737 -16.59 8.79 -21.95
C ARG A 737 -15.16 9.27 -21.81
N LEU A 738 -14.65 9.92 -22.84
CA LEU A 738 -13.33 10.50 -22.76
C LEU A 738 -13.40 11.70 -21.84
N SER A 739 -12.75 11.62 -20.70
CA SER A 739 -12.82 12.69 -19.74
C SER A 739 -11.73 13.70 -20.03
N GLY A 740 -11.51 14.59 -19.08
CA GLY A 740 -10.49 15.60 -19.22
C GLY A 740 -9.44 15.38 -18.18
N GLY A 741 -8.76 16.43 -17.77
CA GLY A 741 -7.62 16.24 -16.90
C GLY A 741 -6.44 15.64 -17.59
N ALA A 742 -6.39 15.73 -18.91
CA ALA A 742 -5.28 15.19 -19.67
C ALA A 742 -4.03 15.98 -19.40
N GLU A 743 -2.89 15.32 -19.56
CA GLU A 743 -1.62 15.96 -19.28
C GLU A 743 -0.78 15.81 -20.53
N LEU A 744 0.51 16.07 -20.42
CA LEU A 744 1.49 15.76 -21.47
C LEU A 744 2.84 15.77 -20.79
N PHE A 745 3.79 15.02 -21.32
CA PHE A 745 5.07 14.94 -20.65
C PHE A 745 6.21 14.84 -21.63
N MET A 746 7.42 14.91 -21.10
CA MET A 746 8.60 14.96 -21.93
C MET A 746 9.74 14.29 -21.22
N ARG A 747 10.43 13.38 -21.88
CA ARG A 747 11.52 12.69 -21.22
C ARG A 747 12.84 13.22 -21.73
N ARG A 748 13.91 12.58 -21.29
CA ARG A 748 15.25 12.90 -21.75
C ARG A 748 15.97 11.61 -22.12
N ALA A 749 16.98 11.77 -22.95
CA ALA A 749 17.73 10.61 -23.39
C ALA A 749 18.58 10.07 -22.26
N SER A 750 18.05 9.09 -21.55
CA SER A 750 18.82 8.45 -20.48
C SER A 750 20.04 7.74 -21.06
N LEU A 751 19.82 6.94 -22.07
CA LEU A 751 20.90 6.26 -22.77
C LEU A 751 21.41 7.16 -23.89
N LYS A 752 22.59 6.84 -24.39
CA LYS A 752 22.95 7.36 -25.69
C LYS A 752 22.85 6.25 -26.71
N LYS A 753 22.97 6.63 -27.98
CA LYS A 753 22.69 5.70 -29.07
C LYS A 753 23.81 4.68 -29.25
N GLU A 754 25.05 5.08 -28.99
CA GLU A 754 26.18 4.26 -29.42
C GLU A 754 26.35 3.02 -28.55
N GLU A 755 26.24 3.19 -27.23
CA GLU A 755 26.59 2.15 -26.28
C GLU A 755 25.46 1.17 -26.00
N LEU A 756 24.39 1.20 -26.77
CA LEU A 756 23.44 0.11 -26.74
C LEU A 756 24.11 -1.12 -27.34
N VAL A 757 24.01 -2.25 -26.67
CA VAL A 757 24.46 -3.49 -27.29
C VAL A 757 23.48 -3.84 -28.40
N VAL A 758 23.93 -3.72 -29.65
CA VAL A 758 23.06 -3.79 -30.80
C VAL A 758 23.29 -5.10 -31.52
N HIS A 759 22.20 -5.82 -31.77
CA HIS A 759 22.29 -6.99 -32.62
C HIS A 759 22.40 -6.56 -34.07
N PRO A 760 23.38 -7.05 -34.80
CA PRO A 760 23.57 -6.60 -36.18
C PRO A 760 22.53 -7.23 -37.09
N ALA A 761 22.44 -6.66 -38.29
CA ALA A 761 21.51 -7.13 -39.30
C ALA A 761 22.08 -8.31 -40.06
N ASN A 762 21.18 -9.14 -40.59
CA ASN A 762 21.47 -10.26 -41.48
C ASN A 762 22.38 -11.31 -40.86
N SER A 763 22.46 -11.35 -39.55
CA SER A 763 23.15 -12.42 -38.86
C SER A 763 22.14 -13.33 -38.21
N PRO A 764 22.42 -14.63 -38.14
CA PRO A 764 21.54 -15.52 -37.38
C PRO A 764 21.60 -15.19 -35.92
N ILE A 765 20.52 -14.64 -35.39
CA ILE A 765 20.47 -14.22 -34.02
C ILE A 765 19.91 -15.37 -33.19
N ALA A 766 20.20 -15.36 -31.89
CA ALA A 766 19.93 -16.49 -31.03
C ALA A 766 18.45 -16.59 -30.70
N ASN A 767 18.11 -17.52 -29.82
CA ASN A 767 16.82 -17.54 -29.16
C ASN A 767 17.06 -17.78 -27.69
N LYS A 768 15.99 -17.70 -26.91
CA LYS A 768 16.09 -18.13 -25.52
C LYS A 768 14.94 -18.97 -25.05
N ASN A 769 13.76 -18.90 -25.65
CA ASN A 769 12.70 -19.81 -25.30
C ASN A 769 13.03 -21.17 -25.88
N PRO A 770 13.21 -22.21 -25.07
CA PRO A 770 13.71 -23.47 -25.61
C PRO A 770 12.66 -24.30 -26.32
N ASP A 771 11.38 -23.94 -26.26
CA ASP A 771 10.34 -24.76 -26.84
C ASP A 771 9.89 -24.26 -28.20
N ASN A 772 10.59 -23.35 -28.76
CA ASN A 772 10.38 -22.90 -30.11
C ASN A 772 10.99 -23.90 -31.07
N PRO A 773 10.25 -24.36 -32.08
CA PRO A 773 10.89 -25.17 -33.12
C PRO A 773 11.91 -24.38 -33.94
N LYS A 774 11.67 -23.11 -34.20
CA LYS A 774 12.66 -22.27 -34.86
C LYS A 774 13.74 -21.94 -33.83
N LYS A 775 14.73 -22.82 -33.72
CA LYS A 775 15.73 -22.70 -32.66
C LYS A 775 16.70 -21.55 -32.89
N THR A 776 16.66 -20.89 -34.04
CA THR A 776 17.52 -19.76 -34.34
C THR A 776 16.84 -18.97 -35.45
N THR A 777 16.90 -17.65 -35.39
CA THR A 777 16.34 -16.84 -36.46
C THR A 777 17.32 -15.75 -36.87
N THR A 778 16.90 -15.00 -37.89
CA THR A 778 17.69 -13.88 -38.39
C THR A 778 16.73 -12.84 -38.94
N LEU A 779 17.14 -11.58 -38.88
CA LEU A 779 16.35 -10.45 -39.32
C LEU A 779 17.12 -9.70 -40.40
N SER A 780 16.43 -8.80 -41.10
CA SER A 780 17.05 -8.03 -42.16
C SER A 780 17.58 -6.69 -41.69
N TYR A 781 17.17 -6.21 -40.52
CA TYR A 781 17.64 -4.93 -40.02
C TYR A 781 18.19 -5.06 -38.62
N ASP A 782 18.46 -3.93 -37.99
CA ASP A 782 18.93 -3.91 -36.62
C ASP A 782 17.75 -4.01 -35.67
N VAL A 783 18.02 -4.54 -34.48
CA VAL A 783 17.13 -4.43 -33.34
C VAL A 783 17.98 -4.03 -32.15
N TYR A 784 18.01 -2.73 -31.86
CA TYR A 784 18.84 -2.20 -30.79
C TYR A 784 18.28 -2.64 -29.45
N LYS A 785 19.14 -2.68 -28.44
CA LYS A 785 18.67 -2.90 -27.08
C LYS A 785 18.22 -1.58 -26.48
N ASP A 786 16.94 -1.51 -26.11
CA ASP A 786 16.29 -0.35 -25.49
C ASP A 786 16.42 0.89 -26.38
N LYS A 787 15.77 0.81 -27.55
CA LYS A 787 15.80 1.92 -28.48
C LYS A 787 14.96 3.08 -27.97
N ARG A 788 13.93 2.79 -27.18
CA ARG A 788 12.95 3.79 -26.78
C ARG A 788 13.55 4.91 -25.95
N PHE A 789 14.65 4.67 -25.26
CA PHE A 789 15.32 5.72 -24.51
C PHE A 789 16.54 6.24 -25.23
N SER A 790 16.58 6.14 -26.55
CA SER A 790 17.73 6.72 -27.24
C SER A 790 17.52 8.19 -27.52
N GLU A 791 16.41 8.53 -28.18
CA GLU A 791 15.98 9.92 -28.32
C GLU A 791 15.21 10.32 -27.08
N ASP A 792 14.43 11.37 -27.20
CA ASP A 792 13.38 11.62 -26.23
C ASP A 792 12.06 11.15 -26.80
N GLN A 793 11.02 11.20 -25.99
CA GLN A 793 9.70 10.92 -26.49
C GLN A 793 8.70 11.72 -25.67
N TYR A 794 7.59 12.05 -26.29
CA TYR A 794 6.55 12.77 -25.58
C TYR A 794 5.56 11.75 -25.09
N GLU A 795 5.60 11.44 -23.80
CA GLU A 795 4.51 10.67 -23.22
C GLU A 795 3.26 11.52 -23.18
N LEU A 796 2.12 10.91 -23.48
CA LEU A 796 0.84 11.56 -23.34
C LEU A 796 -0.04 10.69 -22.47
N HIS A 797 -0.88 11.32 -21.67
CA HIS A 797 -1.88 10.61 -20.89
C HIS A 797 -3.23 11.19 -21.26
N ILE A 798 -4.26 10.36 -21.28
CA ILE A 798 -5.54 10.83 -21.80
C ILE A 798 -6.66 10.11 -21.06
N PRO A 799 -7.02 10.58 -19.87
CA PRO A 799 -7.75 9.73 -18.93
C PRO A 799 -9.22 9.61 -19.24
N ILE A 800 -9.70 8.37 -19.23
CA ILE A 800 -11.06 8.05 -19.60
C ILE A 800 -11.81 7.65 -18.35
N ALA A 801 -13.10 7.44 -18.49
CA ALA A 801 -13.92 7.09 -17.33
C ALA A 801 -14.96 6.10 -17.76
N ILE A 802 -14.66 4.81 -17.56
CA ILE A 802 -15.50 3.75 -18.05
C ILE A 802 -16.76 3.64 -17.20
N ASN A 803 -17.90 3.51 -17.88
CA ASN A 803 -19.22 3.33 -17.28
C ASN A 803 -19.56 4.48 -16.34
N LYS A 804 -19.67 5.68 -16.92
CA LYS A 804 -19.87 6.88 -16.10
C LYS A 804 -21.24 6.92 -15.48
N CYS A 805 -22.24 6.48 -16.20
CA CYS A 805 -23.56 6.33 -15.62
C CYS A 805 -23.82 4.87 -15.34
N PRO A 806 -23.98 4.47 -14.09
CA PRO A 806 -24.26 3.08 -13.80
C PRO A 806 -25.75 2.81 -13.75
N LYS A 807 -26.14 1.62 -14.18
CA LYS A 807 -27.55 1.27 -14.13
C LYS A 807 -27.86 0.14 -13.16
N ASN A 808 -27.28 -1.05 -13.32
CA ASN A 808 -27.62 -2.17 -12.45
C ASN A 808 -26.86 -2.02 -11.15
N ILE A 809 -27.36 -1.16 -10.27
CA ILE A 809 -26.63 -0.78 -9.06
C ILE A 809 -27.19 -1.55 -7.87
N PHE A 810 -26.33 -2.31 -7.20
CA PHE A 810 -26.71 -3.10 -6.04
C PHE A 810 -25.44 -3.49 -5.29
N LYS A 811 -25.64 -4.09 -4.13
CA LYS A 811 -24.51 -4.60 -3.36
C LYS A 811 -24.07 -5.92 -3.98
N ILE A 812 -22.84 -5.94 -4.50
CA ILE A 812 -22.37 -7.08 -5.26
C ILE A 812 -22.16 -8.27 -4.37
N ASN A 813 -21.72 -8.03 -3.14
CA ASN A 813 -21.48 -9.11 -2.21
C ASN A 813 -22.75 -9.82 -1.79
N THR A 814 -23.90 -9.17 -1.86
CA THR A 814 -25.14 -9.88 -1.64
C THR A 814 -25.73 -10.43 -2.91
N GLU A 815 -25.50 -9.75 -4.03
CA GLU A 815 -26.09 -10.20 -5.27
C GLU A 815 -25.45 -11.48 -5.77
N VAL A 816 -24.16 -11.67 -5.51
CA VAL A 816 -23.55 -12.94 -5.86
C VAL A 816 -24.11 -14.06 -5.00
N ARG A 817 -24.50 -13.76 -3.76
CA ARG A 817 -25.00 -14.82 -2.92
C ARG A 817 -26.43 -15.20 -3.28
N VAL A 818 -27.27 -14.19 -3.53
CA VAL A 818 -28.63 -14.48 -3.93
C VAL A 818 -28.66 -15.04 -5.33
N LEU A 819 -27.60 -14.86 -6.10
CA LEU A 819 -27.49 -15.59 -7.35
C LEU A 819 -27.10 -17.04 -7.10
N LEU A 820 -26.14 -17.28 -6.20
CA LEU A 820 -25.62 -18.63 -6.05
C LEU A 820 -26.60 -19.54 -5.35
N LYS A 821 -27.47 -18.99 -4.51
CA LYS A 821 -28.47 -19.83 -3.86
C LYS A 821 -29.48 -20.34 -4.87
N HIS A 822 -30.05 -19.45 -5.67
CA HIS A 822 -31.03 -19.84 -6.67
C HIS A 822 -30.42 -20.66 -7.78
N ASP A 823 -29.11 -20.57 -7.98
CA ASP A 823 -28.43 -21.44 -8.90
C ASP A 823 -28.50 -22.89 -8.40
N ASP A 824 -28.39 -23.82 -9.35
CA ASP A 824 -28.57 -25.24 -9.05
C ASP A 824 -27.39 -26.12 -9.43
N ASN A 825 -26.47 -25.64 -10.25
CA ASN A 825 -25.20 -26.35 -10.48
C ASN A 825 -24.10 -25.33 -10.64
N PRO A 826 -23.66 -24.73 -9.56
CA PRO A 826 -22.72 -23.62 -9.66
C PRO A 826 -21.27 -24.05 -9.71
N TYR A 827 -20.58 -23.79 -10.80
CA TYR A 827 -19.18 -24.16 -10.92
C TYR A 827 -18.33 -23.36 -9.95
N VAL A 828 -17.15 -23.88 -9.65
CA VAL A 828 -16.20 -23.25 -8.72
C VAL A 828 -14.80 -23.51 -9.23
N ILE A 829 -13.99 -22.48 -9.33
CA ILE A 829 -12.57 -22.62 -9.56
C ILE A 829 -11.88 -22.60 -8.21
N GLY A 830 -10.76 -23.29 -8.09
CA GLY A 830 -9.91 -23.10 -6.95
C GLY A 830 -8.56 -22.67 -7.47
N ILE A 831 -7.76 -21.98 -6.68
CA ILE A 831 -6.39 -21.66 -7.07
C ILE A 831 -5.49 -21.88 -5.87
N ASP A 832 -4.45 -22.68 -6.02
CA ASP A 832 -3.54 -22.91 -4.92
C ASP A 832 -2.11 -22.84 -5.39
N ARG A 833 -1.25 -22.29 -4.54
CA ARG A 833 0.18 -22.35 -4.74
C ARG A 833 0.71 -23.72 -4.40
N GLY A 834 2.01 -23.91 -4.62
CA GLY A 834 2.58 -25.20 -4.32
C GLY A 834 4.08 -25.14 -4.46
N GLU A 835 4.71 -26.30 -4.32
CA GLU A 835 6.16 -26.45 -4.41
C GLU A 835 6.62 -27.04 -5.72
N ARG A 836 5.89 -28.03 -6.22
CA ARG A 836 6.20 -28.64 -7.49
C ARG A 836 5.73 -27.78 -8.65
N ASN A 837 4.72 -26.96 -8.44
CA ASN A 837 4.26 -26.06 -9.48
C ASN A 837 4.03 -24.70 -8.86
N LEU A 838 3.88 -23.69 -9.71
CA LEU A 838 3.68 -22.35 -9.19
C LEU A 838 2.26 -22.22 -8.67
N LEU A 839 1.28 -22.28 -9.55
CA LEU A 839 -0.11 -22.34 -9.14
C LEU A 839 -0.70 -23.62 -9.70
N TYR A 840 -1.90 -23.96 -9.26
CA TYR A 840 -2.52 -25.17 -9.79
C TYR A 840 -4.02 -24.99 -9.77
N ILE A 841 -4.63 -25.07 -10.93
CA ILE A 841 -6.05 -24.77 -11.08
C ILE A 841 -6.82 -26.07 -11.04
N VAL A 842 -7.98 -26.05 -10.41
CA VAL A 842 -8.89 -27.19 -10.35
C VAL A 842 -10.29 -26.64 -10.47
N VAL A 843 -11.07 -27.17 -11.40
CA VAL A 843 -12.42 -26.67 -11.61
C VAL A 843 -13.40 -27.74 -11.16
N VAL A 844 -14.28 -27.38 -10.24
CA VAL A 844 -15.17 -28.36 -9.63
C VAL A 844 -16.62 -27.98 -9.93
N ASP A 845 -17.43 -28.98 -10.25
CA ASP A 845 -18.86 -28.80 -10.47
C ASP A 845 -19.57 -28.58 -9.15
N GLY A 846 -20.90 -28.50 -9.19
CA GLY A 846 -21.68 -28.36 -7.98
C GLY A 846 -21.80 -29.61 -7.15
N LYS A 847 -21.26 -30.74 -7.60
CA LYS A 847 -21.25 -31.96 -6.83
C LYS A 847 -19.90 -32.23 -6.19
N GLY A 848 -18.83 -32.17 -6.97
CA GLY A 848 -17.53 -32.55 -6.46
C GLY A 848 -16.66 -33.19 -7.52
N ASN A 849 -17.18 -33.34 -8.73
CA ASN A 849 -16.41 -33.92 -9.81
C ASN A 849 -15.42 -32.91 -10.35
N ILE A 850 -14.16 -33.32 -10.46
CA ILE A 850 -13.11 -32.44 -10.97
C ILE A 850 -13.28 -32.32 -12.48
N VAL A 851 -13.63 -31.13 -12.94
CA VAL A 851 -13.84 -30.96 -14.37
C VAL A 851 -12.51 -30.86 -15.10
N GLU A 852 -11.63 -29.98 -14.65
CA GLU A 852 -10.40 -29.76 -15.39
C GLU A 852 -9.30 -29.36 -14.43
N GLN A 853 -8.22 -30.13 -14.40
CA GLN A 853 -7.12 -29.87 -13.49
C GLN A 853 -5.83 -29.81 -14.28
N TYR A 854 -5.09 -28.73 -14.11
CA TYR A 854 -3.87 -28.59 -14.89
C TYR A 854 -2.96 -27.59 -14.21
N SER A 855 -1.70 -27.63 -14.59
CA SER A 855 -0.73 -26.73 -14.02
C SER A 855 -0.75 -25.40 -14.74
N LEU A 856 -0.10 -24.44 -14.14
CA LEU A 856 0.11 -23.13 -14.76
C LEU A 856 1.59 -22.79 -14.79
N ASN A 857 2.43 -23.79 -14.97
CA ASN A 857 3.83 -23.50 -15.21
C ASN A 857 4.09 -23.22 -16.67
N GLU A 858 3.29 -23.77 -17.56
CA GLU A 858 3.44 -23.56 -18.98
C GLU A 858 2.36 -22.62 -19.47
N ILE A 859 2.75 -21.61 -20.23
CA ILE A 859 1.87 -20.54 -20.66
C ILE A 859 1.63 -20.67 -22.15
N ILE A 860 0.38 -20.91 -22.53
CA ILE A 860 -0.01 -21.03 -23.92
C ILE A 860 -0.29 -19.64 -24.48
N ASN A 861 0.19 -19.36 -25.68
CA ASN A 861 0.00 -18.07 -26.32
C ASN A 861 -0.82 -18.28 -27.59
N ASN A 862 -2.15 -18.31 -27.44
CA ASN A 862 -3.01 -18.76 -28.52
C ASN A 862 -3.23 -17.63 -29.53
N PHE A 863 -2.18 -17.34 -30.28
CA PHE A 863 -2.31 -16.43 -31.41
C PHE A 863 -2.71 -17.26 -32.64
N ASN A 864 -2.47 -16.73 -33.85
CA ASN A 864 -3.19 -16.99 -35.11
C ASN A 864 -3.72 -18.40 -35.31
N GLY A 865 -2.85 -19.39 -35.23
CA GLY A 865 -3.31 -20.76 -35.09
C GLY A 865 -2.37 -21.57 -34.24
N ILE A 866 -1.33 -20.91 -33.76
CA ILE A 866 -0.08 -21.59 -33.43
C ILE A 866 0.14 -21.60 -31.93
N ARG A 867 -0.30 -22.64 -31.25
CA ARG A 867 -0.24 -22.69 -29.79
C ARG A 867 1.18 -23.01 -29.36
N ILE A 868 2.02 -21.98 -29.36
CA ILE A 868 3.37 -22.07 -28.81
C ILE A 868 3.30 -21.84 -27.32
N LYS A 869 3.72 -22.83 -26.55
CA LYS A 869 3.74 -22.70 -25.11
C LYS A 869 5.07 -22.09 -24.68
N THR A 870 5.12 -21.67 -23.42
CA THR A 870 6.35 -21.23 -22.80
C THR A 870 6.27 -21.53 -21.31
N ASP A 871 7.37 -21.99 -20.77
CA ASP A 871 7.43 -22.37 -19.38
C ASP A 871 7.86 -21.15 -18.58
N TYR A 872 7.38 -21.09 -17.34
CA TYR A 872 7.91 -20.14 -16.38
C TYR A 872 8.65 -20.80 -15.24
N HIS A 873 8.37 -22.06 -14.96
CA HIS A 873 9.05 -22.77 -13.88
C HIS A 873 10.52 -22.95 -14.19
N SER A 874 10.83 -23.34 -15.44
CA SER A 874 12.23 -23.45 -15.84
C SER A 874 12.93 -22.11 -15.80
N LEU A 875 12.20 -21.03 -16.13
CA LEU A 875 12.77 -19.70 -16.06
C LEU A 875 13.10 -19.34 -14.62
N LEU A 876 12.22 -19.74 -13.71
CA LEU A 876 12.44 -19.43 -12.30
C LEU A 876 13.65 -20.16 -11.77
N ASP A 877 13.77 -21.44 -12.08
CA ASP A 877 14.90 -22.19 -11.52
C ASP A 877 16.21 -21.81 -12.19
N LYS A 878 16.18 -21.48 -13.48
CA LYS A 878 17.38 -21.05 -14.16
C LYS A 878 17.82 -19.68 -13.70
N LYS A 879 16.90 -18.85 -13.21
CA LYS A 879 17.35 -17.59 -12.63
C LYS A 879 17.76 -17.76 -11.16
N GLU A 880 17.18 -18.70 -10.46
CA GLU A 880 17.59 -18.91 -9.08
C GLU A 880 18.96 -19.57 -9.00
N LYS A 881 19.37 -20.30 -10.03
CA LYS A 881 20.75 -20.77 -10.05
C LYS A 881 21.74 -19.64 -10.23
N GLU A 882 21.38 -18.60 -11.00
CA GLU A 882 22.20 -17.40 -11.06
C GLU A 882 22.22 -16.66 -9.72
N ARG A 883 21.10 -16.69 -9.01
CA ARG A 883 21.05 -16.17 -7.64
C ARG A 883 22.01 -16.92 -6.74
N PHE A 884 22.08 -18.24 -6.91
CA PHE A 884 22.99 -19.07 -6.11
C PHE A 884 24.44 -18.76 -6.44
N GLU A 885 24.78 -18.77 -7.71
CA GLU A 885 26.15 -18.56 -8.16
C GLU A 885 26.60 -17.12 -8.12
N ALA A 886 25.74 -16.18 -7.80
CA ALA A 886 26.13 -14.77 -7.77
C ALA A 886 26.02 -14.18 -6.37
N ARG A 887 26.14 -15.02 -5.34
CA ARG A 887 26.18 -14.65 -3.92
C ARG A 887 24.91 -13.94 -3.44
N GLN A 888 23.81 -14.09 -4.18
CA GLN A 888 22.45 -13.70 -3.79
C GLN A 888 22.32 -12.19 -3.62
N ASN A 889 22.72 -11.44 -4.63
CA ASN A 889 22.73 -9.99 -4.47
C ASN A 889 21.43 -9.39 -5.01
N TRP A 890 21.33 -8.07 -4.84
CA TRP A 890 20.08 -7.34 -4.99
C TRP A 890 19.54 -7.37 -6.42
N THR A 891 20.42 -7.34 -7.41
CA THR A 891 19.97 -7.37 -8.78
C THR A 891 19.29 -8.69 -9.10
N SER A 892 19.85 -9.79 -8.62
CA SER A 892 19.22 -11.08 -8.79
C SER A 892 17.90 -11.17 -8.05
N ILE A 893 17.83 -10.58 -6.86
CA ILE A 893 16.59 -10.59 -6.08
C ILE A 893 15.49 -9.84 -6.82
N GLU A 894 15.78 -8.61 -7.25
CA GLU A 894 14.72 -7.83 -7.85
C GLU A 894 14.38 -8.28 -9.26
N ASN A 895 15.33 -8.89 -9.95
CA ASN A 895 15.02 -9.53 -11.22
C ASN A 895 14.01 -10.66 -11.02
N ILE A 896 14.21 -11.46 -9.96
CA ILE A 896 13.28 -12.54 -9.67
C ILE A 896 11.92 -12.00 -9.26
N LYS A 897 11.89 -10.92 -8.48
CA LYS A 897 10.62 -10.36 -8.07
C LYS A 897 9.85 -9.80 -9.26
N GLU A 898 10.55 -9.21 -10.22
CA GLU A 898 9.85 -8.73 -11.41
C GLU A 898 9.42 -9.87 -12.31
N LEU A 899 10.17 -10.97 -12.35
CA LEU A 899 9.74 -12.10 -13.15
C LEU A 899 8.47 -12.72 -12.58
N LYS A 900 8.38 -12.78 -11.27
CA LYS A 900 7.14 -13.23 -10.66
C LYS A 900 6.02 -12.24 -10.92
N ALA A 901 6.34 -10.95 -10.99
CA ALA A 901 5.29 -9.97 -11.29
C ALA A 901 4.76 -10.13 -12.70
N GLY A 902 5.64 -10.39 -13.66
CA GLY A 902 5.19 -10.69 -15.00
C GLY A 902 4.38 -11.97 -15.06
N TYR A 903 4.73 -12.95 -14.23
CA TYR A 903 3.98 -14.19 -14.25
C TYR A 903 2.57 -14.00 -13.72
N ILE A 904 2.44 -13.28 -12.60
CA ILE A 904 1.09 -13.04 -12.09
C ILE A 904 0.37 -11.99 -12.88
N SER A 905 1.04 -11.34 -13.83
CA SER A 905 0.28 -10.67 -14.87
C SER A 905 -0.33 -11.69 -15.81
N GLN A 906 0.50 -12.59 -16.34
CA GLN A 906 -0.01 -13.44 -17.41
C GLN A 906 -0.90 -14.58 -16.92
N VAL A 907 -1.04 -14.77 -15.62
CA VAL A 907 -2.03 -15.72 -15.10
C VAL A 907 -3.44 -15.21 -15.34
N VAL A 908 -3.61 -13.90 -15.27
CA VAL A 908 -4.93 -13.28 -15.14
C VAL A 908 -5.76 -13.49 -16.40
N HIS A 909 -5.10 -13.64 -17.56
CA HIS A 909 -5.85 -13.96 -18.76
C HIS A 909 -6.43 -15.36 -18.68
N LYS A 910 -5.67 -16.31 -18.12
CA LYS A 910 -6.17 -17.66 -17.99
C LYS A 910 -7.30 -17.72 -16.97
N ILE A 911 -7.18 -16.98 -15.88
CA ILE A 911 -8.24 -16.99 -14.87
C ILE A 911 -9.49 -16.30 -15.38
N CYS A 912 -9.33 -15.18 -16.09
CA CYS A 912 -10.47 -14.47 -16.65
C CYS A 912 -11.20 -15.32 -17.67
N GLU A 913 -10.46 -15.91 -18.60
CA GLU A 913 -11.08 -16.73 -19.63
C GLU A 913 -11.69 -17.97 -19.04
N LEU A 914 -11.11 -18.49 -17.97
CA LEU A 914 -11.69 -19.66 -17.33
C LEU A 914 -12.99 -19.29 -16.65
N VAL A 915 -13.06 -18.11 -16.04
CA VAL A 915 -14.28 -17.65 -15.41
C VAL A 915 -15.39 -17.48 -16.45
N GLU A 916 -15.05 -16.93 -17.61
CA GLU A 916 -16.05 -16.82 -18.66
C GLU A 916 -16.43 -18.18 -19.22
N LYS A 917 -15.47 -19.09 -19.31
CA LYS A 917 -15.75 -20.37 -19.94
C LYS A 917 -16.55 -21.30 -19.05
N TYR A 918 -16.49 -21.12 -17.75
CA TYR A 918 -17.18 -22.05 -16.88
C TYR A 918 -18.21 -21.43 -15.96
N ASP A 919 -18.37 -20.10 -15.97
CA ASP A 919 -19.43 -19.39 -15.23
C ASP A 919 -19.35 -19.66 -13.72
N ALA A 920 -18.26 -19.24 -13.12
CA ALA A 920 -17.88 -19.78 -11.83
C ALA A 920 -17.76 -18.70 -10.77
N VAL A 921 -17.19 -19.07 -9.64
CA VAL A 921 -16.72 -18.15 -8.62
C VAL A 921 -15.36 -18.62 -8.14
N ILE A 922 -14.37 -17.74 -8.20
CA ILE A 922 -13.01 -18.14 -7.88
C ILE A 922 -12.87 -18.30 -6.38
N ALA A 923 -12.28 -19.41 -5.96
CA ALA A 923 -11.81 -19.53 -4.60
C ALA A 923 -10.37 -19.07 -4.54
N LEU A 924 -9.93 -18.69 -3.36
CA LEU A 924 -8.57 -18.21 -3.28
C LEU A 924 -8.08 -18.36 -1.86
N GLU A 925 -6.84 -18.80 -1.72
CA GLU A 925 -6.25 -19.08 -0.42
C GLU A 925 -6.18 -17.83 0.43
N ASP A 926 -6.92 -17.82 1.54
CA ASP A 926 -6.79 -16.72 2.48
C ASP A 926 -5.39 -16.74 3.08
N LEU A 927 -4.93 -15.60 3.54
CA LEU A 927 -3.53 -15.53 3.91
C LEU A 927 -3.31 -15.40 5.41
N ASN A 928 -4.11 -14.59 6.09
CA ASN A 928 -3.86 -14.32 7.50
C ASN A 928 -4.17 -15.50 8.40
N SER A 929 -4.88 -16.50 7.92
CA SER A 929 -5.01 -17.76 8.63
C SER A 929 -3.98 -18.78 8.19
N GLY A 930 -3.01 -18.35 7.40
CA GLY A 930 -2.14 -19.28 6.71
C GLY A 930 -0.80 -19.52 7.37
N PHE A 931 -0.24 -20.68 7.06
CA PHE A 931 1.11 -21.05 7.47
C PHE A 931 1.81 -21.40 6.17
N LYS A 932 2.49 -20.42 5.56
CA LYS A 932 3.23 -20.75 4.30
C LYS A 932 4.23 -21.89 4.61
N ASN A 933 4.96 -22.35 3.60
CA ASN A 933 5.90 -23.48 3.82
C ASN A 933 7.32 -23.05 3.47
N SER A 934 7.49 -21.80 3.02
CA SER A 934 8.81 -21.22 2.65
C SER A 934 9.22 -21.59 1.22
N ARG A 935 9.31 -22.89 0.94
CA ARG A 935 9.74 -23.44 -0.37
C ARG A 935 8.79 -23.00 -1.48
N VAL A 936 7.47 -23.00 -1.27
CA VAL A 936 6.64 -22.56 -2.38
C VAL A 936 7.36 -21.43 -3.10
N LYS A 937 7.20 -21.39 -4.41
CA LYS A 937 7.91 -20.38 -5.18
C LYS A 937 7.28 -19.00 -5.05
N VAL A 938 5.96 -18.91 -5.06
CA VAL A 938 5.27 -17.64 -4.92
C VAL A 938 5.06 -17.38 -3.42
N GLU A 939 5.81 -16.45 -2.87
CA GLU A 939 5.74 -16.19 -1.44
C GLU A 939 4.60 -15.23 -1.14
N LYS A 940 4.57 -14.69 0.08
CA LYS A 940 3.43 -13.93 0.53
C LYS A 940 3.35 -12.57 -0.13
N GLN A 941 4.48 -11.91 -0.33
CA GLN A 941 4.46 -10.59 -0.94
C GLN A 941 3.97 -10.64 -2.38
N VAL A 942 4.50 -11.58 -3.16
CA VAL A 942 4.08 -11.75 -4.53
C VAL A 942 2.66 -12.25 -4.60
N TYR A 943 2.22 -13.00 -3.61
CA TYR A 943 0.83 -13.43 -3.64
C TYR A 943 -0.12 -12.29 -3.34
N GLN A 944 0.27 -11.38 -2.45
CA GLN A 944 -0.57 -10.20 -2.23
C GLN A 944 -0.61 -9.32 -3.46
N LYS A 945 0.50 -9.23 -4.19
CA LYS A 945 0.44 -8.50 -5.45
C LYS A 945 -0.42 -9.21 -6.46
N PHE A 946 -0.50 -10.54 -6.39
CA PHE A 946 -1.41 -11.26 -7.27
C PHE A 946 -2.84 -10.95 -6.90
N GLU A 947 -3.11 -10.81 -5.62
CA GLU A 947 -4.43 -10.40 -5.19
C GLU A 947 -4.78 -9.03 -5.76
N LYS A 948 -3.82 -8.11 -5.75
CA LYS A 948 -4.07 -6.77 -6.26
C LYS A 948 -4.29 -6.80 -7.76
N MET A 949 -3.47 -7.55 -8.49
CA MET A 949 -3.56 -7.53 -9.94
C MET A 949 -4.55 -8.56 -10.41
N LEU A 950 -5.28 -9.17 -9.50
CA LEU A 950 -6.47 -9.88 -9.90
C LEU A 950 -7.74 -9.10 -9.62
N ILE A 951 -7.84 -8.45 -8.48
CA ILE A 951 -9.06 -7.68 -8.26
C ILE A 951 -9.05 -6.41 -9.11
N ASP A 952 -7.87 -5.89 -9.46
CA ASP A 952 -7.80 -4.79 -10.42
C ASP A 952 -8.40 -5.18 -11.75
N LYS A 953 -8.02 -6.34 -12.27
CA LYS A 953 -8.50 -6.71 -13.58
C LYS A 953 -9.93 -7.20 -13.53
N LEU A 954 -10.33 -7.90 -12.48
CA LEU A 954 -11.74 -8.25 -12.41
C LEU A 954 -12.63 -7.13 -11.94
N ASN A 955 -12.09 -5.93 -11.71
CA ASN A 955 -12.98 -4.79 -11.69
C ASN A 955 -13.64 -4.61 -13.05
N TYR A 956 -12.90 -4.78 -14.12
CA TYR A 956 -13.47 -4.58 -15.45
C TYR A 956 -12.95 -5.69 -16.34
N MET A 957 -13.66 -6.82 -16.34
CA MET A 957 -13.22 -7.96 -17.13
C MET A 957 -13.57 -7.73 -18.56
N VAL A 958 -12.61 -7.91 -19.45
CA VAL A 958 -12.86 -7.82 -20.87
C VAL A 958 -11.83 -8.67 -21.59
N ASP A 959 -12.27 -9.45 -22.58
CA ASP A 959 -11.33 -10.13 -23.45
C ASP A 959 -11.34 -9.49 -24.84
N LYS A 960 -10.16 -9.25 -25.37
CA LYS A 960 -10.02 -8.38 -26.52
C LYS A 960 -10.52 -9.01 -27.80
N LYS A 961 -10.46 -10.33 -27.90
CA LYS A 961 -10.81 -10.98 -29.17
C LYS A 961 -12.29 -10.95 -29.45
N SER A 962 -13.12 -10.68 -28.44
CA SER A 962 -14.56 -10.67 -28.62
C SER A 962 -15.00 -9.42 -29.37
N ASN A 963 -16.25 -9.41 -29.76
CA ASN A 963 -16.77 -8.23 -30.43
C ASN A 963 -17.07 -7.13 -29.42
N PRO A 964 -16.82 -5.87 -29.77
CA PRO A 964 -16.97 -4.80 -28.77
C PRO A 964 -18.40 -4.56 -28.34
N CYS A 965 -19.36 -4.69 -29.23
CA CYS A 965 -20.73 -4.37 -28.85
C CYS A 965 -21.32 -5.45 -27.96
N ALA A 966 -20.94 -6.71 -28.20
CA ALA A 966 -21.57 -7.82 -27.50
C ALA A 966 -21.09 -7.87 -26.07
N THR A 967 -21.90 -8.47 -25.21
CA THR A 967 -21.58 -8.49 -23.80
C THR A 967 -20.33 -9.32 -23.55
N GLY A 968 -19.56 -8.90 -22.56
CA GLY A 968 -18.23 -9.42 -22.46
C GLY A 968 -17.21 -8.71 -23.31
N GLY A 969 -17.59 -7.62 -23.96
CA GLY A 969 -16.68 -6.89 -24.82
C GLY A 969 -16.13 -5.64 -24.16
N ALA A 970 -15.37 -4.88 -24.94
CA ALA A 970 -14.73 -3.67 -24.44
C ALA A 970 -15.69 -2.54 -24.12
N LEU A 971 -16.96 -2.64 -24.54
CA LEU A 971 -17.98 -1.70 -24.11
C LEU A 971 -18.81 -2.22 -22.97
N LYS A 972 -19.02 -3.52 -22.88
CA LYS A 972 -19.98 -4.03 -21.92
C LYS A 972 -19.25 -5.00 -21.01
N GLY A 973 -18.16 -4.56 -20.41
CA GLY A 973 -17.33 -5.45 -19.63
C GLY A 973 -18.00 -5.98 -18.38
N TYR A 974 -17.45 -7.06 -17.86
CA TYR A 974 -17.92 -7.61 -16.63
C TYR A 974 -17.30 -6.86 -15.47
N GLN A 975 -18.12 -6.46 -14.51
CA GLN A 975 -17.66 -5.99 -13.22
C GLN A 975 -18.16 -6.99 -12.22
N ILE A 976 -17.24 -7.73 -11.60
CA ILE A 976 -17.64 -8.79 -10.69
C ILE A 976 -16.90 -8.68 -9.37
N THR A 977 -16.31 -7.55 -9.10
CA THR A 977 -15.62 -7.33 -7.82
C THR A 977 -16.01 -5.97 -7.27
N ASN A 978 -15.38 -5.58 -6.18
CA ASN A 978 -15.35 -4.19 -5.78
C ASN A 978 -13.96 -3.67 -6.04
N LYS A 979 -13.72 -2.40 -5.74
CA LYS A 979 -12.34 -1.96 -5.76
C LYS A 979 -11.64 -2.47 -4.53
N PHE A 980 -10.32 -2.54 -4.59
CA PHE A 980 -9.56 -2.92 -3.42
C PHE A 980 -9.56 -1.77 -2.42
N GLU A 981 -9.68 -2.08 -1.11
CA GLU A 981 -9.63 -1.04 -0.10
C GLU A 981 -8.35 -1.04 0.72
N SER A 982 -8.09 -2.10 1.48
CA SER A 982 -6.99 -2.14 2.44
C SER A 982 -6.69 -3.60 2.72
N PHE A 983 -5.44 -3.85 3.14
CA PHE A 983 -4.87 -5.20 3.12
C PHE A 983 -5.54 -6.17 4.10
N LYS A 984 -6.34 -5.68 5.05
CA LYS A 984 -7.23 -6.55 5.79
C LYS A 984 -8.63 -6.60 5.19
N SER A 985 -9.13 -5.49 4.62
CA SER A 985 -10.49 -5.48 4.12
C SER A 985 -10.67 -6.39 2.90
N MET A 986 -9.58 -6.81 2.28
CA MET A 986 -9.61 -7.98 1.44
C MET A 986 -9.71 -9.28 2.25
N SER A 987 -10.90 -9.54 2.80
CA SER A 987 -11.10 -10.81 3.48
C SER A 987 -12.55 -11.26 3.38
N THR A 988 -12.71 -12.57 3.18
CA THR A 988 -13.86 -13.43 3.38
C THR A 988 -14.98 -13.30 2.35
N GLN A 989 -14.94 -12.29 1.49
CA GLN A 989 -15.76 -12.23 0.28
C GLN A 989 -15.28 -11.04 -0.53
N ASN A 990 -15.17 -11.22 -1.84
CA ASN A 990 -15.06 -10.09 -2.73
C ASN A 990 -15.65 -10.51 -4.07
N GLY A 991 -16.94 -10.25 -4.24
CA GLY A 991 -17.60 -10.47 -5.52
C GLY A 991 -17.64 -11.87 -6.07
N PHE A 992 -16.82 -12.14 -7.07
CA PHE A 992 -16.59 -13.49 -7.51
C PHE A 992 -15.29 -14.08 -6.99
N ILE A 993 -14.60 -13.40 -6.09
CA ILE A 993 -13.43 -13.97 -5.44
C ILE A 993 -13.82 -14.26 -4.01
N PHE A 994 -13.67 -15.51 -3.59
CA PHE A 994 -13.88 -15.86 -2.21
C PHE A 994 -12.54 -16.13 -1.55
N TYR A 995 -12.43 -15.75 -0.28
CA TYR A 995 -11.23 -16.03 0.50
C TYR A 995 -11.53 -17.15 1.47
N ILE A 996 -10.66 -18.15 1.51
CA ILE A 996 -10.89 -19.35 2.32
C ILE A 996 -9.63 -19.77 3.06
N PRO A 997 -9.73 -20.04 4.36
CA PRO A 997 -8.57 -20.46 5.14
C PRO A 997 -8.00 -21.77 4.64
N ALA A 998 -6.68 -21.84 4.58
CA ALA A 998 -5.97 -22.95 3.95
C ALA A 998 -5.53 -23.99 4.97
N TRP A 999 -6.36 -24.28 5.95
CA TRP A 999 -6.01 -25.28 6.95
C TRP A 999 -6.49 -26.64 6.49
N LEU A 1000 -5.61 -27.63 6.60
CA LEU A 1000 -5.85 -29.04 6.26
C LEU A 1000 -6.34 -29.17 4.83
N THR A 1001 -5.52 -28.68 3.90
CA THR A 1001 -5.85 -28.72 2.49
C THR A 1001 -4.85 -29.44 1.64
N SER A 1002 -3.64 -29.69 2.12
CA SER A 1002 -2.66 -30.41 1.34
C SER A 1002 -2.45 -31.83 1.79
N LYS A 1003 -2.46 -32.08 3.09
CA LYS A 1003 -2.26 -33.43 3.60
C LYS A 1003 -3.61 -34.01 4.00
N ILE A 1004 -4.36 -34.45 3.01
CA ILE A 1004 -5.67 -35.03 3.25
C ILE A 1004 -5.97 -36.04 2.17
N ASP A 1005 -6.39 -37.22 2.58
CA ASP A 1005 -6.91 -38.21 1.66
C ASP A 1005 -8.15 -37.68 0.98
N PRO A 1006 -8.15 -37.56 -0.35
CA PRO A 1006 -9.32 -37.02 -1.03
C PRO A 1006 -10.46 -38.00 -1.14
N SER A 1007 -10.25 -39.28 -0.84
CA SER A 1007 -11.29 -40.26 -1.09
C SER A 1007 -12.27 -40.32 0.07
N THR A 1008 -11.76 -40.37 1.28
CA THR A 1008 -12.59 -40.47 2.47
C THR A 1008 -12.41 -39.33 3.44
N GLY A 1009 -11.22 -38.76 3.54
CA GLY A 1009 -10.98 -37.65 4.42
C GLY A 1009 -10.19 -37.96 5.67
N PHE A 1010 -9.38 -39.00 5.66
CA PHE A 1010 -8.52 -39.27 6.79
C PHE A 1010 -7.41 -38.25 6.82
N VAL A 1011 -7.19 -37.62 7.96
CA VAL A 1011 -5.99 -36.82 8.19
C VAL A 1011 -5.33 -37.29 9.47
N ASN A 1012 -4.02 -37.29 9.47
CA ASN A 1012 -3.32 -37.56 10.71
C ASN A 1012 -3.43 -36.35 11.62
N LEU A 1013 -3.54 -36.61 12.91
CA LEU A 1013 -3.46 -35.54 13.88
C LEU A 1013 -2.58 -35.96 15.04
N LEU A 1014 -1.71 -36.93 14.82
CA LEU A 1014 -0.99 -37.63 15.88
C LEU A 1014 0.42 -37.07 15.96
N LYS A 1015 0.75 -36.48 17.10
CA LYS A 1015 2.10 -35.98 17.31
C LYS A 1015 3.00 -37.18 17.57
N THR A 1016 3.64 -37.68 16.52
CA THR A 1016 4.48 -38.86 16.66
C THR A 1016 5.93 -38.52 16.43
N LYS A 1017 6.38 -37.42 17.03
CA LYS A 1017 7.80 -37.15 17.16
C LYS A 1017 8.21 -37.68 18.52
N TYR A 1018 9.20 -38.57 18.54
CA TYR A 1018 9.46 -39.41 19.70
C TYR A 1018 9.95 -38.59 20.89
N THR A 1019 9.39 -38.86 22.07
CA THR A 1019 9.78 -38.17 23.29
C THR A 1019 10.36 -39.09 24.35
N SER A 1020 9.68 -40.20 24.68
CA SER A 1020 10.15 -41.12 25.71
C SER A 1020 9.39 -42.42 25.58
N ILE A 1021 9.95 -43.48 26.16
CA ILE A 1021 9.22 -44.73 26.32
C ILE A 1021 8.08 -44.55 27.30
N ALA A 1022 8.22 -43.59 28.22
CA ALA A 1022 7.16 -43.26 29.16
C ALA A 1022 5.91 -42.76 28.45
N ASP A 1023 6.07 -42.05 27.35
CA ASP A 1023 4.92 -41.67 26.55
C ASP A 1023 4.57 -42.72 25.53
N SER A 1024 5.59 -43.40 25.00
CA SER A 1024 5.39 -44.29 23.87
C SER A 1024 4.67 -45.56 24.29
N LYS A 1025 4.82 -45.99 25.54
CA LYS A 1025 4.13 -47.19 25.99
C LYS A 1025 2.63 -46.96 26.08
N LYS A 1026 2.22 -45.83 26.65
CA LYS A 1026 0.81 -45.47 26.66
C LYS A 1026 0.30 -45.20 25.26
N PHE A 1027 1.13 -44.56 24.42
CA PHE A 1027 0.73 -44.27 23.06
C PHE A 1027 0.58 -45.54 22.23
N ILE A 1028 1.39 -46.55 22.51
CA ILE A 1028 1.26 -47.79 21.77
C ILE A 1028 0.19 -48.69 22.38
N SER A 1029 -0.17 -48.47 23.65
CA SER A 1029 -1.30 -49.21 24.19
C SER A 1029 -2.63 -48.59 23.81
N SER A 1030 -2.63 -47.32 23.44
CA SER A 1030 -3.87 -46.63 23.10
C SER A 1030 -4.47 -47.09 21.78
N PHE A 1031 -3.70 -47.76 20.94
CA PHE A 1031 -4.23 -48.27 19.69
C PHE A 1031 -5.18 -49.43 19.97
N ASP A 1032 -6.02 -49.74 18.99
CA ASP A 1032 -7.01 -50.77 19.25
C ASP A 1032 -6.47 -52.16 18.93
N ARG A 1033 -5.98 -52.36 17.72
CA ARG A 1033 -5.55 -53.69 17.30
C ARG A 1033 -4.44 -53.53 16.28
N ILE A 1034 -3.20 -53.70 16.73
CA ILE A 1034 -2.08 -53.82 15.80
C ILE A 1034 -1.97 -55.29 15.45
N MET A 1035 -2.26 -55.64 14.21
CA MET A 1035 -2.18 -57.03 13.81
C MET A 1035 -1.45 -57.12 12.50
N TYR A 1036 -1.54 -58.27 11.86
CA TYR A 1036 -0.96 -58.45 10.54
C TYR A 1036 -1.83 -59.44 9.79
N VAL A 1037 -2.24 -59.07 8.59
CA VAL A 1037 -3.00 -59.95 7.71
C VAL A 1037 -2.01 -60.69 6.81
N PRO A 1038 -2.07 -62.00 6.73
CA PRO A 1038 -1.13 -62.73 5.87
C PRO A 1038 -1.63 -62.90 4.45
N GLU A 1039 -2.94 -62.82 4.23
CA GLU A 1039 -3.49 -62.98 2.89
C GLU A 1039 -3.52 -61.66 2.12
N GLU A 1040 -3.02 -60.58 2.71
CA GLU A 1040 -2.74 -59.36 1.97
C GLU A 1040 -1.38 -58.77 2.30
N ASP A 1041 -0.67 -59.32 3.29
CA ASP A 1041 0.68 -58.91 3.71
C ASP A 1041 0.71 -57.44 4.15
N LEU A 1042 -0.26 -57.06 4.97
CA LEU A 1042 -0.38 -55.69 5.44
C LEU A 1042 -0.37 -55.64 6.96
N PHE A 1043 0.21 -54.57 7.50
CA PHE A 1043 0.25 -54.34 8.94
C PHE A 1043 -0.91 -53.42 9.29
N GLU A 1044 -2.11 -53.99 9.35
CA GLU A 1044 -3.28 -53.18 9.62
C GLU A 1044 -3.29 -52.71 11.05
N PHE A 1045 -3.31 -51.41 11.24
CA PHE A 1045 -3.48 -50.80 12.55
C PHE A 1045 -4.97 -50.53 12.73
N ALA A 1046 -5.35 -50.12 13.94
CA ALA A 1046 -6.72 -49.72 14.19
C ALA A 1046 -6.74 -48.83 15.41
N LEU A 1047 -7.57 -47.80 15.35
CA LEU A 1047 -7.68 -46.89 16.48
C LEU A 1047 -9.01 -46.15 16.41
N ASP A 1048 -9.47 -45.74 17.58
CA ASP A 1048 -10.39 -44.63 17.69
C ASP A 1048 -9.58 -43.36 17.86
N TYR A 1049 -10.21 -42.24 17.59
CA TYR A 1049 -9.52 -40.98 17.76
C TYR A 1049 -9.79 -40.33 19.10
N LYS A 1050 -10.90 -40.67 19.77
CA LYS A 1050 -11.34 -39.94 20.96
C LYS A 1050 -10.41 -40.14 22.14
N ASN A 1051 -9.56 -41.16 22.09
CA ASN A 1051 -8.56 -41.41 23.11
C ASN A 1051 -7.22 -40.81 22.78
N PHE A 1052 -7.21 -39.65 22.13
CA PHE A 1052 -5.98 -38.94 21.85
C PHE A 1052 -6.20 -37.45 22.04
N SER A 1053 -5.15 -36.77 22.49
CA SER A 1053 -5.22 -35.33 22.66
C SER A 1053 -5.20 -34.65 21.30
N ARG A 1054 -5.66 -33.38 21.31
CA ARG A 1054 -5.74 -32.53 20.11
C ARG A 1054 -6.63 -33.14 19.03
N THR A 1055 -7.75 -33.74 19.42
CA THR A 1055 -8.46 -34.58 18.47
C THR A 1055 -9.95 -34.30 18.53
N ASP A 1056 -10.36 -33.05 18.50
CA ASP A 1056 -11.77 -32.76 18.64
C ASP A 1056 -12.37 -32.27 17.33
N ALA A 1057 -11.89 -32.78 16.20
CA ALA A 1057 -12.33 -32.27 14.92
C ALA A 1057 -12.85 -33.33 13.97
N ASP A 1058 -12.36 -34.55 14.03
CA ASP A 1058 -12.76 -35.60 13.10
C ASP A 1058 -14.20 -36.02 13.36
N TYR A 1059 -14.76 -36.74 12.39
CA TYR A 1059 -16.13 -37.20 12.49
C TYR A 1059 -16.26 -38.71 12.47
N ILE A 1060 -15.46 -39.40 11.67
CA ILE A 1060 -15.58 -40.86 11.59
C ILE A 1060 -14.95 -41.52 12.81
N LYS A 1061 -13.67 -41.25 13.05
CA LYS A 1061 -12.86 -41.74 14.17
C LYS A 1061 -12.78 -43.26 14.22
N LYS A 1062 -12.98 -43.94 13.10
CA LYS A 1062 -12.81 -45.39 12.99
C LYS A 1062 -11.91 -45.63 11.79
N TRP A 1063 -10.61 -45.53 11.99
CA TRP A 1063 -9.68 -45.49 10.87
C TRP A 1063 -8.82 -46.75 10.82
N LYS A 1064 -9.11 -47.60 9.84
CA LYS A 1064 -8.39 -48.85 9.67
C LYS A 1064 -7.21 -48.59 8.76
N LEU A 1065 -6.06 -48.30 9.37
CA LEU A 1065 -4.86 -48.01 8.61
C LEU A 1065 -4.32 -49.26 7.94
N TYR A 1066 -3.33 -49.07 7.07
CA TYR A 1066 -2.69 -50.15 6.35
C TYR A 1066 -1.24 -49.75 6.13
N SER A 1067 -0.57 -50.40 5.17
CA SER A 1067 0.84 -50.10 4.98
C SER A 1067 1.35 -50.01 3.56
N TYR A 1068 0.69 -50.59 2.54
CA TYR A 1068 1.48 -50.75 1.32
C TYR A 1068 1.48 -49.48 0.50
N GLY A 1069 2.47 -49.40 -0.39
CA GLY A 1069 2.86 -48.15 -1.00
C GLY A 1069 4.02 -47.58 -0.22
N ASN A 1070 5.20 -47.62 -0.82
CA ASN A 1070 6.40 -47.15 -0.15
C ASN A 1070 6.35 -45.64 0.02
N ARG A 1071 7.02 -45.15 1.06
CA ARG A 1071 7.09 -43.73 1.32
C ARG A 1071 8.54 -43.29 1.31
N ILE A 1072 8.76 -41.99 1.48
CA ILE A 1072 10.07 -41.39 1.33
C ILE A 1072 10.46 -40.77 2.65
N ARG A 1073 11.57 -41.20 3.22
CA ARG A 1073 12.09 -40.54 4.41
C ARG A 1073 13.16 -39.54 4.02
N ILE A 1074 13.56 -38.70 4.98
CA ILE A 1074 14.58 -37.70 4.71
C ILE A 1074 15.95 -38.21 5.12
N PHE A 1075 16.15 -38.40 6.43
CA PHE A 1075 17.43 -38.77 7.05
C PHE A 1075 18.56 -37.82 6.62
N TRP A 1086 18.61 -38.12 0.94
CA TRP A 1086 17.35 -38.64 0.41
C TRP A 1086 17.25 -40.11 0.81
N GLU A 1087 16.20 -40.45 1.56
CA GLU A 1087 16.07 -41.77 2.16
C GLU A 1087 14.83 -42.46 1.59
N GLU A 1088 15.05 -43.35 0.63
CA GLU A 1088 13.95 -44.10 0.05
C GLU A 1088 13.81 -45.41 0.80
N VAL A 1089 12.60 -45.72 1.27
CA VAL A 1089 12.32 -46.96 1.98
C VAL A 1089 11.08 -47.59 1.38
N CYS A 1090 10.80 -48.80 1.81
CA CYS A 1090 9.47 -49.39 1.70
C CYS A 1090 8.84 -49.39 3.09
N LEU A 1091 7.64 -49.95 3.21
CA LEU A 1091 6.97 -49.88 4.50
C LEU A 1091 6.75 -51.23 5.16
N THR A 1092 6.02 -52.14 4.53
CA THR A 1092 5.65 -53.37 5.24
C THR A 1092 6.86 -54.27 5.42
N SER A 1093 7.83 -54.20 4.52
CA SER A 1093 9.09 -54.89 4.72
C SER A 1093 9.89 -54.26 5.84
N ALA A 1094 9.77 -52.95 6.04
CA ALA A 1094 10.48 -52.31 7.14
C ALA A 1094 9.87 -52.70 8.48
N TYR A 1095 8.55 -52.79 8.53
CA TYR A 1095 7.87 -53.29 9.71
C TYR A 1095 8.25 -54.73 10.02
N LYS A 1096 8.30 -55.57 8.98
CA LYS A 1096 8.66 -56.97 9.17
C LYS A 1096 10.11 -57.13 9.60
N GLU A 1097 11.02 -56.33 9.05
CA GLU A 1097 12.41 -56.48 9.44
C GLU A 1097 12.65 -55.94 10.84
N LEU A 1098 11.89 -54.94 11.28
CA LEU A 1098 12.02 -54.51 12.67
C LEU A 1098 11.47 -55.56 13.62
N PHE A 1099 10.34 -56.16 13.24
CA PHE A 1099 9.76 -57.16 14.12
C PHE A 1099 10.50 -58.49 14.08
N ASN A 1100 11.28 -58.74 13.03
CA ASN A 1100 12.20 -59.87 13.03
C ASN A 1100 13.57 -59.52 13.60
N LYS A 1101 13.89 -58.24 13.69
CA LYS A 1101 15.01 -57.84 14.55
C LYS A 1101 14.68 -58.11 15.99
N TYR A 1102 13.41 -57.94 16.37
CA TYR A 1102 13.03 -58.18 17.76
C TYR A 1102 12.20 -59.44 17.94
N GLY A 1103 12.21 -60.35 16.96
CA GLY A 1103 11.86 -61.75 17.14
C GLY A 1103 10.45 -62.06 17.60
N ILE A 1104 9.47 -61.78 16.75
CA ILE A 1104 8.06 -61.85 17.14
C ILE A 1104 7.35 -62.86 16.26
N ASN A 1105 6.41 -63.59 16.85
CA ASN A 1105 5.38 -64.31 16.10
C ASN A 1105 4.21 -63.33 16.01
N TYR A 1106 4.27 -62.45 15.02
CA TYR A 1106 3.34 -61.33 14.92
C TYR A 1106 2.13 -61.63 14.05
N GLN A 1107 1.70 -62.88 13.98
CA GLN A 1107 0.59 -63.26 13.13
C GLN A 1107 -0.65 -63.64 13.93
N GLN A 1108 -0.70 -63.26 15.20
CA GLN A 1108 -1.83 -63.53 16.10
C GLN A 1108 -2.22 -62.24 16.83
N GLY A 1109 -2.58 -61.27 15.98
CA GLY A 1109 -3.07 -59.91 16.25
C GLY A 1109 -2.94 -59.43 17.69
N ASP A 1110 -3.41 -58.19 17.92
CA ASP A 1110 -3.36 -57.53 19.26
C ASP A 1110 -1.94 -57.71 19.80
N ILE A 1111 -0.93 -57.40 18.99
CA ILE A 1111 0.43 -57.61 19.46
C ILE A 1111 0.92 -56.47 20.35
N ARG A 1112 0.01 -55.61 20.82
CA ARG A 1112 0.40 -54.56 21.76
C ARG A 1112 0.90 -55.13 23.07
N ALA A 1113 0.38 -56.30 23.46
CA ALA A 1113 0.80 -56.95 24.69
C ALA A 1113 2.28 -57.35 24.63
N LEU A 1114 2.74 -57.80 23.47
CA LEU A 1114 4.16 -58.03 23.32
C LEU A 1114 4.92 -56.71 23.23
N LEU A 1115 4.32 -55.69 22.60
CA LEU A 1115 5.05 -54.46 22.37
C LEU A 1115 5.23 -53.62 23.63
N CYS A 1116 4.42 -53.86 24.66
CA CYS A 1116 4.58 -53.18 25.94
C CYS A 1116 5.40 -53.99 26.93
N GLU A 1117 6.46 -54.65 26.45
CA GLU A 1117 7.39 -55.35 27.30
C GLU A 1117 8.83 -54.84 27.20
N GLN A 1118 9.22 -54.25 26.07
CA GLN A 1118 10.62 -53.94 25.82
C GLN A 1118 11.04 -52.68 26.56
N SER A 1119 12.36 -52.51 26.70
CA SER A 1119 12.89 -51.45 27.55
C SER A 1119 14.12 -50.76 26.99
N ASP A 1120 14.55 -51.08 25.78
CA ASP A 1120 15.62 -50.33 25.14
C ASP A 1120 15.03 -49.15 24.37
N LYS A 1121 15.80 -48.06 24.30
CA LYS A 1121 15.29 -46.84 23.70
C LYS A 1121 15.19 -46.95 22.19
N ALA A 1122 16.17 -47.61 21.56
CA ALA A 1122 16.33 -47.53 20.12
C ALA A 1122 15.25 -48.27 19.37
N PHE A 1123 14.63 -49.27 19.99
CA PHE A 1123 13.48 -49.94 19.38
C PHE A 1123 12.32 -48.99 19.21
N TYR A 1124 11.97 -48.28 20.28
CA TYR A 1124 10.85 -47.34 20.19
C TYR A 1124 11.22 -46.12 19.36
N SER A 1125 12.49 -45.72 19.37
CA SER A 1125 12.91 -44.60 18.54
C SER A 1125 12.88 -44.97 17.06
N SER A 1126 13.12 -46.22 16.72
CA SER A 1126 12.96 -46.68 15.36
C SER A 1126 11.57 -47.24 15.10
N PHE A 1127 10.68 -47.19 16.08
CA PHE A 1127 9.28 -47.45 15.80
C PHE A 1127 8.47 -46.19 15.59
N MET A 1128 8.81 -45.12 16.29
CA MET A 1128 8.11 -43.85 16.15
C MET A 1128 8.38 -43.29 14.79
N ALA A 1129 9.63 -43.44 14.36
CA ALA A 1129 10.03 -43.02 13.03
C ALA A 1129 9.46 -43.90 11.93
N LEU A 1130 8.78 -44.99 12.26
CA LEU A 1130 8.04 -45.77 11.27
C LEU A 1130 6.54 -45.58 11.36
N MET A 1131 6.02 -45.27 12.53
CA MET A 1131 4.65 -44.80 12.66
C MET A 1131 4.46 -43.53 11.87
N SER A 1132 5.43 -42.62 12.02
CA SER A 1132 5.38 -41.36 11.29
C SER A 1132 5.49 -41.58 9.78
N LEU A 1133 6.20 -42.61 9.36
CA LEU A 1133 6.24 -42.87 7.93
C LEU A 1133 5.04 -43.63 7.44
N MET A 1134 4.28 -44.26 8.33
CA MET A 1134 3.00 -44.79 7.91
C MET A 1134 2.04 -43.64 7.76
N LEU A 1135 2.22 -42.61 8.57
CA LEU A 1135 1.30 -41.49 8.53
C LEU A 1135 1.66 -40.42 7.51
N GLN A 1136 2.89 -40.37 7.03
CA GLN A 1136 3.31 -39.29 6.15
C GLN A 1136 2.72 -39.50 4.76
N MET A 1137 1.79 -38.63 4.37
CA MET A 1137 1.08 -38.79 3.12
C MET A 1137 1.78 -38.11 1.97
N ARG A 1138 2.43 -37.00 2.25
CA ARG A 1138 3.12 -36.25 1.21
C ARG A 1138 4.55 -36.76 1.06
N ASN A 1139 4.98 -36.94 -0.18
CA ASN A 1139 6.30 -37.48 -0.47
C ASN A 1139 6.96 -36.61 -1.52
N SER A 1140 8.04 -35.95 -1.14
CA SER A 1140 8.79 -35.12 -2.08
C SER A 1140 10.20 -35.66 -2.18
N ILE A 1141 10.62 -36.03 -3.38
CA ILE A 1141 12.01 -36.42 -3.55
C ILE A 1141 12.94 -35.23 -3.64
N THR A 1142 12.38 -34.02 -3.78
CA THR A 1142 13.01 -32.68 -3.64
C THR A 1142 14.29 -32.49 -4.47
N GLY A 1143 14.57 -33.35 -5.44
CA GLY A 1143 15.69 -33.13 -6.32
C GLY A 1143 15.27 -33.29 -7.75
N ARG A 1144 14.09 -33.87 -7.96
CA ARG A 1144 13.50 -34.10 -9.26
C ARG A 1144 12.01 -33.92 -9.13
N THR A 1145 11.33 -33.70 -10.26
CA THR A 1145 9.89 -33.52 -10.26
C THR A 1145 9.14 -34.80 -10.50
N ASP A 1146 9.82 -35.93 -10.52
CA ASP A 1146 9.20 -37.16 -11.00
C ASP A 1146 8.24 -37.75 -9.97
N VAL A 1147 8.74 -38.05 -8.78
CA VAL A 1147 7.93 -38.69 -7.75
C VAL A 1147 7.63 -37.62 -6.70
N ASP A 1148 6.50 -36.96 -6.87
CA ASP A 1148 5.83 -36.18 -5.83
C ASP A 1148 4.47 -36.81 -5.71
N PHE A 1149 4.40 -37.86 -4.92
CA PHE A 1149 3.22 -38.70 -4.93
C PHE A 1149 2.50 -38.59 -3.61
N LEU A 1150 1.19 -38.42 -3.69
CA LEU A 1150 0.33 -38.38 -2.51
C LEU A 1150 -0.34 -39.74 -2.37
N ILE A 1151 -0.07 -40.41 -1.26
CA ILE A 1151 -0.63 -41.71 -0.98
C ILE A 1151 -1.29 -41.67 0.40
N SER A 1152 -2.36 -42.43 0.55
CA SER A 1152 -3.20 -42.33 1.74
C SER A 1152 -3.36 -43.72 2.34
N PRO A 1153 -2.88 -43.95 3.54
CA PRO A 1153 -2.90 -45.30 4.09
C PRO A 1153 -4.23 -45.77 4.66
N VAL A 1154 -5.34 -45.18 4.22
CA VAL A 1154 -6.67 -45.69 4.54
C VAL A 1154 -7.39 -45.91 3.23
N LYS A 1155 -8.10 -47.02 3.10
CA LYS A 1155 -8.84 -47.34 1.89
C LYS A 1155 -10.34 -47.13 2.07
N ASN A 1156 -11.01 -46.88 0.96
CA ASN A 1156 -12.43 -46.57 0.97
C ASN A 1156 -13.23 -47.86 0.90
N SER A 1157 -14.53 -47.73 0.61
CA SER A 1157 -15.45 -48.87 0.61
C SER A 1157 -15.10 -49.91 -0.44
N ASP A 1158 -14.43 -49.50 -1.52
CA ASP A 1158 -14.05 -50.44 -2.56
C ASP A 1158 -12.74 -51.16 -2.26
N GLY A 1159 -12.19 -51.00 -1.06
CA GLY A 1159 -11.02 -51.74 -0.65
C GLY A 1159 -9.71 -51.31 -1.29
N ILE A 1160 -9.70 -50.20 -2.03
CA ILE A 1160 -8.50 -49.69 -2.68
C ILE A 1160 -8.20 -48.31 -2.13
N PHE A 1161 -6.97 -48.11 -1.66
CA PHE A 1161 -6.63 -46.78 -1.19
C PHE A 1161 -5.97 -45.99 -2.31
N TYR A 1162 -6.13 -44.67 -2.23
CA TYR A 1162 -5.80 -43.80 -3.34
C TYR A 1162 -4.29 -43.64 -3.47
N ASP A 1163 -3.80 -43.74 -4.69
CA ASP A 1163 -2.42 -43.41 -5.02
C ASP A 1163 -2.42 -42.34 -6.11
N SER A 1164 -1.45 -41.44 -6.03
CA SER A 1164 -1.40 -40.34 -6.99
C SER A 1164 -0.97 -40.82 -8.37
N ARG A 1165 0.11 -41.61 -8.42
CA ARG A 1165 0.58 -42.13 -9.71
C ARG A 1165 -0.41 -43.10 -10.33
N ASN A 1166 -1.28 -43.70 -9.53
CA ASN A 1166 -2.42 -44.44 -10.06
C ASN A 1166 -3.39 -43.54 -10.78
N TYR A 1167 -3.48 -42.27 -10.38
CA TYR A 1167 -4.38 -41.31 -11.01
C TYR A 1167 -3.69 -40.27 -11.86
N GLU A 1168 -2.38 -40.36 -12.05
CA GLU A 1168 -1.74 -39.40 -12.92
C GLU A 1168 -1.95 -39.76 -14.39
N ALA A 1169 -1.93 -41.05 -14.71
CA ALA A 1169 -1.89 -41.49 -16.10
C ALA A 1169 -3.28 -41.73 -16.66
N GLN A 1170 -4.15 -40.74 -16.52
CA GLN A 1170 -5.43 -40.75 -17.20
C GLN A 1170 -5.56 -39.42 -17.95
N GLU A 1171 -6.62 -39.28 -18.72
CA GLU A 1171 -6.78 -38.01 -19.41
C GLU A 1171 -7.46 -37.00 -18.50
N ASN A 1172 -8.67 -37.30 -18.08
CA ASN A 1172 -9.35 -36.47 -17.08
C ASN A 1172 -9.70 -37.38 -15.92
N ALA A 1173 -9.00 -37.20 -14.80
CA ALA A 1173 -9.23 -37.99 -13.62
C ALA A 1173 -10.52 -37.55 -12.93
N ILE A 1174 -10.90 -38.31 -11.92
CA ILE A 1174 -11.98 -37.92 -11.03
C ILE A 1174 -11.46 -37.59 -9.65
N LEU A 1175 -10.16 -37.52 -9.50
CA LEU A 1175 -9.49 -37.20 -8.25
C LEU A 1175 -8.24 -36.39 -8.57
N PRO A 1176 -7.60 -35.72 -7.61
CA PRO A 1176 -6.45 -34.90 -7.95
C PRO A 1176 -5.23 -35.69 -8.37
N LYS A 1177 -4.50 -35.13 -9.31
CA LYS A 1177 -3.32 -35.80 -9.86
C LYS A 1177 -2.20 -35.89 -8.86
N ASN A 1178 -1.81 -34.76 -8.28
CA ASN A 1178 -0.72 -34.81 -7.34
C ASN A 1178 -0.97 -33.76 -6.28
N ALA A 1179 0.10 -33.37 -5.58
CA ALA A 1179 -0.06 -32.72 -4.29
C ALA A 1179 -0.62 -31.31 -4.43
N ASP A 1180 -0.10 -30.53 -5.38
CA ASP A 1180 -0.59 -29.17 -5.56
C ASP A 1180 -2.03 -29.16 -6.04
N ALA A 1181 -2.37 -30.09 -6.95
CA ALA A 1181 -3.74 -30.20 -7.42
C ALA A 1181 -4.68 -30.58 -6.30
N ASN A 1182 -4.20 -31.41 -5.38
CA ASN A 1182 -5.01 -31.75 -4.22
C ASN A 1182 -5.21 -30.53 -3.33
N GLY A 1183 -4.17 -29.72 -3.22
CA GLY A 1183 -4.30 -28.49 -2.46
C GLY A 1183 -5.28 -27.53 -3.07
N ALA A 1184 -5.43 -27.56 -4.38
CA ALA A 1184 -6.47 -26.75 -4.98
C ALA A 1184 -7.84 -27.35 -4.73
N TYR A 1185 -7.96 -28.67 -4.91
CA TYR A 1185 -9.26 -29.34 -4.88
C TYR A 1185 -9.91 -29.21 -3.52
N ASN A 1186 -9.12 -29.20 -2.45
CA ASN A 1186 -9.71 -29.04 -1.14
C ASN A 1186 -10.25 -27.63 -0.92
N ILE A 1187 -9.57 -26.61 -1.46
CA ILE A 1187 -10.07 -25.24 -1.33
C ILE A 1187 -11.38 -25.10 -2.07
N ALA A 1188 -11.46 -25.75 -3.23
CA ALA A 1188 -12.71 -25.75 -3.97
C ALA A 1188 -13.80 -26.44 -3.17
N ARG A 1189 -13.45 -27.47 -2.43
CA ARG A 1189 -14.43 -28.14 -1.60
C ARG A 1189 -14.91 -27.25 -0.46
N LYS A 1190 -14.03 -26.41 0.09
CA LYS A 1190 -14.46 -25.53 1.17
C LYS A 1190 -15.43 -24.47 0.67
N VAL A 1191 -15.20 -23.98 -0.55
CA VAL A 1191 -16.17 -23.05 -1.10
C VAL A 1191 -17.47 -23.75 -1.42
N LEU A 1192 -17.40 -25.03 -1.81
CA LEU A 1192 -18.62 -25.80 -2.04
C LEU A 1192 -19.43 -25.96 -0.77
N TRP A 1193 -18.75 -26.12 0.37
CA TRP A 1193 -19.46 -26.13 1.63
C TRP A 1193 -20.09 -24.78 1.91
N ALA A 1194 -19.38 -23.71 1.59
CA ALA A 1194 -19.95 -22.39 1.80
C ALA A 1194 -21.17 -22.16 0.93
N ILE A 1195 -21.17 -22.74 -0.27
CA ILE A 1195 -22.34 -22.68 -1.14
C ILE A 1195 -23.47 -23.53 -0.58
N GLY A 1196 -23.12 -24.66 0.04
CA GLY A 1196 -24.12 -25.50 0.68
C GLY A 1196 -24.81 -24.79 1.82
N GLN A 1197 -24.07 -24.01 2.58
CA GLN A 1197 -24.73 -23.17 3.58
C GLN A 1197 -25.37 -21.94 2.97
N PHE A 1198 -24.94 -21.52 1.78
CA PHE A 1198 -25.66 -20.48 1.07
C PHE A 1198 -27.04 -20.95 0.66
N LYS A 1199 -27.19 -22.25 0.42
CA LYS A 1199 -28.47 -22.82 0.03
C LYS A 1199 -29.40 -23.06 1.21
N LYS A 1200 -28.99 -22.72 2.42
CA LYS A 1200 -29.75 -23.07 3.62
C LYS A 1200 -29.90 -21.88 4.53
N ALA A 1201 -30.36 -20.76 3.98
CA ALA A 1201 -30.77 -19.64 4.80
C ALA A 1201 -31.84 -18.87 4.06
N GLU A 1202 -32.41 -17.89 4.75
CA GLU A 1202 -33.31 -16.97 4.09
C GLU A 1202 -32.49 -15.91 3.36
N ASP A 1203 -33.16 -15.14 2.52
CA ASP A 1203 -32.50 -14.03 1.85
C ASP A 1203 -32.33 -12.82 2.76
N GLU A 1204 -32.78 -12.89 3.99
CA GLU A 1204 -32.63 -11.82 4.94
C GLU A 1204 -31.46 -12.03 5.88
N LYS A 1205 -30.76 -13.15 5.77
CA LYS A 1205 -29.54 -13.40 6.52
C LYS A 1205 -28.35 -13.68 5.61
N LEU A 1206 -28.54 -13.54 4.29
CA LEU A 1206 -27.49 -13.87 3.34
C LEU A 1206 -26.30 -12.96 3.48
N ASP A 1207 -26.52 -11.73 3.90
CA ASP A 1207 -25.41 -10.85 4.23
C ASP A 1207 -24.74 -11.20 5.55
N LYS A 1208 -25.29 -12.13 6.32
CA LYS A 1208 -24.70 -12.49 7.59
C LYS A 1208 -24.24 -13.94 7.66
N VAL A 1209 -24.49 -14.74 6.61
CA VAL A 1209 -24.14 -16.16 6.64
C VAL A 1209 -22.63 -16.30 6.68
N LYS A 1210 -22.13 -16.99 7.69
CA LYS A 1210 -20.71 -17.10 7.92
C LYS A 1210 -20.04 -17.94 6.84
N ILE A 1211 -18.81 -17.56 6.50
CA ILE A 1211 -18.03 -18.28 5.52
C ILE A 1211 -16.81 -18.92 6.14
N ALA A 1212 -16.38 -18.47 7.31
CA ALA A 1212 -15.17 -18.99 7.95
C ALA A 1212 -15.46 -20.39 8.47
N ILE A 1213 -15.31 -21.36 7.57
CA ILE A 1213 -15.59 -22.74 7.90
C ILE A 1213 -14.49 -23.27 8.80
N SER A 1214 -14.88 -23.91 9.89
CA SER A 1214 -13.93 -24.36 10.89
C SER A 1214 -13.32 -25.69 10.50
N ASN A 1215 -12.30 -26.10 11.26
CA ASN A 1215 -11.65 -27.38 10.99
C ASN A 1215 -12.58 -28.54 11.25
N LYS A 1216 -13.37 -28.45 12.32
CA LYS A 1216 -14.33 -29.50 12.65
C LYS A 1216 -15.39 -29.66 11.56
N GLU A 1217 -15.97 -28.52 11.15
CA GLU A 1217 -16.98 -28.54 10.10
C GLU A 1217 -16.41 -29.03 8.80
N TRP A 1218 -15.18 -28.63 8.48
CA TRP A 1218 -14.60 -28.98 7.19
C TRP A 1218 -14.28 -30.46 7.12
N LEU A 1219 -13.72 -31.03 8.20
CA LEU A 1219 -13.44 -32.45 8.18
C LEU A 1219 -14.72 -33.25 8.17
N GLU A 1220 -15.77 -32.74 8.81
CA GLU A 1220 -17.04 -33.43 8.77
C GLU A 1220 -17.63 -33.43 7.36
N TYR A 1221 -17.55 -32.30 6.66
CA TYR A 1221 -18.09 -32.26 5.32
C TYR A 1221 -17.27 -33.11 4.36
N ALA A 1222 -15.95 -33.03 4.45
CA ALA A 1222 -15.13 -33.79 3.53
C ALA A 1222 -15.17 -35.27 3.82
N GLN A 1223 -15.60 -35.68 5.01
CA GLN A 1223 -15.83 -37.10 5.17
C GLN A 1223 -17.21 -37.52 4.69
N THR A 1224 -18.26 -36.79 5.05
CA THR A 1224 -19.59 -37.23 4.70
C THR A 1224 -20.04 -36.78 3.32
N SER A 1225 -19.14 -36.23 2.51
CA SER A 1225 -19.54 -35.98 1.13
C SER A 1225 -19.55 -37.25 0.32
N VAL A 1226 -18.61 -38.15 0.60
CA VAL A 1226 -18.43 -39.30 -0.28
C VAL A 1226 -19.37 -40.43 0.12
N LYS A 1227 -19.45 -40.72 1.42
CA LYS A 1227 -20.20 -41.84 2.00
C LYS A 1227 -19.84 -43.19 1.36
N SER C 2 11.98 9.15 -4.86
CA SER C 2 10.58 9.20 -5.27
C SER C 2 10.10 7.85 -5.75
N LYS C 3 10.79 6.81 -5.33
CA LYS C 3 10.27 5.45 -5.35
C LYS C 3 10.48 4.74 -4.03
N ALA C 4 11.64 4.96 -3.40
CA ALA C 4 11.93 4.30 -2.13
C ALA C 4 11.06 4.87 -1.01
N MET C 5 11.01 6.20 -0.89
CA MET C 5 10.15 6.81 0.11
C MET C 5 8.69 6.58 -0.22
N TYR C 6 8.37 6.43 -1.51
CA TYR C 6 7.02 6.10 -1.94
C TYR C 6 6.59 4.75 -1.39
N GLU C 7 7.45 3.74 -1.50
CA GLU C 7 7.11 2.45 -0.92
C GLU C 7 7.19 2.47 0.60
N ALA C 8 8.12 3.25 1.16
CA ALA C 8 8.33 3.23 2.60
C ALA C 8 7.15 3.83 3.35
N LYS C 9 6.72 5.02 2.94
CA LYS C 9 5.62 5.68 3.60
C LYS C 9 4.29 4.95 3.41
N GLU C 10 4.18 4.12 2.36
CA GLU C 10 2.94 3.39 2.20
C GLU C 10 2.98 2.07 2.95
N ARG C 11 4.14 1.45 3.13
CA ARG C 11 4.13 0.20 3.86
C ARG C 11 4.15 0.42 5.36
N TYR C 12 4.67 1.57 5.81
CA TYR C 12 4.51 1.94 7.22
C TYR C 12 3.04 2.09 7.57
N ALA C 13 2.31 2.91 6.78
CA ALA C 13 0.90 3.13 7.02
C ALA C 13 0.09 1.88 6.80
N LYS C 14 0.53 1.04 5.87
CA LYS C 14 -0.16 -0.21 5.64
C LYS C 14 0.02 -1.13 6.83
N LYS C 15 1.19 -1.11 7.45
CA LYS C 15 1.38 -1.90 8.65
C LYS C 15 0.53 -1.36 9.79
N LYS C 16 0.33 -0.05 9.84
CA LYS C 16 -0.51 0.48 10.89
C LYS C 16 -1.97 0.15 10.68
N MET C 17 -2.42 0.12 9.42
CA MET C 17 -3.79 -0.28 9.14
C MET C 17 -4.00 -1.76 9.36
N GLN C 18 -2.95 -2.56 9.17
CA GLN C 18 -3.05 -3.96 9.56
C GLN C 18 -3.04 -4.10 11.07
N GLU C 19 -2.30 -3.25 11.76
CA GLU C 19 -2.08 -3.46 13.17
C GLU C 19 -3.25 -2.98 13.99
N ASN C 20 -3.93 -1.94 13.56
CA ASN C 20 -4.95 -1.34 14.41
C ASN C 20 -6.29 -2.00 14.27
N THR C 21 -6.36 -3.18 13.66
CA THR C 21 -7.65 -3.83 13.56
C THR C 21 -8.04 -4.58 14.83
N LYS C 22 -7.27 -4.45 15.91
CA LYS C 22 -7.54 -5.14 17.15
C LYS C 22 -7.61 -4.20 18.35
N ILE C 23 -7.09 -2.98 18.23
CA ILE C 23 -6.94 -2.10 19.37
C ILE C 23 -8.26 -1.60 19.90
N ASP C 24 -9.20 -1.25 19.02
CA ASP C 24 -10.52 -0.70 19.31
C ASP C 24 -11.23 -1.45 20.41
N THR C 25 -11.56 -2.71 20.11
CA THR C 25 -12.16 -3.67 21.03
C THR C 25 -13.45 -3.10 21.63
N LEU C 26 -14.10 -2.23 20.86
CA LEU C 26 -15.39 -1.65 21.13
C LEU C 26 -16.44 -2.52 20.44
N THR C 27 -17.61 -1.94 20.18
CA THR C 27 -18.80 -2.71 19.83
C THR C 27 -18.69 -3.44 18.49
N ASP C 28 -17.88 -2.94 17.56
CA ASP C 28 -18.07 -3.40 16.19
C ASP C 28 -16.78 -3.20 15.39
N GLU C 29 -16.88 -3.37 14.07
CA GLU C 29 -15.84 -3.34 13.05
C GLU C 29 -15.73 -1.98 12.40
N GLN C 30 -15.85 -0.94 13.23
CA GLN C 30 -15.67 0.44 12.81
C GLN C 30 -14.36 0.73 12.10
N HIS C 31 -13.36 -0.16 12.20
CA HIS C 31 -12.13 -0.04 11.44
C HIS C 31 -12.38 -0.01 9.94
N ASP C 32 -13.41 -0.71 9.47
CA ASP C 32 -13.72 -0.69 8.05
C ASP C 32 -14.15 0.68 7.59
N ALA C 33 -15.07 1.29 8.32
CA ALA C 33 -15.48 2.64 7.97
C ALA C 33 -14.35 3.63 8.14
N LEU C 34 -13.49 3.44 9.14
CA LEU C 34 -12.41 4.39 9.31
C LEU C 34 -11.35 4.26 8.23
N ALA C 35 -11.01 3.05 7.84
CA ALA C 35 -10.02 2.92 6.80
C ALA C 35 -10.59 3.35 5.46
N GLN C 36 -11.89 3.17 5.26
CA GLN C 36 -12.53 3.65 4.06
C GLN C 36 -12.51 5.17 4.01
N LEU C 37 -12.76 5.79 5.15
CA LEU C 37 -12.65 7.23 5.25
C LEU C 37 -11.21 7.69 5.07
N CYS C 38 -10.27 6.92 5.59
CA CYS C 38 -8.88 7.36 5.53
C CYS C 38 -8.36 7.29 4.11
N ALA C 39 -8.73 6.27 3.36
CA ALA C 39 -8.33 6.23 1.96
C ALA C 39 -9.07 7.27 1.15
N PHE C 40 -10.29 7.61 1.54
CA PHE C 40 -10.98 8.70 0.89
C PHE C 40 -10.25 10.01 1.10
N ARG C 41 -9.76 10.20 2.32
CA ARG C 41 -8.89 11.34 2.62
C ARG C 41 -7.64 11.29 1.77
N HIS C 42 -7.10 10.10 1.58
CA HIS C 42 -5.85 10.03 0.88
C HIS C 42 -6.01 10.15 -0.62
N LYS C 43 -7.24 10.10 -1.12
CA LYS C 43 -7.46 10.51 -2.50
C LYS C 43 -7.69 12.00 -2.59
N PHE C 44 -8.50 12.51 -1.66
CA PHE C 44 -8.89 13.90 -1.66
C PHE C 44 -7.68 14.82 -1.53
N HIS C 45 -6.86 14.56 -0.53
CA HIS C 45 -5.68 15.36 -0.30
C HIS C 45 -4.60 15.05 -1.31
N SER C 46 -4.71 13.94 -2.01
CA SER C 46 -3.76 13.62 -3.05
C SER C 46 -3.95 14.57 -4.19
N ASN C 47 -5.10 14.49 -4.83
CA ASN C 47 -5.35 15.44 -5.90
C ASN C 47 -6.60 16.23 -5.58
N LYS C 48 -6.43 17.21 -4.71
CA LYS C 48 -7.47 18.21 -4.55
C LYS C 48 -7.55 19.09 -5.76
N ASP C 49 -6.43 19.25 -6.47
CA ASP C 49 -6.33 20.29 -7.50
C ASP C 49 -7.17 19.95 -8.72
N SER C 50 -7.29 18.68 -9.03
CA SER C 50 -8.13 18.35 -10.16
C SER C 50 -9.60 18.41 -9.83
N LEU C 51 -9.99 18.65 -8.58
CA LEU C 51 -11.39 18.97 -8.33
C LEU C 51 -11.76 20.33 -8.89
N PHE C 52 -10.77 21.20 -9.10
CA PHE C 52 -11.04 22.50 -9.65
C PHE C 52 -11.38 22.44 -11.12
N LEU C 53 -10.88 21.44 -11.84
CA LEU C 53 -11.18 21.35 -13.25
C LEU C 53 -12.65 21.02 -13.46
N SER C 54 -13.14 21.36 -14.65
CA SER C 54 -14.56 21.25 -14.91
C SER C 54 -15.00 19.79 -14.96
N GLU C 55 -14.24 18.96 -15.65
CA GLU C 55 -14.68 17.63 -15.98
C GLU C 55 -13.58 16.63 -15.70
N SER C 56 -12.86 16.80 -14.59
CA SER C 56 -11.88 15.80 -14.26
C SER C 56 -12.54 14.54 -13.74
N ALA C 57 -11.73 13.49 -13.67
CA ALA C 57 -12.24 12.19 -13.28
C ALA C 57 -12.58 12.16 -11.81
N PHE C 58 -13.66 12.82 -11.41
CA PHE C 58 -14.00 12.90 -10.00
C PHE C 58 -15.48 13.10 -9.76
N SER C 59 -15.83 12.89 -8.50
CA SER C 59 -17.17 12.67 -8.05
C SER C 59 -17.27 12.67 -6.52
N MET C 66 -21.29 15.22 -0.89
CA MET C 66 -20.13 14.68 -0.19
C MET C 66 -20.39 14.45 1.29
N GLN C 67 -20.67 15.53 2.03
CA GLN C 67 -20.63 15.42 3.48
C GLN C 67 -21.80 14.63 4.00
N SER C 68 -22.96 14.81 3.38
CA SER C 68 -24.11 14.04 3.83
C SER C 68 -23.95 12.57 3.52
N ASP C 69 -23.24 12.25 2.44
CA ASP C 69 -22.99 10.85 2.14
C ASP C 69 -22.03 10.24 3.14
N GLU C 70 -21.00 10.99 3.54
CA GLU C 70 -20.09 10.46 4.52
C GLU C 70 -20.77 10.30 5.87
N ASN C 71 -21.64 11.22 6.22
CA ASN C 71 -22.34 11.08 7.49
C ASN C 71 -23.36 9.96 7.44
N SER C 72 -23.90 9.68 6.26
CA SER C 72 -24.81 8.55 6.13
C SER C 72 -24.06 7.24 6.33
N LYS C 73 -22.90 7.10 5.69
CA LYS C 73 -22.16 5.86 5.86
C LYS C 73 -21.50 5.78 7.22
N LEU C 74 -21.35 6.89 7.94
CA LEU C 74 -20.79 6.85 9.28
C LEU C 74 -21.83 6.63 10.36
N ARG C 75 -23.08 7.05 10.16
CA ARG C 75 -24.08 6.82 11.20
C ARG C 75 -24.47 5.35 11.27
N GLU C 76 -24.34 4.65 10.15
CA GLU C 76 -24.79 3.28 10.07
C GLU C 76 -23.94 2.36 10.93
N VAL C 77 -22.66 2.67 11.08
CA VAL C 77 -21.79 1.86 11.92
C VAL C 77 -21.82 2.33 13.37
N GLY C 78 -22.17 3.57 13.62
CA GLY C 78 -22.41 4.03 14.97
C GLY C 78 -21.36 4.93 15.55
N LEU C 79 -20.49 5.49 14.73
CA LEU C 79 -19.51 6.44 15.21
C LEU C 79 -20.19 7.74 15.59
N PRO C 80 -19.49 8.63 16.25
CA PRO C 80 -19.89 10.04 16.20
C PRO C 80 -19.64 10.59 14.81
N THR C 81 -20.44 11.58 14.45
CA THR C 81 -20.34 12.22 13.15
C THR C 81 -19.15 13.17 13.09
N ILE C 82 -19.10 14.01 12.07
CA ILE C 82 -17.85 14.69 11.73
C ILE C 82 -17.84 16.15 12.17
N GLU C 83 -19.01 16.78 12.25
CA GLU C 83 -19.17 18.21 12.55
C GLU C 83 -18.40 19.05 11.53
N TRP C 84 -18.93 19.04 10.31
CA TRP C 84 -18.29 19.69 9.17
C TRP C 84 -18.33 21.20 9.30
N SER C 85 -17.62 21.85 8.39
CA SER C 85 -17.63 23.30 8.29
C SER C 85 -18.76 23.83 7.42
N PHE C 86 -19.20 23.06 6.42
CA PHE C 86 -20.36 23.45 5.63
C PHE C 86 -20.95 22.22 4.98
N TYR C 87 -22.23 22.32 4.65
CA TYR C 87 -22.93 21.24 4.00
C TYR C 87 -23.45 21.62 2.64
N ASP C 88 -23.40 22.90 2.28
CA ASP C 88 -24.11 23.43 1.12
C ASP C 88 -23.28 23.40 -0.15
N ASN C 89 -21.98 23.65 -0.03
CA ASN C 89 -20.98 23.17 -0.98
C ASN C 89 -21.02 23.80 -2.36
N SER C 90 -22.02 24.63 -2.65
CA SER C 90 -22.34 24.98 -4.02
C SER C 90 -21.71 26.28 -4.45
N HIS C 91 -20.72 26.74 -3.72
CA HIS C 91 -20.09 28.00 -4.06
C HIS C 91 -18.59 27.86 -4.30
N ILE C 92 -18.10 26.61 -4.28
CA ILE C 92 -16.67 26.32 -4.58
C ILE C 92 -16.54 26.55 -6.09
N PRO C 93 -15.79 27.55 -6.58
CA PRO C 93 -15.79 27.89 -7.99
C PRO C 93 -14.83 27.03 -8.77
N ASP C 94 -15.26 26.40 -9.85
CA ASP C 94 -14.39 25.49 -10.58
C ASP C 94 -14.14 25.91 -12.02
N ASP C 95 -15.16 25.91 -12.87
CA ASP C 95 -14.98 26.47 -14.20
C ASP C 95 -16.22 27.16 -14.71
N SER C 96 -17.05 27.65 -13.80
CA SER C 96 -17.97 28.73 -14.12
C SER C 96 -17.10 29.96 -14.21
N PHE C 97 -16.48 30.11 -15.36
CA PHE C 97 -15.83 31.35 -15.73
C PHE C 97 -16.65 32.09 -16.74
N ARG C 98 -17.89 31.69 -16.92
CA ARG C 98 -18.83 32.47 -17.68
C ARG C 98 -20.05 32.81 -16.85
N GLU C 99 -20.02 32.58 -15.54
CA GLU C 99 -21.26 32.45 -14.80
C GLU C 99 -21.22 33.09 -13.42
N TRP C 100 -20.60 34.28 -13.32
CA TRP C 100 -20.48 34.95 -11.99
C TRP C 100 -19.98 36.41 -12.14
N PHE C 101 -20.16 37.24 -11.08
CA PHE C 101 -19.58 38.60 -10.83
C PHE C 101 -20.13 39.24 -9.55
N ASN C 102 -19.23 39.64 -8.65
CA ASN C 102 -19.52 40.31 -7.35
C ASN C 102 -18.21 40.52 -6.58
N PHE C 103 -17.13 39.85 -6.99
CA PHE C 103 -15.84 39.86 -6.26
C PHE C 103 -15.33 41.28 -5.95
N ALA C 104 -14.66 41.38 -4.79
CA ALA C 104 -14.16 42.63 -4.27
C ALA C 104 -12.89 43.13 -4.93
N ASN C 105 -12.09 42.23 -5.51
CA ASN C 105 -10.78 42.64 -6.02
C ASN C 105 -10.84 43.29 -7.38
N TYR C 106 -12.04 43.63 -7.87
CA TYR C 106 -12.14 44.58 -8.96
C TYR C 106 -11.56 45.93 -8.56
N SER C 107 -11.64 46.27 -7.27
CA SER C 107 -10.94 47.44 -6.78
C SER C 107 -9.44 47.32 -7.01
N GLU C 108 -8.87 46.12 -6.78
CA GLU C 108 -7.47 45.90 -7.07
C GLU C 108 -7.21 46.00 -8.56
N LEU C 109 -8.05 45.35 -9.35
CA LEU C 109 -7.78 45.24 -10.78
C LEU C 109 -7.94 46.58 -11.47
N SER C 110 -8.78 47.46 -10.91
CA SER C 110 -8.88 48.82 -11.37
C SER C 110 -7.83 49.72 -10.76
N GLU C 111 -7.14 49.30 -9.70
CA GLU C 111 -6.00 50.08 -9.23
C GLU C 111 -4.84 49.99 -10.21
N THR C 112 -4.65 48.82 -10.83
CA THR C 112 -3.81 48.76 -12.01
C THR C 112 -4.71 49.00 -13.21
N ILE C 113 -4.15 48.86 -14.41
CA ILE C 113 -4.95 49.14 -15.60
C ILE C 113 -5.96 48.02 -15.83
N GLY C 117 -5.48 46.80 -16.10
CA GLY C 117 -6.35 45.66 -16.36
C GLY C 117 -7.28 45.93 -17.52
N LEU C 118 -8.54 45.58 -17.33
CA LEU C 118 -9.65 46.05 -18.14
C LEU C 118 -10.90 45.91 -17.27
N GLU C 119 -12.05 46.12 -17.87
CA GLU C 119 -13.28 46.06 -17.11
C GLU C 119 -13.70 44.61 -16.92
N LEU C 120 -14.94 44.43 -16.50
CA LEU C 120 -15.49 43.11 -16.27
C LEU C 120 -15.93 42.48 -17.58
N ASP C 121 -14.99 42.25 -18.49
CA ASP C 121 -15.24 41.42 -19.65
C ASP C 121 -14.00 40.59 -19.89
N LEU C 122 -14.16 39.29 -19.81
CA LEU C 122 -13.04 38.40 -19.66
C LEU C 122 -12.38 38.07 -20.97
N ASP C 123 -12.75 38.75 -22.05
CA ASP C 123 -12.09 38.49 -23.31
C ASP C 123 -10.66 39.00 -23.31
N ASP C 124 -10.32 39.93 -22.43
CA ASP C 124 -8.95 40.40 -22.34
C ASP C 124 -8.10 39.31 -21.70
N ASP C 125 -6.99 39.00 -22.36
CA ASP C 125 -6.16 37.86 -22.00
C ASP C 125 -5.35 38.11 -20.74
N GLU C 126 -5.38 39.32 -20.23
CA GLU C 126 -4.67 39.67 -19.02
C GLU C 126 -5.54 39.54 -17.79
N THR C 127 -6.79 39.95 -17.85
CA THR C 127 -7.63 39.83 -16.68
C THR C 127 -8.14 38.41 -16.45
N TYR C 128 -8.02 37.55 -17.46
CA TYR C 128 -8.47 36.17 -17.35
C TYR C 128 -7.71 35.44 -16.26
N GLU C 129 -6.39 35.40 -16.39
CA GLU C 129 -5.57 34.77 -15.36
C GLU C 129 -5.64 35.53 -14.05
N LEU C 130 -5.91 36.83 -14.10
CA LEU C 130 -6.04 37.60 -12.87
C LEU C 130 -7.33 37.33 -12.14
N VAL C 131 -8.30 36.66 -12.74
CA VAL C 131 -9.38 36.11 -11.94
C VAL C 131 -9.21 34.61 -11.75
N TYR C 132 -8.45 33.96 -12.61
CA TYR C 132 -8.25 32.53 -12.51
C TYR C 132 -7.42 32.19 -11.29
N ASP C 133 -6.42 33.02 -11.01
CA ASP C 133 -5.60 32.85 -9.83
C ASP C 133 -6.44 32.92 -8.57
N GLU C 134 -7.32 33.91 -8.51
CA GLU C 134 -8.07 34.11 -7.29
C GLU C 134 -9.09 33.01 -7.09
N LEU C 135 -9.69 32.54 -8.18
CA LEU C 135 -10.64 31.47 -7.95
C LEU C 135 -9.96 30.14 -7.69
N TYR C 136 -8.75 29.96 -8.21
CA TYR C 136 -8.02 28.74 -7.88
C TYR C 136 -7.63 28.73 -6.42
N THR C 137 -7.14 29.86 -5.92
CA THR C 137 -6.77 29.89 -4.51
C THR C 137 -7.97 29.80 -3.62
N GLU C 138 -9.11 30.33 -4.04
CA GLU C 138 -10.28 30.20 -3.21
C GLU C 138 -10.79 28.77 -3.20
N ALA C 139 -10.62 28.06 -4.31
CA ALA C 139 -11.03 26.67 -4.32
C ALA C 139 -10.16 25.82 -3.41
N MET C 140 -8.84 25.99 -3.51
CA MET C 140 -7.93 25.24 -2.65
C MET C 140 -8.15 25.60 -1.18
N GLY C 141 -8.36 26.87 -0.89
CA GLY C 141 -8.68 27.29 0.45
C GLY C 141 -10.02 26.81 0.94
N GLU C 142 -10.93 26.45 0.05
CA GLU C 142 -12.12 25.84 0.56
C GLU C 142 -11.88 24.38 0.86
N TYR C 143 -11.13 23.71 -0.01
CA TYR C 143 -11.00 22.26 0.13
C TYR C 143 -10.12 21.89 1.31
N GLU C 144 -9.19 22.75 1.69
CA GLU C 144 -8.40 22.34 2.85
C GLU C 144 -9.14 22.61 4.13
N GLU C 145 -10.04 23.57 4.13
CA GLU C 145 -10.95 23.71 5.26
C GLU C 145 -11.85 22.51 5.36
N LEU C 146 -12.20 21.90 4.23
CA LEU C 146 -12.86 20.59 4.28
C LEU C 146 -11.95 19.54 4.88
N ASN C 147 -10.71 19.50 4.42
CA ASN C 147 -9.81 18.40 4.76
C ASN C 147 -9.43 18.41 6.23
N GLN C 148 -9.31 19.61 6.79
CA GLN C 148 -9.00 19.75 8.20
C GLN C 148 -10.11 19.21 9.06
N ASP C 149 -11.34 19.22 8.57
CA ASP C 149 -12.42 18.66 9.36
C ASP C 149 -12.31 17.15 9.46
N ILE C 150 -11.87 16.50 8.40
CA ILE C 150 -11.67 15.06 8.48
C ILE C 150 -10.48 14.73 9.37
N GLU C 151 -9.39 15.50 9.25
CA GLU C 151 -8.27 15.25 10.15
C GLU C 151 -8.62 15.52 11.60
N LYS C 152 -9.51 16.47 11.86
CA LYS C 152 -9.95 16.70 13.22
C LYS C 152 -10.80 15.56 13.73
N TYR C 153 -11.61 14.98 12.84
CA TYR C 153 -12.40 13.83 13.26
C TYR C 153 -11.52 12.65 13.58
N LEU C 154 -10.48 12.46 12.78
CA LEU C 154 -9.61 11.34 13.05
C LEU C 154 -8.75 11.56 14.28
N ARG C 155 -8.37 12.80 14.58
CA ARG C 155 -7.60 13.05 15.79
C ARG C 155 -8.45 12.87 17.03
N ARG C 156 -9.72 13.29 16.96
CA ARG C 156 -10.60 13.09 18.10
C ARG C 156 -10.84 11.61 18.33
N ILE C 157 -11.11 10.86 17.27
CA ILE C 157 -11.32 9.41 17.43
C ILE C 157 -10.00 8.70 17.69
N ASP C 158 -8.88 9.34 17.45
CA ASP C 158 -7.61 8.73 17.76
C ASP C 158 -7.32 8.83 19.24
N GLU C 159 -7.38 10.04 19.77
CA GLU C 159 -7.05 10.27 21.16
C GLU C 159 -8.24 10.07 22.09
N GLU C 160 -9.34 9.55 21.58
CA GLU C 160 -10.31 9.00 22.51
C GLU C 160 -10.12 7.51 22.70
N HIS C 161 -9.81 6.77 21.65
CA HIS C 161 -9.73 5.33 21.75
C HIS C 161 -8.32 4.79 21.56
N GLY C 162 -7.33 5.65 21.40
CA GLY C 162 -5.96 5.18 21.43
C GLY C 162 -5.49 4.47 20.17
N THR C 163 -6.13 4.70 19.05
CA THR C 163 -5.67 4.11 17.81
C THR C 163 -4.71 5.05 17.11
N GLN C 164 -4.46 4.84 15.82
CA GLN C 164 -3.54 5.68 15.06
C GLN C 164 -4.15 5.96 13.69
N TYR C 165 -4.48 7.22 13.42
CA TYR C 165 -4.86 7.66 12.08
C TYR C 165 -4.49 9.13 11.88
N CYS C 166 -3.79 9.43 10.79
CA CYS C 166 -3.49 10.82 10.47
C CYS C 166 -3.30 10.99 9.00
MG MG D . -0.45 -7.00 -30.32
MG MG E . 12.81 -6.87 -21.76
#